data_4NHY
#
_entry.id   4NHY
#
_cell.length_a   108.680
_cell.length_b   130.473
_cell.length_c   175.784
_cell.angle_alpha   90.00
_cell.angle_beta   90.00
_cell.angle_gamma   90.00
#
_symmetry.space_group_name_H-M   'P 21 21 2'
#
loop_
_entity.id
_entity.type
_entity.pdbx_description
1 polymer '2-oxoglutarate and iron-dependent oxygenase domain-containing protein 1'
2 non-polymer 'MANGANESE (II) ION'
3 non-polymer GLYCEROL
4 non-polymer 'PYRIDINE-2,4-DICARBOXYLIC ACID'
5 water water
#
_entity_poly.entity_id   1
_entity_poly.type   'polypeptide(L)'
_entity_poly.pdbx_seq_one_letter_code
;MGSSHHHHHHSSGLVPRGSHMNGKRPAEPGPARVGKKGKKEVMAEFSDAVTEETLKKQVAEAWSRRTPFSHEVIVMDMDP
FLHCVIPNFIQSQDFLEGLQKELMNLDFHEKYNDLYKFQQSDDLKKRREPHISTLRKILFEDFRSWLSDISKIDLESTID
MSCAKYEFTDALLCHDDELEGRRIAFILYLVPPWDRSMGGTLDLYSIDEHFQPKQIVKSLIPSWNKLVFFEVSPVSFHQV
SEVLSEEKSRLSISGWFHGPSLTRPPNYFEPPIPRSPHIPQDHEILYDWINPTYLDMDYQVQIQEEFEESSEILLKEFLK
PEKFTKVCEALEHGHVEWSSRGPPNKRFYEKAEESKLPEILKECMKLFRSEALFLLLSNFTGLKLHFLAPSEEDEMNDKK
EAETTDITEEGTSHSPPEPENNQMAISNNSQQSNEQTDPEPEENETKKESSVPMCQGELRHWKTGHYTLIHDHSKAEFAL
DLILYCGCEGWEPEYGGFTSYIAKGEDEELLTVNPESNSLALVYRDRETLKFVKHINHRSLEQKKTFPNRTGFWDFSFIY
YE
;
_entity_poly.pdbx_strand_id   A,B,C,D
#
loop_
_chem_comp.id
_chem_comp.type
_chem_comp.name
_chem_comp.formula
GOL non-polymer GLYCEROL 'C3 H8 O3'
MN non-polymer 'MANGANESE (II) ION' 'Mn 2'
PD2 non-polymer 'PYRIDINE-2,4-DICARBOXYLIC ACID' 'C7 H5 N O4'
#
# COMPACT_ATOMS: atom_id res chain seq x y z
N ALA A 44 -39.00 -25.01 -11.92
CA ALA A 44 -38.32 -25.26 -10.64
C ALA A 44 -39.14 -24.82 -9.43
N GLU A 45 -38.65 -25.19 -8.25
CA GLU A 45 -39.28 -24.82 -6.99
C GLU A 45 -38.16 -24.62 -5.98
N PHE A 46 -38.51 -24.15 -4.78
CA PHE A 46 -37.55 -24.05 -3.70
C PHE A 46 -37.58 -25.32 -2.84
N SER A 47 -36.62 -25.41 -1.93
CA SER A 47 -36.37 -26.59 -1.11
C SER A 47 -37.62 -27.31 -0.61
N ASP A 48 -37.86 -28.52 -1.11
CA ASP A 48 -38.96 -29.36 -0.64
C ASP A 48 -38.81 -29.65 0.85
N ALA A 49 -37.56 -29.58 1.33
CA ALA A 49 -37.24 -29.87 2.73
C ALA A 49 -37.98 -28.96 3.71
N VAL A 50 -37.90 -27.66 3.48
CA VAL A 50 -38.47 -26.69 4.40
C VAL A 50 -40.00 -26.68 4.35
N THR A 51 -40.56 -27.21 3.27
CA THR A 51 -42.01 -27.33 3.12
C THR A 51 -42.55 -28.59 3.80
N GLU A 52 -41.64 -29.50 4.17
CA GLU A 52 -42.03 -30.65 4.95
C GLU A 52 -42.74 -30.16 6.21
N GLU A 53 -43.87 -30.78 6.52
CA GLU A 53 -44.84 -30.22 7.47
C GLU A 53 -44.37 -30.16 8.91
N THR A 54 -43.58 -31.14 9.36
CA THR A 54 -43.14 -31.18 10.75
C THR A 54 -42.07 -30.12 10.99
N LEU A 55 -41.09 -30.07 10.09
CA LEU A 55 -40.05 -29.05 10.15
C LEU A 55 -40.65 -27.65 10.09
N LYS A 56 -41.59 -27.46 9.16
CA LYS A 56 -42.32 -26.22 9.01
C LYS A 56 -42.99 -25.79 10.33
N LYS A 57 -43.53 -26.76 11.06
CA LYS A 57 -44.20 -26.47 12.33
C LYS A 57 -43.19 -26.18 13.44
N GLN A 58 -42.00 -26.75 13.32
CA GLN A 58 -40.92 -26.46 14.26
C GLN A 58 -40.42 -25.04 14.04
N VAL A 59 -40.33 -24.64 12.78
CA VAL A 59 -39.91 -23.28 12.43
C VAL A 59 -40.95 -22.29 12.94
N ALA A 60 -42.22 -22.56 12.67
CA ALA A 60 -43.31 -21.70 13.10
C ALA A 60 -43.30 -21.52 14.62
N GLU A 61 -43.00 -22.61 15.34
CA GLU A 61 -42.96 -22.58 16.80
C GLU A 61 -41.84 -21.68 17.32
N ALA A 62 -40.70 -21.71 16.63
CA ALA A 62 -39.53 -20.95 17.02
C ALA A 62 -39.74 -19.46 16.75
N TRP A 63 -40.44 -19.15 15.66
CA TRP A 63 -40.78 -17.77 15.35
C TRP A 63 -41.83 -17.27 16.34
N SER A 64 -42.82 -18.09 16.61
CA SER A 64 -43.89 -17.75 17.54
C SER A 64 -43.33 -17.46 18.92
N ARG A 65 -42.41 -18.31 19.36
CA ARG A 65 -41.84 -18.22 20.70
C ARG A 65 -40.56 -17.40 20.72
N ARG A 66 -40.13 -16.93 19.55
CA ARG A 66 -38.87 -16.17 19.40
C ARG A 66 -37.72 -16.92 20.05
N THR A 67 -37.53 -18.16 19.63
CA THR A 67 -36.51 -19.04 20.19
C THR A 67 -35.59 -19.50 19.06
N PRO A 68 -34.29 -19.69 19.36
CA PRO A 68 -33.43 -20.17 18.27
C PRO A 68 -33.73 -21.61 17.87
N PHE A 69 -33.46 -21.93 16.61
CA PHE A 69 -33.69 -23.26 16.08
C PHE A 69 -32.67 -23.60 15.01
N SER A 70 -31.96 -24.69 15.21
CA SER A 70 -30.92 -25.13 14.28
C SER A 70 -31.25 -26.47 13.64
N HIS A 71 -31.10 -26.53 12.33
CA HIS A 71 -31.37 -27.74 11.56
C HIS A 71 -30.43 -27.74 10.35
N GLU A 72 -30.28 -28.90 9.72
CA GLU A 72 -29.36 -29.04 8.60
C GLU A 72 -29.75 -28.14 7.43
N VAL A 73 -31.05 -27.90 7.26
CA VAL A 73 -31.58 -27.25 6.07
C VAL A 73 -32.04 -25.84 6.36
N ILE A 74 -32.11 -25.51 7.64
CA ILE A 74 -32.45 -24.16 8.07
C ILE A 74 -31.88 -23.83 9.45
N VAL A 75 -31.52 -22.58 9.64
CA VAL A 75 -30.97 -22.09 10.90
C VAL A 75 -31.58 -20.73 11.22
N MET A 76 -32.17 -20.62 12.41
CA MET A 76 -32.89 -19.42 12.81
C MET A 76 -32.39 -18.90 14.16
N ASP A 77 -31.98 -17.63 14.17
CA ASP A 77 -31.43 -16.98 15.35
C ASP A 77 -32.24 -15.73 15.67
N MET A 78 -32.30 -15.38 16.95
CA MET A 78 -33.15 -14.29 17.43
C MET A 78 -32.34 -13.05 17.79
N ASP A 79 -31.02 -13.22 17.92
CA ASP A 79 -30.14 -12.15 18.38
C ASP A 79 -29.11 -11.83 17.29
N PRO A 80 -28.83 -10.54 17.06
CA PRO A 80 -29.36 -9.35 17.74
C PRO A 80 -30.80 -9.07 17.33
N PHE A 81 -31.23 -9.68 16.23
CA PHE A 81 -32.62 -9.65 15.83
C PHE A 81 -32.91 -10.87 14.97
N LEU A 82 -34.18 -11.12 14.68
CA LEU A 82 -34.58 -12.38 14.06
C LEU A 82 -34.06 -12.49 12.64
N HIS A 83 -33.25 -13.52 12.38
CA HIS A 83 -32.70 -13.77 11.05
C HIS A 83 -32.49 -15.26 10.78
N CYS A 84 -32.82 -15.68 9.57
CA CYS A 84 -32.81 -17.09 9.19
C CYS A 84 -31.98 -17.33 7.94
N VAL A 85 -31.34 -18.49 7.89
CA VAL A 85 -30.50 -18.85 6.75
C VAL A 85 -30.95 -20.19 6.20
N ILE A 86 -31.32 -20.21 4.92
CA ILE A 86 -31.62 -21.45 4.21
C ILE A 86 -30.56 -21.69 3.14
N PRO A 87 -29.61 -22.60 3.40
CA PRO A 87 -28.70 -22.98 2.32
C PRO A 87 -29.38 -23.93 1.34
N ASN A 88 -28.90 -23.95 0.10
CA ASN A 88 -29.45 -24.82 -0.92
C ASN A 88 -30.94 -24.51 -1.13
N PHE A 89 -31.22 -23.22 -1.31
CA PHE A 89 -32.58 -22.73 -1.39
C PHE A 89 -33.35 -23.27 -2.60
N ILE A 90 -32.68 -23.37 -3.75
CA ILE A 90 -33.28 -23.97 -4.95
C ILE A 90 -32.49 -25.20 -5.36
N GLN A 91 -33.17 -26.34 -5.41
CA GLN A 91 -32.50 -27.62 -5.59
C GLN A 91 -32.03 -27.87 -7.02
N SER A 92 -32.65 -27.20 -7.99
CA SER A 92 -32.26 -27.36 -9.39
C SER A 92 -31.03 -26.53 -9.72
N GLN A 93 -29.88 -27.20 -9.80
CA GLN A 93 -28.63 -26.54 -10.11
C GLN A 93 -28.63 -26.04 -11.56
N ASP A 94 -29.45 -26.68 -12.41
CA ASP A 94 -29.61 -26.27 -13.80
C ASP A 94 -30.26 -24.90 -13.87
N PHE A 95 -31.23 -24.68 -12.99
CA PHE A 95 -32.00 -23.45 -12.97
C PHE A 95 -31.14 -22.26 -12.52
N LEU A 96 -30.30 -22.47 -11.51
CA LEU A 96 -29.48 -21.40 -10.96
C LEU A 96 -28.44 -20.95 -11.98
N GLU A 97 -27.93 -21.89 -12.77
CA GLU A 97 -26.94 -21.58 -13.79
C GLU A 97 -27.59 -20.71 -14.87
N GLY A 98 -28.79 -21.10 -15.29
CA GLY A 98 -29.52 -20.35 -16.29
C GLY A 98 -29.93 -18.98 -15.78
N LEU A 99 -30.18 -18.88 -14.48
CA LEU A 99 -30.56 -17.63 -13.85
C LEU A 99 -29.37 -16.68 -13.78
N GLN A 100 -28.24 -17.18 -13.32
CA GLN A 100 -27.01 -16.41 -13.29
C GLN A 100 -26.67 -15.91 -14.69
N LYS A 101 -26.90 -16.76 -15.68
CA LYS A 101 -26.56 -16.44 -17.06
C LYS A 101 -27.43 -15.28 -17.56
N GLU A 102 -28.71 -15.30 -17.20
CA GLU A 102 -29.62 -14.22 -17.56
C GLU A 102 -29.29 -12.90 -16.86
N LEU A 103 -28.89 -12.97 -15.60
CA LEU A 103 -28.60 -11.78 -14.83
C LEU A 103 -27.33 -11.10 -15.32
N MET A 104 -26.27 -11.89 -15.49
CA MET A 104 -25.00 -11.35 -15.97
C MET A 104 -25.19 -10.69 -17.33
N ASN A 105 -26.17 -11.15 -18.08
CA ASN A 105 -26.41 -10.62 -19.41
C ASN A 105 -27.34 -9.40 -19.39
N LEU A 106 -27.72 -8.97 -18.19
CA LEU A 106 -28.45 -7.71 -18.05
C LEU A 106 -27.45 -6.56 -18.08
N ASP A 107 -27.97 -5.36 -18.32
CA ASP A 107 -27.19 -4.15 -18.19
C ASP A 107 -27.24 -3.69 -16.75
N PHE A 108 -26.10 -3.25 -16.24
CA PHE A 108 -26.01 -2.74 -14.87
C PHE A 108 -25.68 -1.26 -14.88
N HIS A 109 -26.08 -0.58 -13.81
CA HIS A 109 -25.89 0.86 -13.70
C HIS A 109 -25.27 1.20 -12.36
N GLU A 110 -24.26 2.06 -12.37
CA GLU A 110 -23.63 2.51 -11.13
C GLU A 110 -24.71 3.10 -10.22
N LYS A 111 -24.68 2.71 -8.96
CA LYS A 111 -25.51 3.31 -7.94
C LYS A 111 -24.59 3.87 -6.86
N TYR A 112 -24.85 5.08 -6.42
CA TYR A 112 -23.91 5.75 -5.53
C TYR A 112 -24.54 6.88 -4.72
N ASN A 113 -24.23 6.90 -3.43
CA ASN A 113 -24.50 8.05 -2.57
C ASN A 113 -23.67 7.94 -1.30
N ASP A 114 -24.12 8.53 -0.20
CA ASP A 114 -23.38 8.44 1.04
C ASP A 114 -23.42 7.00 1.57
N LEU A 115 -24.59 6.38 1.48
CA LEU A 115 -24.83 5.07 2.06
C LEU A 115 -24.18 3.90 1.31
N TYR A 116 -24.04 4.00 0.00
CA TYR A 116 -23.57 2.86 -0.76
C TYR A 116 -22.82 3.20 -2.05
N LYS A 117 -22.23 2.15 -2.63
CA LYS A 117 -21.64 2.20 -3.95
C LYS A 117 -21.62 0.78 -4.49
N PHE A 118 -22.37 0.54 -5.54
CA PHE A 118 -22.44 -0.77 -6.18
C PHE A 118 -23.14 -0.64 -7.54
N GLN A 119 -23.49 -1.78 -8.13
CA GLN A 119 -24.19 -1.80 -9.42
C GLN A 119 -25.52 -2.54 -9.33
N GLN A 120 -26.55 -1.98 -9.96
CA GLN A 120 -27.86 -2.59 -10.01
C GLN A 120 -28.27 -2.86 -11.45
N SER A 121 -28.99 -3.94 -11.66
CA SER A 121 -29.39 -4.36 -13.01
C SER A 121 -30.60 -3.58 -13.47
N ASP A 122 -30.94 -3.71 -14.76
CA ASP A 122 -32.25 -3.29 -15.24
C ASP A 122 -33.30 -3.88 -14.30
N ASP A 123 -34.43 -3.20 -14.17
CA ASP A 123 -35.47 -3.65 -13.23
C ASP A 123 -35.90 -5.08 -13.54
N LEU A 124 -35.92 -5.92 -12.51
CA LEU A 124 -36.32 -7.32 -12.66
C LEU A 124 -37.81 -7.44 -12.84
N LYS A 125 -38.55 -6.50 -12.27
CA LYS A 125 -40.00 -6.50 -12.37
C LYS A 125 -40.45 -6.37 -13.82
N LYS A 126 -39.56 -5.88 -14.69
CA LYS A 126 -39.88 -5.60 -16.09
C LYS A 126 -39.27 -6.62 -17.05
N ARG A 127 -38.66 -7.65 -16.49
CA ARG A 127 -37.98 -8.65 -17.30
C ARG A 127 -38.92 -9.80 -17.71
N ARG A 128 -38.74 -10.30 -18.92
CA ARG A 128 -39.55 -11.40 -19.45
C ARG A 128 -38.73 -12.63 -19.81
N GLU A 129 -37.49 -12.70 -19.32
CA GLU A 129 -36.69 -13.91 -19.47
C GLU A 129 -37.27 -14.98 -18.55
N PRO A 130 -37.20 -16.24 -18.97
CA PRO A 130 -37.91 -17.33 -18.27
C PRO A 130 -37.41 -17.58 -16.85
N HIS A 131 -36.11 -17.66 -16.66
CA HIS A 131 -35.57 -17.97 -15.33
C HIS A 131 -35.87 -16.88 -14.33
N ILE A 132 -35.81 -15.62 -14.77
CA ILE A 132 -36.11 -14.51 -13.88
C ILE A 132 -37.61 -14.50 -13.57
N SER A 133 -38.42 -14.67 -14.61
CA SER A 133 -39.87 -14.73 -14.45
C SER A 133 -40.27 -15.82 -13.47
N THR A 134 -39.62 -16.98 -13.57
CA THR A 134 -39.90 -18.09 -12.67
C THR A 134 -39.52 -17.72 -11.23
N LEU A 135 -38.39 -17.04 -11.07
CA LEU A 135 -37.94 -16.65 -9.73
C LEU A 135 -38.92 -15.73 -9.01
N ARG A 136 -39.47 -14.74 -9.72
CA ARG A 136 -40.51 -13.87 -9.17
C ARG A 136 -41.67 -14.68 -8.57
N LYS A 137 -42.10 -15.72 -9.31
CA LYS A 137 -43.20 -16.56 -8.89
C LYS A 137 -42.82 -17.36 -7.64
N ILE A 138 -41.68 -18.06 -7.70
CA ILE A 138 -41.16 -18.81 -6.57
C ILE A 138 -41.12 -17.94 -5.32
N LEU A 139 -40.52 -16.77 -5.44
CA LEU A 139 -40.35 -15.90 -4.29
C LEU A 139 -41.68 -15.35 -3.80
N PHE A 140 -42.42 -14.69 -4.69
CA PHE A 140 -43.53 -13.86 -4.25
C PHE A 140 -44.89 -14.54 -4.22
N GLU A 141 -44.94 -15.80 -4.63
CA GLU A 141 -46.13 -16.60 -4.46
C GLU A 141 -45.82 -17.75 -3.52
N ASP A 142 -45.01 -18.69 -4.00
CA ASP A 142 -44.71 -19.91 -3.25
C ASP A 142 -44.07 -19.62 -1.90
N PHE A 143 -42.88 -19.02 -1.93
CA PHE A 143 -42.14 -18.78 -0.71
C PHE A 143 -42.82 -17.78 0.22
N ARG A 144 -43.57 -16.84 -0.36
CA ARG A 144 -44.27 -15.85 0.43
C ARG A 144 -45.30 -16.49 1.34
N SER A 145 -46.08 -17.42 0.79
CA SER A 145 -47.11 -18.09 1.55
C SER A 145 -46.49 -18.91 2.68
N TRP A 146 -45.39 -19.58 2.36
CA TRP A 146 -44.65 -20.35 3.35
C TRP A 146 -44.19 -19.44 4.50
N LEU A 147 -43.67 -18.26 4.15
CA LEU A 147 -43.25 -17.28 5.16
C LEU A 147 -44.44 -16.73 5.96
N SER A 148 -45.52 -16.40 5.25
CA SER A 148 -46.73 -15.90 5.89
C SER A 148 -47.24 -16.90 6.91
N ASP A 149 -47.05 -18.18 6.62
CA ASP A 149 -47.54 -19.25 7.47
C ASP A 149 -46.70 -19.40 8.74
N ILE A 150 -45.38 -19.38 8.60
CA ILE A 150 -44.51 -19.54 9.76
C ILE A 150 -44.37 -18.25 10.58
N SER A 151 -44.57 -17.10 9.94
CA SER A 151 -44.36 -15.81 10.59
C SER A 151 -45.67 -15.22 11.10
N LYS A 152 -46.79 -15.75 10.61
CA LYS A 152 -48.12 -15.24 10.95
C LYS A 152 -48.23 -13.74 10.64
N ILE A 153 -47.75 -13.37 9.46
CA ILE A 153 -47.87 -12.01 8.94
C ILE A 153 -48.58 -12.08 7.60
N ASP A 154 -49.63 -11.28 7.43
CA ASP A 154 -50.31 -11.22 6.14
C ASP A 154 -49.43 -10.47 5.14
N LEU A 155 -48.47 -11.20 4.58
CA LEU A 155 -47.57 -10.64 3.58
C LEU A 155 -48.27 -10.50 2.25
N GLU A 156 -47.95 -9.42 1.56
CA GLU A 156 -48.57 -9.10 0.28
C GLU A 156 -47.81 -9.76 -0.85
N SER A 157 -48.45 -9.88 -1.99
CA SER A 157 -47.83 -10.44 -3.18
CA SER A 157 -47.82 -10.45 -3.18
C SER A 157 -46.99 -9.41 -3.92
N THR A 158 -47.01 -8.17 -3.43
CA THR A 158 -46.26 -7.07 -4.05
C THR A 158 -44.81 -7.44 -4.31
N ILE A 159 -44.42 -7.35 -5.57
CA ILE A 159 -43.07 -7.70 -5.99
C ILE A 159 -42.12 -6.57 -5.71
N ASP A 160 -41.05 -6.90 -5.01
CA ASP A 160 -40.03 -5.93 -4.63
C ASP A 160 -38.71 -6.68 -4.55
N MET A 161 -38.00 -6.73 -5.68
CA MET A 161 -36.75 -7.46 -5.80
C MET A 161 -35.84 -6.82 -6.85
N SER A 162 -34.54 -7.04 -6.67
CA SER A 162 -33.54 -6.43 -7.54
C SER A 162 -32.28 -7.28 -7.54
N CYS A 163 -31.41 -7.03 -8.51
CA CYS A 163 -30.14 -7.72 -8.61
C CYS A 163 -28.98 -6.74 -8.41
N ALA A 164 -28.08 -7.06 -7.48
CA ALA A 164 -26.95 -6.20 -7.16
C ALA A 164 -25.63 -6.90 -7.47
N LYS A 165 -24.61 -6.10 -7.75
CA LYS A 165 -23.29 -6.60 -8.02
C LYS A 165 -22.30 -5.72 -7.24
N TYR A 166 -21.60 -6.32 -6.28
CA TYR A 166 -20.59 -5.63 -5.51
C TYR A 166 -19.21 -6.10 -5.94
N GLU A 167 -18.36 -5.17 -6.35
CA GLU A 167 -16.99 -5.49 -6.68
C GLU A 167 -16.05 -4.68 -5.79
N PHE A 168 -14.75 -4.80 -6.05
CA PHE A 168 -13.73 -4.18 -5.23
C PHE A 168 -14.10 -2.76 -4.81
N THR A 169 -14.18 -2.53 -3.49
CA THR A 169 -14.49 -1.23 -2.87
C THR A 169 -15.98 -0.90 -2.81
N ASP A 170 -16.84 -1.75 -3.34
CA ASP A 170 -18.27 -1.54 -3.20
C ASP A 170 -18.65 -1.90 -1.78
N ALA A 171 -19.61 -1.17 -1.23
CA ALA A 171 -20.07 -1.43 0.12
C ALA A 171 -21.42 -0.76 0.34
N LEU A 172 -22.20 -1.31 1.27
CA LEU A 172 -23.49 -0.75 1.67
C LEU A 172 -23.49 -0.60 3.18
N LEU A 173 -23.46 0.64 3.65
CA LEU A 173 -23.19 0.90 5.06
C LEU A 173 -24.42 0.75 5.94
N CYS A 174 -24.22 0.97 7.24
CA CYS A 174 -25.21 0.70 8.27
C CYS A 174 -26.56 1.37 8.00
N HIS A 175 -27.62 0.57 7.96
CA HIS A 175 -28.98 1.04 7.70
C HIS A 175 -29.95 0.00 8.25
N ASP A 176 -31.23 0.36 8.36
CA ASP A 176 -32.22 -0.51 9.01
C ASP A 176 -33.35 -0.97 8.07
N ASP A 177 -33.24 -0.66 6.78
CA ASP A 177 -34.23 -1.05 5.78
C ASP A 177 -35.56 -0.31 5.93
N GLU A 178 -35.66 0.59 6.91
CA GLU A 178 -36.92 1.25 7.22
C GLU A 178 -37.55 1.91 5.99
N LEU A 179 -38.77 1.49 5.68
CA LEU A 179 -39.59 2.10 4.64
C LEU A 179 -40.99 1.51 4.74
N GLU A 180 -41.98 2.39 4.81
CA GLU A 180 -43.38 2.01 4.99
C GLU A 180 -43.75 0.84 4.10
N GLY A 181 -44.10 -0.29 4.71
CA GLY A 181 -44.51 -1.47 3.96
C GLY A 181 -43.58 -2.66 4.13
N ARG A 182 -42.28 -2.40 4.25
CA ARG A 182 -41.31 -3.48 4.34
C ARG A 182 -41.38 -4.22 5.67
N ARG A 183 -41.53 -5.54 5.61
CA ARG A 183 -41.66 -6.36 6.81
C ARG A 183 -40.58 -7.44 6.89
N ILE A 184 -40.22 -8.02 5.75
CA ILE A 184 -39.18 -9.04 5.73
C ILE A 184 -38.25 -8.85 4.55
N ALA A 185 -36.96 -8.76 4.86
CA ALA A 185 -35.92 -8.60 3.85
C ALA A 185 -35.39 -9.97 3.52
N PHE A 186 -35.00 -10.19 2.27
CA PHE A 186 -34.43 -11.45 1.85
C PHE A 186 -33.28 -11.20 0.88
N ILE A 187 -32.32 -12.11 0.88
CA ILE A 187 -31.20 -12.07 -0.05
C ILE A 187 -30.89 -13.47 -0.52
N LEU A 188 -30.90 -13.68 -1.84
CA LEU A 188 -30.41 -14.92 -2.43
C LEU A 188 -29.06 -14.63 -3.08
N TYR A 189 -28.05 -15.42 -2.72
CA TYR A 189 -26.69 -15.22 -3.21
C TYR A 189 -26.39 -16.12 -4.40
N LEU A 190 -25.76 -15.56 -5.42
CA LEU A 190 -25.32 -16.31 -6.58
C LEU A 190 -23.85 -16.03 -6.81
N VAL A 191 -23.07 -16.19 -5.74
CA VAL A 191 -21.68 -15.76 -5.75
C VAL A 191 -20.73 -16.91 -6.07
N PRO A 192 -19.54 -16.59 -6.60
CA PRO A 192 -18.51 -17.62 -6.76
C PRO A 192 -18.07 -18.09 -5.36
N PRO A 193 -17.18 -19.09 -5.30
CA PRO A 193 -16.72 -19.52 -3.97
C PRO A 193 -16.21 -18.31 -3.20
N TRP A 194 -16.67 -18.17 -1.97
CA TRP A 194 -16.46 -16.94 -1.21
C TRP A 194 -15.94 -17.26 0.18
N ASP A 195 -15.21 -16.32 0.78
CA ASP A 195 -14.77 -16.46 2.16
C ASP A 195 -14.67 -15.10 2.82
N ARG A 196 -14.39 -15.11 4.12
CA ARG A 196 -14.47 -13.91 4.95
C ARG A 196 -13.50 -12.83 4.49
N SER A 197 -12.34 -13.24 4.01
CA SER A 197 -11.27 -12.31 3.64
C SER A 197 -11.58 -11.53 2.35
N MET A 198 -12.61 -11.97 1.63
CA MET A 198 -13.04 -11.30 0.40
C MET A 198 -14.07 -10.21 0.70
N GLY A 199 -14.47 -10.10 1.96
CA GLY A 199 -15.44 -9.10 2.35
C GLY A 199 -16.81 -9.42 1.80
N GLY A 200 -17.68 -8.42 1.71
CA GLY A 200 -19.02 -8.62 1.18
C GLY A 200 -19.94 -9.32 2.15
N THR A 201 -19.48 -9.54 3.38
CA THR A 201 -20.26 -10.23 4.39
C THR A 201 -21.43 -9.37 4.83
N LEU A 202 -22.52 -10.02 5.24
CA LEU A 202 -23.69 -9.31 5.79
C LEU A 202 -23.55 -9.25 7.30
N ASP A 203 -23.32 -8.05 7.84
CA ASP A 203 -23.05 -7.87 9.28
C ASP A 203 -24.26 -7.33 10.02
N LEU A 204 -24.51 -7.83 11.23
CA LEU A 204 -25.69 -7.44 12.01
C LEU A 204 -25.30 -6.71 13.28
N TYR A 205 -25.87 -5.52 13.48
CA TYR A 205 -25.48 -4.68 14.59
C TYR A 205 -26.33 -4.94 15.81
N SER A 206 -25.68 -4.94 16.96
CA SER A 206 -26.37 -4.87 18.23
C SER A 206 -26.86 -3.43 18.38
N ILE A 207 -27.49 -3.13 19.52
CA ILE A 207 -28.09 -1.82 19.72
C ILE A 207 -27.82 -1.31 21.14
N ASP A 208 -28.01 -0.01 21.35
CA ASP A 208 -27.74 0.61 22.66
C ASP A 208 -29.00 1.15 23.32
N GLU A 209 -28.82 1.82 24.45
CA GLU A 209 -29.94 2.34 25.24
C GLU A 209 -30.86 3.31 24.48
N HIS A 210 -30.38 3.83 23.35
CA HIS A 210 -31.13 4.82 22.58
C HIS A 210 -31.65 4.27 21.25
N PHE A 211 -31.64 2.94 21.10
CA PHE A 211 -32.13 2.29 19.89
C PHE A 211 -31.25 2.63 18.68
N GLN A 212 -29.97 2.83 18.93
CA GLN A 212 -29.00 3.14 17.88
C GLN A 212 -27.95 2.04 17.79
N PRO A 213 -27.51 1.69 16.57
CA PRO A 213 -26.55 0.59 16.41
C PRO A 213 -25.27 0.80 17.21
N LYS A 214 -24.73 -0.29 17.74
CA LYS A 214 -23.58 -0.22 18.62
C LYS A 214 -22.39 -0.91 17.96
N GLN A 215 -22.47 -2.22 17.80
CA GLN A 215 -21.38 -2.95 17.14
C GLN A 215 -21.88 -4.15 16.36
N ILE A 216 -21.02 -4.69 15.53
CA ILE A 216 -21.29 -5.90 14.78
C ILE A 216 -21.19 -7.12 15.69
N VAL A 217 -22.25 -7.92 15.74
CA VAL A 217 -22.27 -9.11 16.61
C VAL A 217 -22.54 -10.42 15.85
N LYS A 218 -22.90 -10.32 14.58
CA LYS A 218 -23.03 -11.49 13.71
C LYS A 218 -22.55 -11.09 12.33
N SER A 219 -21.86 -12.00 11.66
CA SER A 219 -21.29 -11.72 10.35
C SER A 219 -21.46 -12.91 9.41
N LEU A 220 -22.41 -12.81 8.48
CA LEU A 220 -22.77 -13.91 7.60
C LEU A 220 -22.04 -13.87 6.26
N ILE A 221 -21.45 -15.00 5.89
CA ILE A 221 -20.65 -15.10 4.68
C ILE A 221 -21.54 -15.60 3.54
N PRO A 222 -21.54 -14.90 2.40
CA PRO A 222 -22.39 -15.33 1.28
C PRO A 222 -21.89 -16.61 0.62
N SER A 223 -22.81 -17.41 0.12
CA SER A 223 -22.43 -18.59 -0.63
C SER A 223 -23.54 -18.95 -1.60
N TRP A 224 -23.13 -19.65 -2.66
CA TRP A 224 -24.01 -20.04 -3.75
C TRP A 224 -25.32 -20.66 -3.28
N ASN A 225 -26.43 -20.10 -3.74
CA ASN A 225 -27.76 -20.67 -3.50
C ASN A 225 -28.14 -20.61 -2.03
N LYS A 226 -27.54 -19.68 -1.30
CA LYS A 226 -27.89 -19.42 0.10
C LYS A 226 -28.92 -18.30 0.16
N LEU A 227 -30.01 -18.55 0.88
CA LEU A 227 -31.01 -17.52 1.12
C LEU A 227 -30.97 -17.10 2.58
N VAL A 228 -30.88 -15.80 2.79
CA VAL A 228 -30.96 -15.23 4.12
C VAL A 228 -32.20 -14.34 4.16
N PHE A 229 -33.00 -14.45 5.21
CA PHE A 229 -34.06 -13.47 5.43
C PHE A 229 -34.11 -13.02 6.89
N PHE A 230 -34.66 -11.83 7.10
CA PHE A 230 -34.79 -11.29 8.44
C PHE A 230 -35.93 -10.31 8.54
N GLU A 231 -36.31 -10.03 9.78
CA GLU A 231 -37.44 -9.17 10.09
C GLU A 231 -36.98 -7.71 10.10
N VAL A 232 -37.76 -6.86 9.41
CA VAL A 232 -37.50 -5.42 9.41
C VAL A 232 -38.14 -4.80 10.65
N SER A 233 -37.33 -4.13 11.45
CA SER A 233 -37.74 -3.56 12.73
C SER A 233 -36.92 -2.32 12.99
N PRO A 234 -37.27 -1.57 14.05
CA PRO A 234 -36.45 -0.42 14.49
C PRO A 234 -35.00 -0.79 14.82
N VAL A 235 -34.72 -2.07 15.04
CA VAL A 235 -33.40 -2.52 15.50
C VAL A 235 -32.65 -3.37 14.47
N SER A 236 -33.22 -3.55 13.29
CA SER A 236 -32.63 -4.43 12.28
C SER A 236 -31.50 -3.74 11.49
N PHE A 237 -30.50 -3.21 12.22
CA PHE A 237 -29.37 -2.54 11.61
C PHE A 237 -28.35 -3.51 11.08
N HIS A 238 -27.90 -3.28 9.85
CA HIS A 238 -27.02 -4.21 9.16
C HIS A 238 -26.27 -3.47 8.06
N GLN A 239 -25.23 -4.11 7.53
CA GLN A 239 -24.46 -3.56 6.42
C GLN A 239 -23.94 -4.68 5.54
N VAL A 240 -23.44 -4.31 4.37
CA VAL A 240 -22.69 -5.23 3.53
C VAL A 240 -21.27 -4.70 3.48
N SER A 241 -20.39 -5.36 4.22
CA SER A 241 -19.00 -4.91 4.36
C SER A 241 -18.33 -4.81 3.01
N GLU A 242 -17.33 -3.94 2.92
CA GLU A 242 -16.61 -3.69 1.67
C GLU A 242 -16.09 -5.00 1.04
N VAL A 243 -16.20 -5.10 -0.28
CA VAL A 243 -15.63 -6.22 -1.00
C VAL A 243 -14.13 -5.96 -1.23
N LEU A 244 -13.31 -6.90 -0.78
CA LEU A 244 -11.86 -6.76 -0.81
C LEU A 244 -11.24 -7.55 -1.95
N SER A 245 -12.05 -8.39 -2.59
CA SER A 245 -11.57 -9.19 -3.72
C SER A 245 -11.38 -8.34 -4.96
N GLU A 246 -10.16 -8.30 -5.47
CA GLU A 246 -9.84 -7.51 -6.64
C GLU A 246 -10.21 -8.22 -7.95
N GLU A 247 -10.79 -9.41 -7.84
CA GLU A 247 -11.08 -10.25 -9.00
C GLU A 247 -12.54 -10.68 -9.07
N LYS A 248 -13.15 -10.93 -7.91
CA LYS A 248 -14.47 -11.54 -7.86
C LYS A 248 -15.60 -10.53 -7.72
N SER A 249 -16.78 -10.97 -8.13
CA SER A 249 -17.96 -10.14 -8.18
C SER A 249 -19.05 -10.80 -7.34
N ARG A 250 -19.57 -10.06 -6.37
CA ARG A 250 -20.59 -10.57 -5.44
C ARG A 250 -21.98 -10.30 -5.98
N LEU A 251 -22.55 -11.31 -6.62
CA LEU A 251 -23.85 -11.20 -7.27
C LEU A 251 -24.94 -11.71 -6.31
N SER A 252 -26.02 -10.95 -6.20
CA SER A 252 -27.10 -11.28 -5.26
C SER A 252 -28.45 -10.87 -5.85
N ILE A 253 -29.51 -11.46 -5.33
CA ILE A 253 -30.86 -10.98 -5.56
C ILE A 253 -31.38 -10.61 -4.17
N SER A 254 -31.92 -9.41 -4.03
CA SER A 254 -32.39 -8.95 -2.73
C SER A 254 -33.68 -8.16 -2.90
N GLY A 255 -34.49 -8.12 -1.85
CA GLY A 255 -35.77 -7.45 -1.91
C GLY A 255 -36.49 -7.49 -0.58
N TRP A 256 -37.80 -7.25 -0.63
CA TRP A 256 -38.62 -7.27 0.57
C TRP A 256 -40.00 -7.81 0.29
N PHE A 257 -40.54 -8.53 1.27
CA PHE A 257 -41.96 -8.88 1.28
C PHE A 257 -42.67 -7.80 2.06
N HIS A 258 -43.77 -7.29 1.49
CA HIS A 258 -44.49 -6.19 2.11
C HIS A 258 -45.63 -6.67 2.99
N GLY A 259 -45.96 -5.88 3.99
CA GLY A 259 -47.01 -6.20 4.93
C GLY A 259 -47.48 -4.94 5.62
N PRO A 260 -48.31 -5.08 6.66
CA PRO A 260 -48.91 -3.92 7.33
C PRO A 260 -47.88 -2.98 7.96
N SER A 261 -48.11 -1.68 7.86
CA SER A 261 -47.22 -0.69 8.44
C SER A 261 -47.34 -0.66 9.96
N LEU A 262 -46.21 -0.49 10.61
CA LEU A 262 -46.15 -0.42 12.06
C LEU A 262 -45.84 1.01 12.47
N THR A 263 -45.67 1.23 13.76
CA THR A 263 -45.24 2.50 14.27
C THR A 263 -43.82 2.40 14.83
N ARG A 264 -42.90 3.12 14.19
CA ARG A 264 -41.55 3.30 14.73
C ARG A 264 -41.65 4.18 15.97
N PRO A 265 -40.80 3.94 16.97
CA PRO A 265 -40.72 4.93 18.06
C PRO A 265 -40.08 6.23 17.56
N PRO A 266 -40.32 7.36 18.25
CA PRO A 266 -39.76 8.63 17.83
C PRO A 266 -38.25 8.57 17.73
N ASN A 267 -37.68 9.22 16.72
CA ASN A 267 -36.25 9.13 16.50
C ASN A 267 -35.48 9.95 17.53
N TYR A 268 -34.32 9.44 17.95
CA TYR A 268 -33.54 10.03 19.03
C TYR A 268 -32.63 11.16 18.54
N PHE A 269 -32.67 12.29 19.25
CA PHE A 269 -31.89 13.47 18.88
C PHE A 269 -30.60 13.60 19.70
N GLU A 270 -29.46 13.60 19.02
CA GLU A 270 -28.17 13.86 19.67
C GLU A 270 -28.18 15.25 20.30
N PRO A 271 -27.46 15.43 21.42
CA PRO A 271 -27.29 16.80 21.94
C PRO A 271 -26.47 17.65 20.96
N PRO A 272 -26.79 18.96 20.85
CA PRO A 272 -26.04 19.78 19.89
C PRO A 272 -24.57 19.92 20.29
N ILE A 273 -23.71 20.17 19.31
CA ILE A 273 -22.32 20.45 19.57
C ILE A 273 -22.23 21.90 20.05
N PRO A 274 -21.47 22.15 21.15
CA PRO A 274 -21.29 23.53 21.61
C PRO A 274 -20.57 24.41 20.58
N ARG A 275 -20.99 25.67 20.49
CA ARG A 275 -20.33 26.67 19.65
C ARG A 275 -19.81 27.78 20.54
N SER A 276 -18.86 28.55 20.04
CA SER A 276 -18.28 29.63 20.83
C SER A 276 -17.81 30.78 19.93
N PRO A 277 -17.76 31.99 20.48
CA PRO A 277 -17.33 33.17 19.72
C PRO A 277 -15.81 33.18 19.53
N HIS A 278 -15.29 34.19 18.84
CA HIS A 278 -13.86 34.19 18.51
C HIS A 278 -12.99 34.32 19.78
N ILE A 279 -11.76 33.83 19.69
CA ILE A 279 -10.80 34.07 20.77
C ILE A 279 -10.12 35.39 20.48
N PRO A 280 -10.23 36.35 21.41
CA PRO A 280 -9.56 37.64 21.21
C PRO A 280 -8.05 37.50 20.99
N GLN A 281 -7.53 38.13 19.95
CA GLN A 281 -6.11 38.12 19.66
C GLN A 281 -5.27 38.72 20.81
N ASP A 282 -4.32 37.95 21.32
CA ASP A 282 -3.31 38.43 22.26
C ASP A 282 -2.01 38.71 21.50
N HIS A 283 -1.46 37.64 20.92
CA HIS A 283 -0.30 37.72 20.04
C HIS A 283 -0.74 37.54 18.58
N GLU A 284 0.01 38.14 17.65
CA GLU A 284 -0.35 38.06 16.23
C GLU A 284 0.01 36.68 15.68
N ILE A 285 -0.92 36.12 14.93
CA ILE A 285 -0.95 34.69 14.69
C ILE A 285 -1.05 34.37 13.20
N LEU A 286 -1.75 35.20 12.43
CA LEU A 286 -1.87 34.96 11.01
C LEU A 286 -0.50 34.99 10.34
N TYR A 287 0.27 36.03 10.66
CA TYR A 287 1.62 36.19 10.11
C TYR A 287 2.49 34.95 10.35
N ASP A 288 2.35 34.35 11.51
CA ASP A 288 3.17 33.18 11.88
C ASP A 288 2.74 31.90 11.17
N TRP A 289 1.50 31.86 10.68
CA TRP A 289 0.91 30.62 10.19
C TRP A 289 0.58 30.59 8.71
N ILE A 290 0.01 31.68 8.21
CA ILE A 290 -0.57 31.71 6.87
C ILE A 290 0.42 32.16 5.81
N ASN A 291 0.30 31.57 4.62
CA ASN A 291 1.05 31.99 3.45
C ASN A 291 0.78 33.47 3.22
N PRO A 292 1.84 34.31 3.20
CA PRO A 292 1.70 35.76 3.02
C PRO A 292 0.81 36.19 1.84
N THR A 293 0.72 35.35 0.80
CA THR A 293 -0.11 35.64 -0.36
C THR A 293 -1.55 35.98 0.09
N TYR A 294 -2.03 35.27 1.10
CA TYR A 294 -3.43 35.37 1.51
C TYR A 294 -3.70 36.53 2.47
N LEU A 295 -2.64 37.15 2.97
CA LEU A 295 -2.77 38.31 3.85
C LEU A 295 -2.60 39.63 3.10
N ASP A 296 -2.47 39.57 1.78
CA ASP A 296 -2.45 40.77 0.94
C ASP A 296 -3.87 41.14 0.51
N MET A 297 -4.20 42.41 0.62
CA MET A 297 -5.54 42.87 0.31
C MET A 297 -5.91 42.59 -1.16
N ASP A 298 -4.99 42.82 -2.08
CA ASP A 298 -5.27 42.63 -3.50
C ASP A 298 -5.68 41.18 -3.82
N TYR A 299 -5.13 40.22 -3.09
CA TYR A 299 -5.42 38.82 -3.34
C TYR A 299 -6.75 38.40 -2.70
N GLN A 300 -7.12 39.04 -1.60
CA GLN A 300 -8.39 38.79 -0.92
C GLN A 300 -9.60 39.25 -1.74
N VAL A 301 -9.49 40.35 -2.47
CA VAL A 301 -10.59 40.78 -3.33
C VAL A 301 -10.80 39.77 -4.47
N GLN A 302 -9.71 39.30 -5.05
CA GLN A 302 -9.78 38.24 -6.07
C GLN A 302 -10.54 37.05 -5.52
N ILE A 303 -10.09 36.56 -4.37
CA ILE A 303 -10.72 35.45 -3.66
C ILE A 303 -12.21 35.69 -3.42
N GLN A 304 -12.56 36.88 -2.95
CA GLN A 304 -13.95 37.15 -2.64
C GLN A 304 -14.82 37.25 -3.89
N GLU A 305 -14.25 37.80 -4.97
CA GLU A 305 -14.99 37.92 -6.21
C GLU A 305 -15.37 36.53 -6.69
N GLU A 306 -14.43 35.60 -6.57
CA GLU A 306 -14.65 34.22 -6.98
C GLU A 306 -15.61 33.50 -6.03
N PHE A 307 -15.49 33.80 -4.74
CA PHE A 307 -16.31 33.12 -3.74
C PHE A 307 -17.78 33.51 -3.85
N GLU A 308 -18.06 34.78 -4.10
CA GLU A 308 -19.44 35.23 -4.17
C GLU A 308 -20.11 34.74 -5.45
N GLU A 309 -19.32 34.17 -6.35
CA GLU A 309 -19.85 33.63 -7.60
C GLU A 309 -20.24 32.17 -7.39
N SER A 310 -19.43 31.46 -6.63
CA SER A 310 -19.53 30.00 -6.51
C SER A 310 -19.91 29.53 -5.11
N SER A 311 -19.68 30.37 -4.09
CA SER A 311 -19.90 29.99 -2.69
C SER A 311 -18.96 28.88 -2.24
N GLU A 312 -17.93 28.63 -3.02
CA GLU A 312 -16.92 27.64 -2.68
C GLU A 312 -15.59 28.14 -3.22
N ILE A 313 -14.53 27.81 -2.50
CA ILE A 313 -13.18 28.07 -2.99
C ILE A 313 -12.13 27.19 -2.29
N LEU A 314 -11.05 26.95 -3.02
CA LEU A 314 -9.91 26.16 -2.58
C LEU A 314 -8.66 27.04 -2.49
N LEU A 315 -8.04 27.11 -1.32
CA LEU A 315 -6.83 27.92 -1.14
C LEU A 315 -5.60 27.04 -0.90
N LYS A 316 -4.74 26.92 -1.91
CA LYS A 316 -3.59 26.02 -1.86
C LYS A 316 -2.43 26.61 -1.05
N GLU A 317 -1.58 25.73 -0.50
CA GLU A 317 -0.38 26.16 0.22
C GLU A 317 -0.77 27.23 1.23
N PHE A 318 -1.81 26.93 2.01
CA PHE A 318 -2.43 27.94 2.86
C PHE A 318 -1.60 28.27 4.09
N LEU A 319 -1.04 27.25 4.73
CA LEU A 319 -0.15 27.45 5.86
C LEU A 319 1.27 27.54 5.34
N LYS A 320 2.10 28.34 6.02
CA LYS A 320 3.51 28.42 5.68
C LYS A 320 4.10 27.00 5.75
N PRO A 321 4.95 26.63 4.78
CA PRO A 321 5.52 25.28 4.70
C PRO A 321 6.13 24.79 6.00
N GLU A 322 6.94 25.63 6.63
CA GLU A 322 7.59 25.28 7.89
C GLU A 322 6.57 24.91 8.97
N LYS A 323 5.45 25.61 9.01
CA LYS A 323 4.40 25.34 9.97
C LYS A 323 3.66 24.07 9.59
N PHE A 324 3.36 23.93 8.31
CA PHE A 324 2.63 22.77 7.83
C PHE A 324 3.43 21.50 8.07
N THR A 325 4.74 21.56 7.88
CA THR A 325 5.56 20.38 8.10
C THR A 325 5.64 20.04 9.60
N LYS A 326 5.65 21.06 10.46
CA LYS A 326 5.69 20.86 11.91
C LYS A 326 4.37 20.33 12.45
N VAL A 327 3.27 20.71 11.80
CA VAL A 327 1.95 20.22 12.17
C VAL A 327 1.82 18.73 11.85
N CYS A 328 2.22 18.35 10.64
CA CYS A 328 2.20 16.95 10.24
C CYS A 328 3.13 16.10 11.10
N GLU A 329 4.28 16.65 11.45
CA GLU A 329 5.25 15.92 12.26
C GLU A 329 4.69 15.68 13.66
N ALA A 330 3.96 16.65 14.20
CA ALA A 330 3.36 16.53 15.52
C ALA A 330 2.20 15.54 15.51
N LEU A 331 1.45 15.49 14.42
CA LEU A 331 0.34 14.55 14.25
C LEU A 331 0.83 13.11 14.16
N GLU A 332 2.06 12.91 13.69
CA GLU A 332 2.62 11.56 13.61
C GLU A 332 3.34 11.12 14.89
N HIS A 333 4.07 12.03 15.51
CA HIS A 333 4.98 11.70 16.61
C HIS A 333 4.56 12.27 17.99
N GLY A 334 3.51 13.10 18.02
CA GLY A 334 3.21 13.89 19.22
C GLY A 334 2.29 13.27 20.26
N HIS A 335 1.92 12.00 20.09
CA HIS A 335 1.09 11.28 21.07
C HIS A 335 -0.30 11.90 21.16
N VAL A 336 -0.87 12.21 20.00
CA VAL A 336 -2.26 12.63 19.93
C VAL A 336 -3.19 11.49 20.38
N GLU A 337 -4.13 11.82 21.26
CA GLU A 337 -5.07 10.83 21.79
C GLU A 337 -6.36 10.82 20.95
N TRP A 338 -6.55 9.75 20.19
CA TRP A 338 -7.71 9.64 19.30
C TRP A 338 -8.83 8.80 19.90
N SER A 339 -10.07 9.12 19.54
CA SER A 339 -11.21 8.33 19.97
C SER A 339 -12.21 8.16 18.83
N SER A 340 -12.70 6.94 18.66
CA SER A 340 -13.64 6.64 17.61
C SER A 340 -14.98 7.26 17.93
N ARG A 341 -15.61 7.86 16.92
CA ARG A 341 -16.93 8.44 17.05
C ARG A 341 -17.97 7.57 16.34
N GLY A 342 -19.17 7.50 16.91
CA GLY A 342 -20.30 6.80 16.33
C GLY A 342 -21.56 7.64 16.52
N PRO A 343 -22.74 7.02 16.38
CA PRO A 343 -22.95 5.60 16.07
C PRO A 343 -22.84 5.31 14.57
N PRO A 344 -22.73 4.02 14.19
CA PRO A 344 -22.41 3.57 12.83
C PRO A 344 -23.40 3.97 11.72
N ASN A 345 -24.62 4.35 12.08
CA ASN A 345 -25.58 4.83 11.08
C ASN A 345 -25.51 6.35 10.88
N LYS A 346 -24.51 6.99 11.50
CA LYS A 346 -24.31 8.42 11.34
C LYS A 346 -22.86 8.75 10.98
N ARG A 347 -21.92 8.04 11.61
CA ARG A 347 -20.51 8.36 11.42
C ARG A 347 -19.60 7.27 11.93
N PHE A 348 -18.37 7.30 11.43
CA PHE A 348 -17.29 6.46 11.92
C PHE A 348 -15.96 7.10 11.57
N TYR A 349 -15.32 7.72 12.56
CA TYR A 349 -14.02 8.37 12.37
C TYR A 349 -13.41 8.68 13.73
N GLU A 350 -12.15 9.11 13.72
CA GLU A 350 -11.45 9.45 14.96
C GLU A 350 -11.36 10.97 15.17
N LYS A 351 -11.54 11.38 16.42
CA LYS A 351 -11.47 12.77 16.83
C LYS A 351 -10.49 12.89 18.00
N ALA A 352 -9.67 13.93 18.00
CA ALA A 352 -8.63 14.11 19.03
C ALA A 352 -9.16 14.81 20.24
N GLU A 353 -8.71 14.38 21.42
CA GLU A 353 -8.97 15.09 22.66
C GLU A 353 -8.12 16.36 22.67
N GLU A 354 -8.77 17.49 22.44
CA GLU A 354 -8.08 18.74 22.17
C GLU A 354 -7.23 19.20 23.35
N SER A 355 -7.67 18.90 24.58
CA SER A 355 -6.96 19.37 25.77
C SER A 355 -5.61 18.69 25.98
N LYS A 356 -5.40 17.54 25.33
CA LYS A 356 -4.18 16.76 25.53
C LYS A 356 -3.18 16.91 24.39
N LEU A 357 -3.48 17.75 23.41
CA LEU A 357 -2.65 17.86 22.22
C LEU A 357 -1.26 18.45 22.51
N PRO A 358 -0.29 18.22 21.60
CA PRO A 358 0.96 18.97 21.54
C PRO A 358 0.71 20.45 21.35
N GLU A 359 1.57 21.32 21.86
CA GLU A 359 1.31 22.75 21.87
C GLU A 359 1.10 23.33 20.47
N ILE A 360 1.83 22.81 19.49
CA ILE A 360 1.72 23.26 18.10
C ILE A 360 0.30 23.05 17.57
N LEU A 361 -0.32 21.91 17.90
CA LEU A 361 -1.66 21.59 17.42
C LEU A 361 -2.74 22.36 18.17
N LYS A 362 -2.49 22.62 19.46
CA LYS A 362 -3.34 23.51 20.24
C LYS A 362 -3.35 24.89 19.60
N GLU A 363 -2.18 25.34 19.19
CA GLU A 363 -2.00 26.66 18.63
C GLU A 363 -2.70 26.77 17.28
N CYS A 364 -2.66 25.68 16.51
CA CYS A 364 -3.35 25.59 15.22
C CYS A 364 -4.87 25.60 15.41
N MET A 365 -5.37 24.96 16.47
CA MET A 365 -6.81 25.04 16.80
C MET A 365 -7.17 26.46 17.22
N LYS A 366 -6.26 27.14 17.90
CA LYS A 366 -6.49 28.50 18.34
C LYS A 366 -6.57 29.45 17.16
N LEU A 367 -5.67 29.25 16.19
CA LEU A 367 -5.70 30.02 14.96
C LEU A 367 -7.11 30.07 14.35
N PHE A 368 -7.74 28.89 14.27
CA PHE A 368 -9.04 28.77 13.63
C PHE A 368 -10.20 29.30 14.46
N ARG A 369 -9.95 29.62 15.73
CA ARG A 369 -10.94 30.26 16.60
C ARG A 369 -10.59 31.73 16.82
N SER A 370 -9.47 32.17 16.24
CA SER A 370 -8.94 33.46 16.58
C SER A 370 -9.74 34.57 15.91
N GLU A 371 -9.90 35.67 16.64
CA GLU A 371 -10.52 36.87 16.11
C GLU A 371 -9.97 37.25 14.73
N ALA A 372 -8.64 37.21 14.60
CA ALA A 372 -7.98 37.63 13.36
C ALA A 372 -8.43 36.77 12.18
N LEU A 373 -8.64 35.47 12.41
CA LEU A 373 -9.02 34.58 11.33
C LEU A 373 -10.49 34.80 10.96
N PHE A 374 -11.33 35.01 11.97
CA PHE A 374 -12.73 35.36 11.74
C PHE A 374 -12.85 36.54 10.77
N LEU A 375 -11.94 37.50 10.87
CA LEU A 375 -12.01 38.69 10.01
C LEU A 375 -11.41 38.40 8.65
N LEU A 376 -10.40 37.56 8.63
CA LEU A 376 -9.78 37.16 7.39
C LEU A 376 -10.82 36.39 6.55
N LEU A 377 -11.55 35.49 7.20
CA LEU A 377 -12.60 34.74 6.52
C LEU A 377 -13.72 35.67 6.03
N SER A 378 -13.93 36.77 6.74
CA SER A 378 -14.93 37.73 6.32
C SER A 378 -14.49 38.39 5.01
N ASN A 379 -13.21 38.69 4.90
CA ASN A 379 -12.67 39.33 3.70
C ASN A 379 -12.54 38.36 2.51
N PHE A 380 -12.43 37.08 2.82
CA PHE A 380 -12.46 36.04 1.79
C PHE A 380 -13.85 35.82 1.21
N THR A 381 -14.89 35.94 2.03
CA THR A 381 -16.22 35.44 1.66
C THR A 381 -17.27 36.53 1.47
N GLY A 382 -17.10 37.67 2.14
CA GLY A 382 -18.11 38.72 2.14
C GLY A 382 -19.14 38.50 3.23
N LEU A 383 -18.90 37.50 4.08
CA LEU A 383 -19.75 37.25 5.24
C LEU A 383 -19.26 38.06 6.45
N LYS A 384 -20.19 38.47 7.31
CA LYS A 384 -19.88 39.25 8.50
C LYS A 384 -19.56 38.33 9.68
N LEU A 385 -18.29 37.96 9.83
CA LEU A 385 -17.86 37.10 10.94
C LEU A 385 -17.04 37.86 11.98
N HIS A 386 -17.00 39.19 11.86
CA HIS A 386 -16.32 40.06 12.79
C HIS A 386 -16.95 41.45 12.71
N PHE A 387 -16.99 42.16 13.83
CA PHE A 387 -17.75 43.42 13.91
C PHE A 387 -17.11 44.58 13.13
N LEU A 388 -15.93 44.36 12.56
CA LEU A 388 -15.26 45.37 11.75
C LEU A 388 -15.30 45.00 10.26
N ALA A 389 -15.97 43.89 9.96
CA ALA A 389 -16.26 43.51 8.57
C ALA A 389 -17.42 44.35 8.04
N PRO A 390 -17.43 44.64 6.73
CA PRO A 390 -18.51 45.42 6.11
C PRO A 390 -19.92 44.87 6.36
N SER A 391 -20.84 45.77 6.67
CA SER A 391 -22.22 45.40 6.99
C SER A 391 -23.02 45.18 5.71
CA SER A 450 -26.82 42.17 17.72
C SER A 450 -26.32 40.72 17.82
N SER A 451 -26.40 39.99 16.72
CA SER A 451 -25.98 38.59 16.68
C SER A 451 -24.46 38.46 16.77
N VAL A 452 -23.99 37.39 17.41
CA VAL A 452 -22.56 37.17 17.65
C VAL A 452 -22.03 36.00 16.81
N PRO A 453 -21.04 36.26 15.95
CA PRO A 453 -20.48 35.14 15.16
C PRO A 453 -19.93 34.02 16.05
N MET A 454 -20.05 32.78 15.60
CA MET A 454 -19.70 31.62 16.41
C MET A 454 -18.96 30.59 15.56
N CYS A 455 -18.30 29.65 16.21
CA CYS A 455 -17.69 28.55 15.49
C CYS A 455 -17.58 27.29 16.34
N GLN A 456 -17.34 26.18 15.66
CA GLN A 456 -17.08 24.91 16.33
C GLN A 456 -15.98 24.22 15.54
N GLY A 457 -15.18 23.39 16.21
CA GLY A 457 -14.03 22.79 15.57
C GLY A 457 -13.65 21.42 16.11
N GLU A 458 -13.06 20.62 15.24
CA GLU A 458 -12.54 19.31 15.60
C GLU A 458 -11.37 18.97 14.69
N LEU A 459 -10.38 18.30 15.27
CA LEU A 459 -9.24 17.74 14.55
C LEU A 459 -9.53 16.25 14.37
N ARG A 460 -9.54 15.81 13.12
CA ARG A 460 -10.01 14.46 12.80
C ARG A 460 -8.93 13.64 12.15
N HIS A 461 -9.07 12.32 12.29
CA HIS A 461 -8.19 11.37 11.63
C HIS A 461 -9.04 10.43 10.79
N TRP A 462 -8.71 10.32 9.50
CA TRP A 462 -9.46 9.48 8.57
C TRP A 462 -8.59 8.32 8.08
N LYS A 463 -9.10 7.09 8.22
CA LYS A 463 -8.45 5.92 7.65
C LYS A 463 -9.46 4.99 6.98
N THR A 464 -8.96 3.92 6.37
CA THR A 464 -9.77 2.93 5.69
C THR A 464 -10.91 2.46 6.59
N GLY A 465 -12.15 2.57 6.09
CA GLY A 465 -13.33 2.17 6.84
C GLY A 465 -14.18 3.32 7.36
N HIS A 466 -13.60 4.53 7.37
CA HIS A 466 -14.27 5.66 7.98
C HIS A 466 -15.21 6.30 6.98
N TYR A 467 -16.17 7.07 7.50
CA TYR A 467 -17.24 7.68 6.70
C TYR A 467 -18.14 8.55 7.57
N THR A 468 -19.01 9.33 6.94
CA THR A 468 -20.20 9.88 7.61
C THR A 468 -21.39 9.66 6.71
N LEU A 469 -22.58 9.66 7.30
CA LEU A 469 -23.83 9.43 6.57
C LEU A 469 -24.83 10.52 6.89
N ILE A 470 -25.72 10.75 5.94
CA ILE A 470 -26.89 11.56 6.18
C ILE A 470 -27.84 10.74 7.06
N HIS A 471 -28.43 11.36 8.06
CA HIS A 471 -29.40 10.69 8.92
C HIS A 471 -30.58 11.61 9.12
N ASP A 472 -31.67 11.06 9.66
CA ASP A 472 -32.93 11.78 9.79
C ASP A 472 -32.76 13.14 10.47
N HIS A 473 -31.74 13.26 11.31
CA HIS A 473 -31.51 14.47 12.10
C HIS A 473 -30.33 15.30 11.57
N SER A 474 -29.79 14.92 10.42
CA SER A 474 -28.77 15.73 9.75
C SER A 474 -29.39 17.09 9.44
N LYS A 475 -28.97 18.11 10.18
CA LYS A 475 -29.64 19.41 10.11
C LYS A 475 -28.88 20.45 9.27
N ALA A 476 -29.65 21.19 8.49
CA ALA A 476 -29.12 22.14 7.52
C ALA A 476 -29.23 23.55 8.07
N GLU A 477 -28.28 24.39 7.70
CA GLU A 477 -28.14 25.69 8.30
C GLU A 477 -27.31 26.57 7.37
N PHE A 478 -27.54 27.88 7.43
CA PHE A 478 -26.61 28.81 6.83
C PHE A 478 -25.32 28.73 7.66
N ALA A 479 -24.21 28.44 6.98
CA ALA A 479 -22.97 28.09 7.63
C ALA A 479 -21.84 28.02 6.61
N LEU A 480 -20.65 28.38 7.07
CA LEU A 480 -19.44 28.32 6.27
C LEU A 480 -18.58 27.17 6.80
N ASP A 481 -18.27 26.21 5.94
CA ASP A 481 -17.41 25.09 6.32
C ASP A 481 -15.97 25.41 5.96
N LEU A 482 -15.06 24.96 6.81
CA LEU A 482 -13.64 25.11 6.58
C LEU A 482 -12.96 23.78 6.79
N ILE A 483 -12.12 23.37 5.85
CA ILE A 483 -11.33 22.14 5.98
C ILE A 483 -9.89 22.43 5.59
N LEU A 484 -8.95 22.05 6.46
CA LEU A 484 -7.54 22.02 6.11
C LEU A 484 -7.03 20.59 6.23
N TYR A 485 -6.58 20.01 5.11
CA TYR A 485 -6.07 18.64 5.09
C TYR A 485 -4.59 18.58 5.38
N CYS A 486 -4.16 17.53 6.09
CA CYS A 486 -2.75 17.29 6.37
C CYS A 486 -2.42 15.82 6.21
N GLY A 487 -1.21 15.54 5.73
CA GLY A 487 -0.76 14.17 5.59
C GLY A 487 -1.45 13.34 4.52
N CYS A 488 -1.89 13.97 3.44
CA CYS A 488 -2.57 13.24 2.37
C CYS A 488 -1.88 13.46 1.04
N GLU A 489 -0.57 13.26 1.04
CA GLU A 489 0.18 13.33 -0.20
C GLU A 489 -0.11 12.03 -0.93
N GLY A 490 -0.32 12.13 -2.24
CA GLY A 490 -0.61 10.97 -3.06
C GLY A 490 -1.98 10.39 -2.78
N TRP A 491 -2.93 11.24 -2.39
CA TRP A 491 -4.30 10.80 -2.15
C TRP A 491 -5.11 10.97 -3.42
N GLU A 492 -5.95 9.98 -3.74
CA GLU A 492 -6.79 10.00 -4.94
C GLU A 492 -8.28 9.99 -4.55
N PRO A 493 -9.13 10.74 -5.29
CA PRO A 493 -10.59 10.74 -5.03
C PRO A 493 -11.20 9.34 -5.02
N GLU A 494 -10.62 8.43 -5.81
CA GLU A 494 -11.07 7.04 -5.90
C GLU A 494 -10.85 6.27 -4.60
N TYR A 495 -10.12 6.86 -3.66
CA TYR A 495 -9.86 6.23 -2.37
C TYR A 495 -11.03 6.45 -1.40
N GLY A 496 -11.95 7.35 -1.78
CA GLY A 496 -12.94 7.87 -0.86
C GLY A 496 -12.34 8.97 0.00
N GLY A 497 -13.11 9.44 0.99
CA GLY A 497 -12.60 10.42 1.94
C GLY A 497 -12.81 11.85 1.52
N PHE A 498 -13.44 12.04 0.36
CA PHE A 498 -13.81 13.38 -0.09
C PHE A 498 -15.10 13.80 0.60
N THR A 499 -15.27 15.11 0.76
CA THR A 499 -16.49 15.65 1.33
C THR A 499 -17.41 16.05 0.19
N SER A 500 -18.67 15.69 0.31
CA SER A 500 -19.62 15.93 -0.75
C SER A 500 -20.84 16.71 -0.22
N TYR A 501 -21.30 17.67 -1.01
CA TYR A 501 -22.48 18.48 -0.68
C TYR A 501 -23.61 18.17 -1.62
N ILE A 502 -24.81 18.04 -1.09
CA ILE A 502 -25.95 17.64 -1.89
C ILE A 502 -27.20 18.42 -1.49
N ALA A 503 -28.03 18.72 -2.48
CA ALA A 503 -29.29 19.39 -2.21
C ALA A 503 -30.20 18.39 -1.51
N LYS A 504 -30.99 18.89 -0.57
CA LYS A 504 -31.84 18.08 0.29
C LYS A 504 -32.92 17.33 -0.51
N GLY A 505 -32.95 16.00 -0.36
CA GLY A 505 -33.97 15.19 -1.02
C GLY A 505 -33.85 15.18 -2.53
N GLU A 506 -32.62 15.24 -3.04
CA GLU A 506 -32.35 15.17 -4.47
C GLU A 506 -31.01 14.51 -4.71
N ASP A 507 -30.89 13.79 -5.82
CA ASP A 507 -29.63 13.13 -6.19
C ASP A 507 -28.70 14.09 -6.92
N GLU A 508 -29.10 15.36 -7.00
CA GLU A 508 -28.27 16.38 -7.63
C GLU A 508 -27.13 16.74 -6.69
N GLU A 509 -25.93 16.25 -7.02
CA GLU A 509 -24.74 16.56 -6.25
C GLU A 509 -24.22 17.94 -6.62
N LEU A 510 -23.87 18.74 -5.61
CA LEU A 510 -23.53 20.15 -5.82
C LEU A 510 -22.03 20.39 -5.91
N LEU A 511 -21.27 19.67 -5.10
CA LEU A 511 -19.83 19.93 -5.00
C LEU A 511 -19.13 18.81 -4.25
N THR A 512 -17.89 18.55 -4.64
CA THR A 512 -17.05 17.56 -4.00
C THR A 512 -15.70 18.19 -3.64
N VAL A 513 -15.31 18.10 -2.37
CA VAL A 513 -14.02 18.59 -1.93
C VAL A 513 -13.09 17.42 -1.67
N ASN A 514 -11.94 17.40 -2.35
CA ASN A 514 -11.02 16.26 -2.24
C ASN A 514 -9.82 16.50 -1.33
N PRO A 515 -9.41 15.47 -0.56
CA PRO A 515 -8.23 15.63 0.29
C PRO A 515 -6.99 16.07 -0.48
N GLU A 516 -6.47 17.25 -0.14
CA GLU A 516 -5.31 17.81 -0.82
C GLU A 516 -4.41 18.51 0.21
N SER A 517 -3.15 18.11 0.25
CA SER A 517 -2.22 18.53 1.30
C SER A 517 -2.07 20.06 1.38
N ASN A 518 -2.39 20.62 2.54
CA ASN A 518 -2.28 22.05 2.79
C ASN A 518 -3.26 22.90 1.97
N SER A 519 -4.36 22.29 1.53
CA SER A 519 -5.43 23.05 0.86
C SER A 519 -6.47 23.42 1.87
N LEU A 520 -6.82 24.71 1.89
CA LEU A 520 -7.94 25.16 2.69
C LEU A 520 -9.16 25.22 1.77
N ALA A 521 -10.21 24.49 2.13
CA ALA A 521 -11.48 24.54 1.42
C ALA A 521 -12.45 25.38 2.22
N LEU A 522 -13.14 26.30 1.56
CA LEU A 522 -14.21 27.07 2.18
C LEU A 522 -15.50 26.87 1.40
N VAL A 523 -16.58 26.54 2.11
CA VAL A 523 -17.86 26.33 1.47
C VAL A 523 -18.99 26.94 2.29
N TYR A 524 -19.74 27.84 1.68
CA TYR A 524 -20.95 28.39 2.28
C TYR A 524 -22.18 27.54 1.87
N ARG A 525 -22.92 27.03 2.87
CA ARG A 525 -24.12 26.23 2.64
C ARG A 525 -25.36 27.03 2.99
N ASP A 526 -26.50 26.62 2.43
CA ASP A 526 -27.78 27.16 2.86
C ASP A 526 -28.50 26.09 3.67
N ARG A 527 -29.79 26.33 3.94
CA ARG A 527 -30.60 25.44 4.74
C ARG A 527 -31.15 24.26 3.94
N GLU A 528 -30.87 24.24 2.64
CA GLU A 528 -31.34 23.17 1.79
C GLU A 528 -30.18 22.29 1.36
N THR A 529 -29.04 22.43 2.04
CA THR A 529 -27.81 21.74 1.69
C THR A 529 -27.30 20.86 2.82
N LEU A 530 -26.89 19.64 2.47
CA LEU A 530 -26.38 18.69 3.44
C LEU A 530 -25.04 18.16 2.96
N LYS A 531 -24.29 17.51 3.84
CA LYS A 531 -22.96 17.03 3.50
C LYS A 531 -22.57 15.71 4.15
N PHE A 532 -21.60 15.04 3.53
CA PHE A 532 -21.09 13.79 4.07
C PHE A 532 -19.65 13.53 3.64
N VAL A 533 -18.97 12.66 4.38
CA VAL A 533 -17.63 12.20 4.01
C VAL A 533 -17.70 10.75 3.53
N LYS A 534 -17.39 10.53 2.26
CA LYS A 534 -17.63 9.23 1.63
C LYS A 534 -16.69 8.16 2.15
N HIS A 535 -17.26 6.99 2.44
CA HIS A 535 -16.51 5.81 2.90
C HIS A 535 -15.13 5.71 2.27
N ILE A 536 -14.12 5.66 3.11
CA ILE A 536 -12.74 5.46 2.66
C ILE A 536 -12.48 3.97 2.45
N ASN A 537 -12.18 3.61 1.20
CA ASN A 537 -12.07 2.22 0.80
C ASN A 537 -10.62 1.70 0.73
N HIS A 538 -10.47 0.44 0.34
CA HIS A 538 -9.20 -0.27 0.45
C HIS A 538 -8.20 -0.02 -0.70
N ARG A 539 -8.58 0.80 -1.68
CA ARG A 539 -7.61 1.33 -2.63
C ARG A 539 -6.64 2.28 -1.91
N SER A 540 -7.08 2.85 -0.78
CA SER A 540 -6.28 3.82 -0.05
C SER A 540 -5.03 3.18 0.53
N LEU A 541 -4.96 1.85 0.53
CA LEU A 541 -3.75 1.16 0.96
C LEU A 541 -2.58 1.43 0.01
N GLU A 542 -2.89 1.84 -1.21
CA GLU A 542 -1.88 2.21 -2.19
C GLU A 542 -1.05 3.41 -1.71
N GLN A 543 -1.57 4.11 -0.72
CA GLN A 543 -0.89 5.27 -0.14
C GLN A 543 0.47 4.88 0.47
N LYS A 544 0.61 3.62 0.89
CA LYS A 544 1.83 3.16 1.56
C LYS A 544 2.97 2.86 0.58
N LYS A 545 2.66 2.84 -0.70
CA LYS A 545 3.66 2.57 -1.73
C LYS A 545 4.62 3.76 -1.87
N THR A 546 4.21 4.90 -1.32
CA THR A 546 4.97 6.14 -1.44
C THR A 546 5.27 6.74 -0.06
N PHE A 547 4.40 6.45 0.91
CA PHE A 547 4.55 6.97 2.27
C PHE A 547 4.14 5.87 3.25
N PRO A 548 5.00 4.84 3.41
CA PRO A 548 4.66 3.65 4.19
C PRO A 548 4.40 3.93 5.66
N ASN A 549 5.14 4.91 6.20
CA ASN A 549 4.98 5.31 7.58
C ASN A 549 3.81 6.27 7.72
N ARG A 550 2.64 5.85 7.23
CA ARG A 550 1.47 6.72 7.21
C ARG A 550 0.18 5.99 6.84
N THR A 551 -0.85 6.19 7.67
CA THR A 551 -2.14 5.54 7.49
C THR A 551 -3.27 6.56 7.39
N GLY A 552 -3.77 6.77 6.18
CA GLY A 552 -4.85 7.72 5.97
C GLY A 552 -4.37 9.17 6.12
N PHE A 553 -5.27 10.05 6.54
CA PHE A 553 -4.93 11.46 6.64
C PHE A 553 -5.66 12.13 7.80
N TRP A 554 -5.29 13.38 8.08
CA TRP A 554 -5.91 14.16 9.15
C TRP A 554 -6.48 15.44 8.57
N ASP A 555 -7.45 16.02 9.26
CA ASP A 555 -7.90 17.37 8.89
C ASP A 555 -8.39 18.19 10.10
N PHE A 556 -8.35 19.50 9.93
CA PHE A 556 -9.02 20.41 10.83
C PHE A 556 -10.34 20.79 10.19
N SER A 557 -11.44 20.54 10.87
CA SER A 557 -12.76 20.82 10.33
C SER A 557 -13.48 21.80 11.26
N PHE A 558 -13.83 22.96 10.71
CA PHE A 558 -14.37 24.07 11.49
C PHE A 558 -15.61 24.62 10.78
N ILE A 559 -16.59 25.04 11.56
CA ILE A 559 -17.80 25.61 10.99
C ILE A 559 -18.05 26.95 11.67
N TYR A 560 -18.31 27.96 10.85
CA TYR A 560 -18.52 29.32 11.31
C TYR A 560 -19.95 29.74 11.00
N TYR A 561 -20.54 30.51 11.91
CA TYR A 561 -21.89 31.04 11.74
C TYR A 561 -21.89 32.55 11.94
N GLU A 562 -22.66 33.26 11.12
CA GLU A 562 -22.84 34.69 11.30
C GLU A 562 -23.64 35.00 12.56
N ALA B 44 -17.01 -22.34 39.76
CA ALA B 44 -17.54 -21.87 38.47
C ALA B 44 -16.63 -22.25 37.30
N GLU B 45 -16.99 -21.78 36.12
CA GLU B 45 -16.25 -22.08 34.89
C GLU B 45 -16.17 -20.82 34.04
N PHE B 46 -15.35 -20.84 33.00
CA PHE B 46 -15.33 -19.71 32.07
C PHE B 46 -16.44 -19.90 31.04
N SER B 47 -16.74 -18.84 30.31
CA SER B 47 -17.92 -18.78 29.43
C SER B 47 -18.13 -20.04 28.62
N ASP B 48 -19.34 -20.59 28.71
CA ASP B 48 -19.69 -21.82 28.02
C ASP B 48 -19.93 -21.55 26.54
N ALA B 49 -20.14 -20.28 26.20
CA ALA B 49 -20.55 -19.92 24.85
C ALA B 49 -19.39 -19.93 23.84
N VAL B 50 -18.17 -19.73 24.32
CA VAL B 50 -16.99 -19.70 23.45
C VAL B 50 -16.46 -21.11 23.17
N THR B 51 -16.92 -22.08 23.96
CA THR B 51 -16.59 -23.48 23.74
C THR B 51 -17.59 -24.15 22.80
N GLU B 52 -18.65 -23.40 22.44
CA GLU B 52 -19.63 -23.87 21.46
C GLU B 52 -18.90 -24.23 20.16
N GLU B 53 -19.14 -25.45 19.69
CA GLU B 53 -18.39 -26.03 18.58
C GLU B 53 -18.20 -25.09 17.37
N THR B 54 -19.32 -24.62 16.81
CA THR B 54 -19.28 -23.85 15.57
C THR B 54 -18.62 -22.48 15.73
N LEU B 55 -18.78 -21.88 16.91
CA LEU B 55 -18.17 -20.59 17.18
C LEU B 55 -16.66 -20.76 17.37
N LYS B 56 -16.29 -21.82 18.10
CA LYS B 56 -14.90 -22.14 18.35
C LYS B 56 -14.14 -22.38 17.05
N LYS B 57 -14.81 -23.00 16.07
CA LYS B 57 -14.17 -23.29 14.80
C LYS B 57 -14.04 -22.03 13.93
N GLN B 58 -15.01 -21.13 14.02
CA GLN B 58 -14.91 -19.85 13.34
C GLN B 58 -13.70 -19.06 13.84
N VAL B 59 -13.43 -19.19 15.13
CA VAL B 59 -12.35 -18.43 15.78
C VAL B 59 -10.97 -18.97 15.41
N ALA B 60 -10.83 -20.29 15.41
CA ALA B 60 -9.58 -20.95 15.02
C ALA B 60 -9.26 -20.61 13.58
N GLU B 61 -10.31 -20.48 12.77
CA GLU B 61 -10.19 -20.10 11.36
C GLU B 61 -9.69 -18.68 11.23
N ALA B 62 -10.26 -17.77 12.01
CA ALA B 62 -9.88 -16.35 11.99
C ALA B 62 -8.47 -16.17 12.51
N TRP B 63 -8.09 -16.97 13.50
CA TRP B 63 -6.73 -16.95 14.04
C TRP B 63 -5.73 -17.41 12.99
N SER B 64 -5.86 -18.66 12.58
CA SER B 64 -4.91 -19.28 11.67
C SER B 64 -4.77 -18.51 10.35
N ARG B 65 -5.85 -17.85 9.92
CA ARG B 65 -5.84 -17.11 8.66
C ARG B 65 -5.67 -15.60 8.86
N ARG B 66 -5.49 -15.18 10.11
CA ARG B 66 -5.24 -13.78 10.43
C ARG B 66 -6.34 -12.90 9.83
N THR B 67 -7.58 -13.21 10.17
CA THR B 67 -8.72 -12.41 9.74
C THR B 67 -9.45 -11.85 10.97
N PRO B 68 -9.87 -10.58 10.90
CA PRO B 68 -10.62 -10.06 12.05
C PRO B 68 -12.01 -10.69 12.10
N PHE B 69 -12.51 -10.91 13.31
CA PHE B 69 -13.80 -11.55 13.52
C PHE B 69 -14.53 -10.90 14.69
N SER B 70 -15.73 -10.37 14.43
CA SER B 70 -16.50 -9.65 15.44
C SER B 70 -17.77 -10.42 15.79
N HIS B 71 -17.94 -10.71 17.07
CA HIS B 71 -19.04 -11.54 17.55
C HIS B 71 -19.50 -11.11 18.95
N GLU B 72 -20.70 -11.51 19.31
CA GLU B 72 -21.34 -11.16 20.58
C GLU B 72 -20.48 -11.45 21.81
N VAL B 73 -19.81 -12.60 21.81
CA VAL B 73 -19.09 -13.08 22.99
C VAL B 73 -17.59 -13.03 22.83
N ILE B 74 -17.14 -12.57 21.67
CA ILE B 74 -15.71 -12.46 21.41
C ILE B 74 -15.40 -11.59 20.19
N VAL B 75 -14.38 -10.76 20.30
CA VAL B 75 -13.95 -9.91 19.19
C VAL B 75 -12.46 -10.10 18.95
N MET B 76 -12.10 -10.44 17.72
CA MET B 76 -10.70 -10.60 17.34
C MET B 76 -10.33 -9.55 16.30
N ASP B 77 -9.17 -8.93 16.49
CA ASP B 77 -8.64 -7.97 15.53
C ASP B 77 -7.15 -8.26 15.33
N MET B 78 -6.63 -7.88 14.17
CA MET B 78 -5.25 -8.18 13.81
C MET B 78 -4.37 -6.94 13.76
N ASP B 79 -4.99 -5.76 13.87
CA ASP B 79 -4.27 -4.49 13.88
C ASP B 79 -4.21 -3.93 15.31
N PRO B 80 -3.02 -3.50 15.76
CA PRO B 80 -1.73 -3.54 15.07
C PRO B 80 -1.12 -4.94 15.09
N PHE B 81 -1.60 -5.76 16.02
CA PHE B 81 -1.22 -7.17 16.08
C PHE B 81 -2.37 -7.97 16.65
N LEU B 82 -2.26 -9.30 16.61
CA LEU B 82 -3.38 -10.15 16.97
C LEU B 82 -3.74 -9.99 18.45
N HIS B 83 -5.01 -9.68 18.73
CA HIS B 83 -5.52 -9.60 20.09
C HIS B 83 -7.03 -9.84 20.12
N CYS B 84 -7.52 -10.43 21.20
CA CYS B 84 -8.94 -10.79 21.31
C CYS B 84 -9.55 -10.39 22.65
N VAL B 85 -10.83 -10.05 22.62
CA VAL B 85 -11.52 -9.56 23.79
C VAL B 85 -12.75 -10.42 24.04
N ILE B 86 -12.79 -11.03 25.22
CA ILE B 86 -13.94 -11.82 25.64
C ILE B 86 -14.66 -11.12 26.78
N PRO B 87 -15.74 -10.39 26.46
CA PRO B 87 -16.53 -9.80 27.55
C PRO B 87 -17.24 -10.90 28.32
N ASN B 88 -17.38 -10.73 29.62
CA ASN B 88 -18.05 -11.73 30.46
C ASN B 88 -17.38 -13.10 30.37
N PHE B 89 -16.16 -13.15 30.92
CA PHE B 89 -15.31 -14.33 30.84
C PHE B 89 -15.81 -15.45 31.74
N ILE B 90 -16.25 -15.07 32.93
CA ILE B 90 -16.77 -16.03 33.90
C ILE B 90 -18.25 -15.75 34.15
N GLN B 91 -19.06 -16.79 34.07
CA GLN B 91 -20.51 -16.65 34.18
C GLN B 91 -20.93 -16.25 35.59
N SER B 92 -20.50 -17.03 36.58
CA SER B 92 -20.93 -16.82 37.97
C SER B 92 -20.51 -15.47 38.55
N GLN B 93 -21.48 -14.56 38.67
CA GLN B 93 -21.23 -13.23 39.24
C GLN B 93 -20.81 -13.34 40.70
N ASP B 94 -21.39 -14.32 41.39
CA ASP B 94 -21.11 -14.51 42.81
C ASP B 94 -19.67 -14.93 43.04
N PHE B 95 -19.14 -15.71 42.10
CA PHE B 95 -17.77 -16.18 42.18
C PHE B 95 -16.81 -15.00 42.07
N LEU B 96 -17.12 -14.10 41.14
CA LEU B 96 -16.26 -12.96 40.86
C LEU B 96 -16.26 -11.96 42.00
N GLU B 97 -17.44 -11.70 42.56
CA GLU B 97 -17.54 -10.83 43.72
C GLU B 97 -16.75 -11.43 44.86
N GLY B 98 -16.82 -12.76 44.99
CA GLY B 98 -16.12 -13.47 46.04
C GLY B 98 -14.62 -13.52 45.82
N LEU B 99 -14.20 -13.36 44.57
CA LEU B 99 -12.78 -13.36 44.22
C LEU B 99 -12.13 -12.03 44.56
N GLN B 100 -12.79 -10.94 44.19
CA GLN B 100 -12.32 -9.58 44.50
C GLN B 100 -12.10 -9.40 45.99
N LYS B 101 -13.03 -9.92 46.79
CA LYS B 101 -12.94 -9.82 48.24
C LYS B 101 -11.68 -10.53 48.74
N GLU B 102 -11.34 -11.65 48.13
CA GLU B 102 -10.17 -12.42 48.52
C GLU B 102 -8.90 -11.69 48.11
N LEU B 103 -8.87 -11.18 46.89
CA LEU B 103 -7.70 -10.49 46.37
C LEU B 103 -7.43 -9.19 47.11
N MET B 104 -8.47 -8.37 47.26
CA MET B 104 -8.34 -7.07 47.91
C MET B 104 -7.93 -7.21 49.38
N ASN B 105 -8.12 -8.40 49.94
CA ASN B 105 -7.74 -8.67 51.32
C ASN B 105 -6.30 -9.14 51.43
N LEU B 106 -5.67 -9.38 50.28
CA LEU B 106 -4.24 -9.71 50.25
C LEU B 106 -3.38 -8.49 50.55
N ASP B 107 -2.10 -8.73 50.75
CA ASP B 107 -1.16 -7.67 51.06
C ASP B 107 -0.52 -7.19 49.76
N PHE B 108 -0.49 -5.87 49.58
CA PHE B 108 0.04 -5.26 48.37
C PHE B 108 1.32 -4.48 48.63
N HIS B 109 2.35 -4.78 47.82
CA HIS B 109 3.64 -4.11 47.93
C HIS B 109 3.97 -3.33 46.65
N GLU B 110 4.52 -2.14 46.84
CA GLU B 110 4.78 -1.22 45.73
C GLU B 110 5.83 -1.77 44.78
N LYS B 111 5.60 -1.55 43.49
CA LYS B 111 6.58 -1.89 42.46
C LYS B 111 6.93 -0.64 41.70
N TYR B 112 8.23 -0.37 41.57
CA TYR B 112 8.69 0.88 40.96
C TYR B 112 10.00 0.69 40.21
N ASN B 113 10.05 1.25 39.01
CA ASN B 113 11.29 1.39 38.26
C ASN B 113 11.08 2.39 37.11
N ASP B 114 11.95 2.40 36.12
CA ASP B 114 11.82 3.35 35.02
C ASP B 114 10.51 3.12 34.31
N LEU B 115 10.20 1.84 34.06
CA LEU B 115 9.12 1.42 33.20
C LEU B 115 7.73 1.53 33.80
N TYR B 116 7.63 1.36 35.12
CA TYR B 116 6.32 1.27 35.77
C TYR B 116 6.31 1.73 37.22
N LYS B 117 5.09 1.87 37.72
CA LYS B 117 4.83 2.18 39.10
C LYS B 117 3.40 1.70 39.38
N PHE B 118 3.25 0.68 40.21
CA PHE B 118 1.94 0.19 40.61
C PHE B 118 2.11 -0.75 41.80
N GLN B 119 1.00 -1.31 42.28
CA GLN B 119 1.04 -2.24 43.40
C GLN B 119 0.76 -3.64 42.92
N GLN B 120 1.46 -4.61 43.50
CA GLN B 120 1.29 -6.01 43.14
C GLN B 120 1.07 -6.83 44.39
N SER B 121 0.28 -7.89 44.25
CA SER B 121 -0.14 -8.70 45.38
C SER B 121 0.93 -9.71 45.75
N ASP B 122 0.65 -10.47 46.81
CA ASP B 122 1.43 -11.65 47.14
C ASP B 122 1.31 -12.64 45.99
N ASP B 123 2.33 -13.45 45.77
CA ASP B 123 2.32 -14.43 44.68
C ASP B 123 1.08 -15.33 44.79
N LEU B 124 0.52 -15.72 43.66
CA LEU B 124 -0.73 -16.47 43.61
C LEU B 124 -0.51 -17.95 43.33
N LYS B 125 0.76 -18.33 43.11
CA LYS B 125 1.09 -19.69 42.70
C LYS B 125 0.77 -20.70 43.80
N LYS B 126 1.27 -20.45 45.01
CA LYS B 126 1.08 -21.36 46.13
C LYS B 126 -0.10 -20.96 47.01
N ARG B 127 -0.80 -19.89 46.61
CA ARG B 127 -1.93 -19.39 47.39
C ARG B 127 -2.99 -20.49 47.49
N ARG B 128 -3.87 -20.38 48.48
CA ARG B 128 -4.71 -21.51 48.88
C ARG B 128 -6.20 -21.19 49.01
N GLU B 129 -6.57 -19.92 48.89
CA GLU B 129 -7.97 -19.51 48.98
C GLU B 129 -8.78 -20.16 47.85
N PRO B 130 -10.08 -20.42 48.08
CA PRO B 130 -10.88 -21.17 47.11
C PRO B 130 -11.03 -20.51 45.74
N HIS B 131 -11.55 -19.28 45.68
CA HIS B 131 -11.82 -18.62 44.42
C HIS B 131 -10.56 -18.46 43.57
N ILE B 132 -9.44 -18.21 44.24
CA ILE B 132 -8.15 -18.03 43.57
C ILE B 132 -7.66 -19.35 42.98
N SER B 133 -7.72 -20.43 43.78
CA SER B 133 -7.29 -21.75 43.33
C SER B 133 -8.12 -22.20 42.14
N THR B 134 -9.41 -21.85 42.16
CA THR B 134 -10.32 -22.17 41.06
C THR B 134 -9.87 -21.40 39.81
N LEU B 135 -9.56 -20.13 39.99
CA LEU B 135 -9.13 -19.27 38.88
C LEU B 135 -7.87 -19.82 38.21
N ARG B 136 -6.96 -20.37 38.99
CA ARG B 136 -5.76 -21.01 38.45
C ARG B 136 -6.13 -22.17 37.52
N LYS B 137 -7.14 -22.95 37.91
CA LYS B 137 -7.54 -24.11 37.13
C LYS B 137 -8.28 -23.68 35.86
N ILE B 138 -9.14 -22.67 35.97
CA ILE B 138 -9.91 -22.19 34.82
C ILE B 138 -9.00 -21.65 33.72
N LEU B 139 -7.90 -21.02 34.12
CA LEU B 139 -6.98 -20.42 33.18
C LEU B 139 -6.00 -21.43 32.58
N PHE B 140 -5.23 -22.09 33.45
CA PHE B 140 -4.12 -22.92 33.01
C PHE B 140 -4.49 -24.39 32.85
N GLU B 141 -5.78 -24.69 32.82
CA GLU B 141 -6.24 -26.02 32.43
C GLU B 141 -7.30 -25.86 31.34
N ASP B 142 -8.44 -25.29 31.71
CA ASP B 142 -9.59 -25.19 30.82
C ASP B 142 -9.37 -24.22 29.67
N PHE B 143 -9.10 -22.96 29.99
CA PHE B 143 -8.97 -21.93 28.97
C PHE B 143 -7.70 -22.10 28.16
N ARG B 144 -6.65 -22.59 28.82
CA ARG B 144 -5.38 -22.87 28.16
C ARG B 144 -5.57 -23.83 26.99
N SER B 145 -6.31 -24.91 27.24
CA SER B 145 -6.53 -25.94 26.23
C SER B 145 -7.37 -25.37 25.09
N TRP B 146 -8.39 -24.60 25.45
CA TRP B 146 -9.21 -23.93 24.45
C TRP B 146 -8.34 -23.06 23.54
N LEU B 147 -7.43 -22.30 24.14
CA LEU B 147 -6.50 -21.45 23.39
C LEU B 147 -5.58 -22.24 22.47
N SER B 148 -5.03 -23.34 22.98
CA SER B 148 -4.15 -24.21 22.20
C SER B 148 -4.85 -24.72 20.94
N ASP B 149 -6.15 -25.01 21.06
CA ASP B 149 -6.93 -25.54 19.94
C ASP B 149 -7.10 -24.52 18.81
N ILE B 150 -7.44 -23.28 19.16
CA ILE B 150 -7.68 -22.25 18.15
C ILE B 150 -6.39 -21.70 17.54
N SER B 151 -5.32 -21.67 18.35
CA SER B 151 -4.06 -21.05 17.94
C SER B 151 -3.08 -22.08 17.38
N LYS B 152 -3.32 -23.35 17.67
CA LYS B 152 -2.45 -24.44 17.26
C LYS B 152 -1.05 -24.30 17.87
N ILE B 153 -1.03 -23.89 19.14
CA ILE B 153 0.22 -23.76 19.89
C ILE B 153 0.17 -24.66 21.12
N ASP B 154 1.18 -25.52 21.26
CA ASP B 154 1.26 -26.40 22.42
C ASP B 154 1.57 -25.59 23.68
N LEU B 155 0.54 -24.98 24.25
CA LEU B 155 0.71 -24.16 25.44
C LEU B 155 0.93 -25.02 26.68
N GLU B 156 1.85 -24.57 27.53
CA GLU B 156 2.18 -25.29 28.75
C GLU B 156 1.20 -24.98 29.87
N SER B 157 1.11 -25.88 30.84
CA SER B 157 0.27 -25.70 32.01
CA SER B 157 0.26 -25.69 32.01
C SER B 157 0.96 -24.77 33.01
N THR B 158 2.16 -24.33 32.67
CA THR B 158 2.96 -23.47 33.52
C THR B 158 2.14 -22.28 34.03
N ILE B 159 1.99 -22.21 35.35
CA ILE B 159 1.17 -21.17 35.97
C ILE B 159 1.99 -19.91 36.17
N ASP B 160 1.60 -18.87 35.45
CA ASP B 160 2.26 -17.58 35.48
C ASP B 160 1.17 -16.51 35.53
N MET B 161 0.81 -16.08 36.74
CA MET B 161 -0.22 -15.07 36.92
C MET B 161 0.00 -14.25 38.19
N SER B 162 -0.51 -13.02 38.17
CA SER B 162 -0.38 -12.10 39.29
C SER B 162 -1.55 -11.14 39.32
N CYS B 163 -1.71 -10.48 40.47
CA CYS B 163 -2.76 -9.46 40.64
C CYS B 163 -2.08 -8.11 40.80
N ALA B 164 -2.57 -7.13 40.05
CA ALA B 164 -2.02 -5.77 40.09
C ALA B 164 -3.09 -4.74 40.40
N LYS B 165 -2.66 -3.65 41.01
CA LYS B 165 -3.57 -2.57 41.39
C LYS B 165 -2.94 -1.23 40.99
N TYR B 166 -3.56 -0.57 40.03
CA TYR B 166 -3.15 0.76 39.61
C TYR B 166 -4.08 1.79 40.21
N GLU B 167 -3.50 2.84 40.79
CA GLU B 167 -4.25 3.95 41.35
C GLU B 167 -3.70 5.24 40.76
N PHE B 168 -4.12 6.38 41.29
CA PHE B 168 -3.76 7.68 40.71
C PHE B 168 -2.25 7.85 40.50
N THR B 169 -1.87 8.16 39.25
CA THR B 169 -0.47 8.37 38.81
C THR B 169 0.24 7.08 38.39
N ASP B 170 -0.25 5.92 38.83
CA ASP B 170 0.35 4.64 38.46
C ASP B 170 0.27 4.42 36.96
N ALA B 171 1.28 3.74 36.40
CA ALA B 171 1.30 3.46 34.97
C ALA B 171 2.30 2.37 34.62
N LEU B 172 2.18 1.86 33.40
CA LEU B 172 3.10 0.85 32.89
C LEU B 172 3.38 1.22 31.44
N LEU B 173 4.59 1.67 31.17
CA LEU B 173 4.88 2.29 29.88
C LEU B 173 5.19 1.28 28.78
N CYS B 174 5.51 1.79 27.60
CA CYS B 174 5.61 1.00 26.39
C CYS B 174 6.61 -0.15 26.52
N HIS B 175 6.12 -1.38 26.40
CA HIS B 175 6.95 -2.58 26.49
C HIS B 175 6.34 -3.70 25.62
N ASP B 176 7.09 -4.78 25.40
CA ASP B 176 6.63 -5.83 24.49
C ASP B 176 6.39 -7.20 25.17
N ASP B 177 6.52 -7.24 26.50
CA ASP B 177 6.31 -8.46 27.30
C ASP B 177 7.27 -9.59 26.90
N GLU B 178 8.29 -9.26 26.12
CA GLU B 178 9.18 -10.29 25.58
C GLU B 178 10.03 -10.94 26.66
N LEU B 179 10.09 -12.26 26.60
CA LEU B 179 10.84 -13.07 27.55
C LEU B 179 10.83 -14.51 27.06
N GLU B 180 11.85 -15.29 27.43
CA GLU B 180 11.91 -16.69 27.07
C GLU B 180 10.71 -17.41 27.67
N GLY B 181 9.88 -18.00 26.81
CA GLY B 181 8.74 -18.79 27.26
C GLY B 181 7.40 -18.18 26.90
N ARG B 182 7.22 -16.90 27.21
CA ARG B 182 5.93 -16.23 27.01
C ARG B 182 5.49 -16.28 25.56
N ARG B 183 4.24 -16.65 25.34
CA ARG B 183 3.68 -16.77 23.99
C ARG B 183 2.37 -16.01 23.88
N ILE B 184 1.53 -16.16 24.91
CA ILE B 184 0.26 -15.44 24.96
C ILE B 184 0.12 -14.71 26.28
N ALA B 185 -0.28 -13.44 26.19
CA ALA B 185 -0.55 -12.63 27.36
C ALA B 185 -2.05 -12.57 27.60
N PHE B 186 -2.48 -12.64 28.84
CA PHE B 186 -3.88 -12.48 29.19
C PHE B 186 -4.03 -11.48 30.34
N ILE B 187 -5.12 -10.74 30.31
CA ILE B 187 -5.51 -9.89 31.41
C ILE B 187 -7.01 -10.07 31.64
N LEU B 188 -7.37 -10.29 32.90
CA LEU B 188 -8.76 -10.31 33.33
C LEU B 188 -8.99 -9.12 34.26
N TYR B 189 -10.00 -8.32 33.95
CA TYR B 189 -10.27 -7.08 34.67
C TYR B 189 -11.36 -7.23 35.72
N LEU B 190 -11.14 -6.67 36.90
CA LEU B 190 -12.12 -6.70 38.00
C LEU B 190 -12.36 -5.30 38.50
N VAL B 191 -12.61 -4.38 37.57
CA VAL B 191 -12.71 -2.96 37.90
C VAL B 191 -14.16 -2.54 38.14
N PRO B 192 -14.37 -1.43 38.87
CA PRO B 192 -15.68 -0.77 38.92
C PRO B 192 -15.97 -0.07 37.60
N PRO B 193 -17.17 0.53 37.46
CA PRO B 193 -17.51 1.27 36.22
C PRO B 193 -16.36 2.17 35.76
N TRP B 194 -15.87 1.94 34.55
CA TRP B 194 -14.65 2.57 34.07
C TRP B 194 -14.88 3.20 32.71
N ASP B 195 -14.16 4.28 32.45
CA ASP B 195 -14.25 4.97 31.17
C ASP B 195 -12.89 5.58 30.83
N ARG B 196 -12.78 6.10 29.61
CA ARG B 196 -11.50 6.57 29.08
C ARG B 196 -10.89 7.67 29.94
N SER B 197 -11.73 8.52 30.51
CA SER B 197 -11.25 9.68 31.28
C SER B 197 -10.62 9.28 32.63
N MET B 198 -10.66 7.99 32.94
CA MET B 198 -10.09 7.48 34.17
C MET B 198 -8.71 6.87 33.90
N GLY B 199 -8.30 6.92 32.63
CA GLY B 199 -7.02 6.32 32.23
C GLY B 199 -7.02 4.81 32.41
N GLY B 200 -5.84 4.26 32.69
CA GLY B 200 -5.68 2.84 32.86
C GLY B 200 -6.11 2.01 31.65
N THR B 201 -5.96 2.58 30.46
CA THR B 201 -6.34 1.90 29.24
C THR B 201 -5.20 1.03 28.71
N LEU B 202 -5.54 -0.12 28.15
CA LEU B 202 -4.54 -0.96 27.49
C LEU B 202 -4.35 -0.47 26.06
N ASP B 203 -3.23 0.20 25.82
CA ASP B 203 -2.96 0.82 24.52
C ASP B 203 -2.04 -0.08 23.70
N LEU B 204 -2.30 -0.18 22.39
CA LEU B 204 -1.54 -1.04 21.50
C LEU B 204 -0.85 -0.20 20.43
N TYR B 205 0.44 -0.45 20.23
CA TYR B 205 1.23 0.35 19.31
C TYR B 205 1.41 -0.32 17.95
N SER B 206 1.36 0.52 16.91
CA SER B 206 1.81 0.14 15.58
C SER B 206 3.32 0.16 15.58
N ILE B 207 3.91 -0.18 14.43
CA ILE B 207 5.34 -0.43 14.37
C ILE B 207 5.96 0.11 13.08
N ASP B 208 7.24 0.50 13.16
CA ASP B 208 7.95 1.10 12.02
C ASP B 208 8.81 0.08 11.27
N GLU B 209 9.54 0.57 10.28
CA GLU B 209 10.41 -0.27 9.44
C GLU B 209 11.45 -1.07 10.24
N HIS B 210 11.81 -0.57 11.43
CA HIS B 210 12.87 -1.18 12.23
C HIS B 210 12.33 -1.99 13.42
N PHE B 211 11.06 -2.36 13.34
CA PHE B 211 10.40 -3.12 14.41
C PHE B 211 10.41 -2.32 15.72
N GLN B 212 10.37 -1.00 15.59
CA GLN B 212 10.26 -0.10 16.74
C GLN B 212 8.83 0.46 16.84
N PRO B 213 8.31 0.62 18.07
CA PRO B 213 6.97 1.19 18.23
C PRO B 213 6.90 2.62 17.72
N LYS B 214 5.72 3.00 17.25
CA LYS B 214 5.52 4.28 16.58
C LYS B 214 4.48 5.10 17.34
N GLN B 215 3.23 4.70 17.27
CA GLN B 215 2.18 5.39 18.00
C GLN B 215 1.05 4.42 18.36
N ILE B 216 0.18 4.86 19.27
CA ILE B 216 -0.96 4.07 19.73
C ILE B 216 -2.06 4.08 18.68
N VAL B 217 -2.52 2.89 18.31
CA VAL B 217 -3.56 2.76 17.29
C VAL B 217 -4.81 2.05 17.82
N LYS B 218 -4.71 1.44 19.00
CA LYS B 218 -5.86 0.83 19.67
C LYS B 218 -5.74 1.00 21.18
N SER B 219 -6.84 1.46 21.78
CA SER B 219 -6.89 1.69 23.22
C SER B 219 -8.09 0.96 23.80
N LEU B 220 -7.83 -0.14 24.51
CA LEU B 220 -8.87 -0.97 25.10
C LEU B 220 -9.21 -0.51 26.51
N ILE B 221 -10.50 -0.22 26.73
CA ILE B 221 -10.99 0.26 28.01
C ILE B 221 -11.36 -0.94 28.92
N PRO B 222 -10.74 -1.03 30.10
CA PRO B 222 -11.07 -2.15 30.99
C PRO B 222 -12.49 -2.09 31.53
N SER B 223 -13.01 -3.24 31.92
CA SER B 223 -14.35 -3.34 32.48
C SER B 223 -14.54 -4.69 33.16
N TRP B 224 -15.46 -4.72 34.12
CA TRP B 224 -15.69 -5.91 34.93
C TRP B 224 -15.94 -7.19 34.09
N ASN B 225 -15.14 -8.22 34.37
CA ASN B 225 -15.33 -9.56 33.81
C ASN B 225 -14.91 -9.62 32.35
N LYS B 226 -14.19 -8.61 31.90
CA LYS B 226 -13.67 -8.59 30.54
C LYS B 226 -12.28 -9.21 30.54
N LEU B 227 -12.03 -10.14 29.62
CA LEU B 227 -10.70 -10.72 29.44
C LEU B 227 -10.11 -10.41 28.07
N VAL B 228 -8.87 -9.94 28.08
CA VAL B 228 -8.14 -9.60 26.88
C VAL B 228 -6.97 -10.57 26.73
N PHE B 229 -6.64 -10.93 25.50
CA PHE B 229 -5.41 -11.68 25.27
C PHE B 229 -4.81 -11.41 23.89
N PHE B 230 -3.50 -11.56 23.80
CA PHE B 230 -2.81 -11.34 22.54
C PHE B 230 -1.54 -12.16 22.41
N GLU B 231 -1.09 -12.32 21.18
CA GLU B 231 0.14 -13.04 20.87
CA GLU B 231 0.14 -13.06 20.92
C GLU B 231 1.33 -12.19 21.30
N VAL B 232 2.35 -12.82 21.89
CA VAL B 232 3.57 -12.13 22.26
C VAL B 232 4.59 -12.29 21.15
N SER B 233 4.89 -11.19 20.48
CA SER B 233 5.82 -11.16 19.36
C SER B 233 6.76 -9.96 19.48
N PRO B 234 7.75 -9.87 18.58
CA PRO B 234 8.60 -8.68 18.50
C PRO B 234 7.85 -7.39 18.17
N VAL B 235 6.55 -7.47 17.91
CA VAL B 235 5.75 -6.30 17.51
C VAL B 235 4.62 -5.99 18.50
N SER B 236 4.49 -6.81 19.54
CA SER B 236 3.38 -6.67 20.49
C SER B 236 3.66 -5.63 21.58
N PHE B 237 4.03 -4.42 21.15
CA PHE B 237 4.24 -3.31 22.08
C PHE B 237 2.92 -2.77 22.58
N HIS B 238 2.87 -2.49 23.87
CA HIS B 238 1.65 -2.02 24.51
C HIS B 238 2.02 -1.34 25.80
N GLN B 239 1.03 -0.69 26.40
CA GLN B 239 1.22 -0.05 27.70
C GLN B 239 -0.09 0.01 28.48
N VAL B 240 0.02 0.39 29.75
CA VAL B 240 -1.15 0.73 30.56
C VAL B 240 -1.08 2.22 30.88
N SER B 241 -1.89 3.01 30.18
CA SER B 241 -1.85 4.46 30.35
C SER B 241 -2.07 4.84 31.81
N GLU B 242 -1.55 6.00 32.19
CA GLU B 242 -1.64 6.49 33.56
C GLU B 242 -3.09 6.53 34.05
N VAL B 243 -3.32 6.11 35.30
CA VAL B 243 -4.64 6.21 35.91
C VAL B 243 -4.88 7.64 36.38
N LEU B 244 -6.01 8.21 35.96
CA LEU B 244 -6.32 9.61 36.23
C LEU B 244 -7.37 9.74 37.34
N SER B 245 -8.11 8.68 37.57
CA SER B 245 -9.06 8.64 38.67
C SER B 245 -8.33 8.81 40.01
N GLU B 246 -8.82 9.71 40.86
CA GLU B 246 -8.22 9.94 42.16
C GLU B 246 -8.96 9.18 43.23
N GLU B 247 -10.14 8.67 42.88
CA GLU B 247 -11.00 7.96 43.81
C GLU B 247 -10.92 6.45 43.62
N LYS B 248 -11.03 5.99 42.38
CA LYS B 248 -11.14 4.55 42.09
C LYS B 248 -9.79 3.85 41.89
N SER B 249 -9.85 2.53 41.84
CA SER B 249 -8.68 1.67 41.76
C SER B 249 -8.87 0.61 40.67
N ARG B 250 -7.80 0.35 39.91
CA ARG B 250 -7.86 -0.52 38.74
C ARG B 250 -7.28 -1.88 39.09
N LEU B 251 -8.15 -2.84 39.40
CA LEU B 251 -7.73 -4.17 39.83
C LEU B 251 -7.74 -5.16 38.65
N SER B 252 -6.67 -5.94 38.51
CA SER B 252 -6.52 -6.84 37.36
C SER B 252 -5.83 -8.15 37.75
N ILE B 253 -6.10 -9.20 36.99
CA ILE B 253 -5.34 -10.44 37.04
C ILE B 253 -4.68 -10.59 35.68
N SER B 254 -3.36 -10.68 35.67
CA SER B 254 -2.60 -10.69 34.41
C SER B 254 -1.52 -11.76 34.46
N GLY B 255 -1.16 -12.28 33.29
CA GLY B 255 -0.10 -13.28 33.20
C GLY B 255 0.16 -13.75 31.78
N TRP B 256 0.89 -14.86 31.66
CA TRP B 256 1.21 -15.41 30.35
C TRP B 256 1.08 -16.92 30.32
N PHE B 257 0.59 -17.44 29.20
CA PHE B 257 0.72 -18.86 28.91
C PHE B 257 2.06 -19.06 28.20
N HIS B 258 2.78 -20.09 28.63
CA HIS B 258 4.11 -20.36 28.08
C HIS B 258 4.03 -21.40 26.99
N GLY B 259 5.01 -21.37 26.10
CA GLY B 259 5.08 -22.31 25.00
C GLY B 259 6.47 -22.33 24.36
N PRO B 260 6.57 -22.88 23.15
CA PRO B 260 7.83 -22.93 22.40
C PRO B 260 8.43 -21.53 22.23
N SER B 261 9.65 -21.34 22.74
CA SER B 261 10.30 -20.03 22.72
C SER B 261 10.51 -19.50 21.31
N LEU B 262 10.16 -18.24 21.10
CA LEU B 262 10.56 -17.52 19.91
C LEU B 262 11.84 -16.77 20.20
N THR B 263 12.68 -16.58 19.19
CA THR B 263 13.90 -15.80 19.34
C THR B 263 13.70 -14.43 18.70
N ARG B 264 13.95 -13.38 19.46
CA ARG B 264 13.80 -12.01 18.98
C ARG B 264 14.79 -11.80 17.82
N PRO B 265 14.39 -11.02 16.80
CA PRO B 265 15.35 -10.69 15.74
C PRO B 265 16.53 -9.87 16.27
N PRO B 266 17.55 -9.64 15.43
CA PRO B 266 18.71 -8.87 15.91
C PRO B 266 18.31 -7.45 16.29
N ASN B 267 18.80 -6.98 17.43
CA ASN B 267 18.51 -5.64 17.89
C ASN B 267 18.93 -4.59 16.86
N TYR B 268 18.31 -3.42 16.93
CA TYR B 268 18.52 -2.34 15.97
C TYR B 268 19.10 -1.10 16.65
N PHE B 269 20.31 -0.70 16.26
CA PHE B 269 20.99 0.44 16.88
C PHE B 269 20.64 1.76 16.19
N GLU B 270 20.02 2.66 16.94
CA GLU B 270 19.77 4.02 16.47
C GLU B 270 21.05 4.72 16.01
N PRO B 271 20.91 5.75 15.15
CA PRO B 271 22.08 6.56 14.79
C PRO B 271 22.63 7.29 16.01
N PRO B 272 23.95 7.20 16.27
CA PRO B 272 24.54 7.95 17.38
C PRO B 272 24.38 9.46 17.23
N ILE B 273 24.26 10.15 18.35
CA ILE B 273 24.20 11.60 18.36
C ILE B 273 25.58 12.17 18.00
N PRO B 274 25.62 13.15 17.08
CA PRO B 274 26.91 13.79 16.77
C PRO B 274 27.55 14.45 17.99
N ARG B 275 28.85 14.23 18.17
CA ARG B 275 29.64 14.87 19.23
C ARG B 275 30.53 15.94 18.61
N SER B 276 31.01 16.88 19.43
CA SER B 276 31.82 17.98 18.92
C SER B 276 32.84 18.45 19.96
N PRO B 277 34.04 18.85 19.50
CA PRO B 277 35.07 19.38 20.40
C PRO B 277 34.76 20.82 20.82
N HIS B 278 35.48 21.37 21.78
CA HIS B 278 35.12 22.68 22.31
C HIS B 278 35.16 23.73 21.21
N ILE B 279 34.43 24.83 21.43
CA ILE B 279 34.51 25.98 20.54
C ILE B 279 35.57 26.94 21.08
N PRO B 280 36.62 27.22 20.28
CA PRO B 280 37.69 28.11 20.77
C PRO B 280 37.15 29.43 21.30
N GLN B 281 37.75 29.95 22.37
CA GLN B 281 37.34 31.22 22.91
C GLN B 281 37.77 32.40 22.02
N ASP B 282 36.87 33.37 21.85
CA ASP B 282 37.11 34.60 21.10
C ASP B 282 36.75 35.80 21.97
N HIS B 283 35.82 35.58 22.91
CA HIS B 283 35.41 36.59 23.89
C HIS B 283 35.17 35.88 25.22
N GLU B 284 35.56 36.49 26.33
CA GLU B 284 35.41 35.82 27.63
C GLU B 284 33.94 35.74 28.03
N ILE B 285 33.48 34.50 28.19
CA ILE B 285 32.06 34.20 28.22
C ILE B 285 31.60 33.74 29.60
N LEU B 286 32.51 33.13 30.36
CA LEU B 286 32.16 32.67 31.70
C LEU B 286 31.78 33.84 32.62
N TYR B 287 32.55 34.91 32.54
CA TYR B 287 32.33 36.06 33.41
C TYR B 287 30.94 36.64 33.19
N ASP B 288 30.48 36.62 31.93
CA ASP B 288 29.18 37.16 31.55
C ASP B 288 28.00 36.31 32.01
N TRP B 289 28.23 35.00 32.15
CA TRP B 289 27.16 34.03 32.40
C TRP B 289 27.17 33.41 33.80
N ILE B 290 28.36 33.16 34.35
CA ILE B 290 28.46 32.38 35.58
C ILE B 290 28.53 33.21 36.86
N ASN B 291 27.82 32.74 37.87
CA ASN B 291 27.96 33.21 39.24
C ASN B 291 29.45 33.31 39.61
N PRO B 292 29.92 34.51 40.02
CA PRO B 292 31.36 34.69 40.28
C PRO B 292 31.92 33.73 41.33
N THR B 293 31.07 33.24 42.22
CA THR B 293 31.52 32.31 43.24
C THR B 293 32.14 31.08 42.60
N TYR B 294 31.55 30.62 41.50
CA TYR B 294 32.00 29.38 40.89
C TYR B 294 33.26 29.56 40.03
N LEU B 295 33.69 30.80 39.86
CA LEU B 295 34.88 31.11 39.05
C LEU B 295 36.11 31.41 39.91
N ASP B 296 35.97 31.18 41.22
CA ASP B 296 37.06 31.40 42.16
C ASP B 296 37.74 30.07 42.50
N MET B 297 39.06 30.03 42.36
CA MET B 297 39.81 28.79 42.48
C MET B 297 39.63 28.11 43.85
N ASP B 298 39.63 28.92 44.91
CA ASP B 298 39.46 28.38 46.26
C ASP B 298 38.14 27.61 46.40
N TYR B 299 37.09 28.13 45.77
CA TYR B 299 35.80 27.48 45.84
C TYR B 299 35.79 26.21 45.01
N GLN B 300 36.58 26.22 43.92
CA GLN B 300 36.64 25.10 43.02
C GLN B 300 37.31 23.86 43.65
N VAL B 301 38.21 24.07 44.62
CA VAL B 301 38.86 22.93 45.24
C VAL B 301 37.85 22.22 46.15
N GLN B 302 36.97 23.00 46.78
CA GLN B 302 35.89 22.45 47.60
C GLN B 302 34.99 21.56 46.77
N ILE B 303 34.61 22.06 45.60
CA ILE B 303 33.75 21.33 44.67
C ILE B 303 34.40 20.03 44.19
N GLN B 304 35.67 20.13 43.80
CA GLN B 304 36.37 18.96 43.27
C GLN B 304 36.55 17.89 44.36
N GLU B 305 36.85 18.33 45.59
CA GLU B 305 37.01 17.38 46.68
C GLU B 305 35.69 16.66 46.92
N GLU B 306 34.58 17.40 46.80
CA GLU B 306 33.26 16.83 47.01
C GLU B 306 32.93 15.88 45.87
N PHE B 307 33.39 16.25 44.66
CA PHE B 307 33.12 15.45 43.47
C PHE B 307 33.93 14.17 43.41
N GLU B 308 35.15 14.19 43.93
CA GLU B 308 36.00 13.01 43.94
C GLU B 308 35.49 12.00 44.97
N GLU B 309 34.71 12.47 45.93
CA GLU B 309 34.14 11.60 46.95
C GLU B 309 32.94 10.82 46.40
N SER B 310 32.05 11.51 45.70
CA SER B 310 30.75 10.96 45.35
C SER B 310 30.43 10.95 43.86
N SER B 311 31.32 11.52 43.05
CA SER B 311 31.13 11.55 41.59
C SER B 311 29.83 12.25 41.17
N GLU B 312 29.31 13.10 42.04
CA GLU B 312 28.07 13.83 41.75
C GLU B 312 28.12 15.13 42.53
N ILE B 313 27.61 16.20 41.93
CA ILE B 313 27.49 17.46 42.64
C ILE B 313 26.35 18.33 42.13
N LEU B 314 25.86 19.19 43.01
CA LEU B 314 24.83 20.14 42.66
C LEU B 314 25.32 21.57 42.93
N LEU B 315 25.33 22.41 41.89
CA LEU B 315 25.67 23.82 42.04
C LEU B 315 24.43 24.70 41.91
N LYS B 316 23.95 25.21 43.04
CA LYS B 316 22.74 26.03 43.04
C LYS B 316 23.01 27.44 42.53
N GLU B 317 21.98 28.06 41.95
CA GLU B 317 22.07 29.43 41.43
C GLU B 317 23.32 29.58 40.56
N PHE B 318 23.39 28.77 39.52
CA PHE B 318 24.62 28.67 38.74
C PHE B 318 24.82 29.83 37.78
N LEU B 319 23.77 30.25 37.09
CA LEU B 319 23.84 31.39 36.18
C LEU B 319 23.56 32.70 36.89
N LYS B 320 24.18 33.78 36.41
CA LYS B 320 23.90 35.10 36.94
C LYS B 320 22.42 35.41 36.74
N PRO B 321 21.78 36.07 37.72
CA PRO B 321 20.33 36.33 37.69
C PRO B 321 19.82 36.95 36.40
N GLU B 322 20.50 37.97 35.89
CA GLU B 322 20.04 38.70 34.71
C GLU B 322 20.09 37.82 33.46
N LYS B 323 21.05 36.90 33.41
CA LYS B 323 21.14 35.97 32.30
C LYS B 323 20.07 34.90 32.42
N PHE B 324 19.79 34.49 33.65
CA PHE B 324 18.87 33.39 33.88
C PHE B 324 17.44 33.81 33.59
N THR B 325 17.08 35.02 34.00
CA THR B 325 15.74 35.53 33.75
C THR B 325 15.53 35.74 32.27
N LYS B 326 16.55 36.26 31.59
CA LYS B 326 16.46 36.50 30.15
C LYS B 326 16.26 35.17 29.42
N VAL B 327 16.73 34.08 30.02
CA VAL B 327 16.62 32.77 29.42
C VAL B 327 15.24 32.16 29.66
N CYS B 328 14.76 32.28 30.89
CA CYS B 328 13.42 31.80 31.23
C CYS B 328 12.37 32.59 30.47
N GLU B 329 12.74 33.81 30.08
CA GLU B 329 11.84 34.70 29.38
C GLU B 329 11.77 34.28 27.92
N ALA B 330 12.92 33.88 27.39
CA ALA B 330 13.01 33.49 25.98
C ALA B 330 12.31 32.16 25.72
N LEU B 331 12.44 31.24 26.67
CA LEU B 331 11.80 29.93 26.57
C LEU B 331 10.29 30.07 26.64
N GLU B 332 9.83 31.05 27.41
CA GLU B 332 8.40 31.23 27.66
C GLU B 332 7.74 32.04 26.54
N HIS B 333 8.41 33.10 26.09
CA HIS B 333 7.79 34.06 25.17
C HIS B 333 8.47 34.13 23.81
N GLY B 334 9.53 33.35 23.60
CA GLY B 334 10.42 33.57 22.48
C GLY B 334 10.23 32.73 21.23
N HIS B 335 9.08 32.06 21.09
CA HIS B 335 8.79 31.28 19.89
C HIS B 335 9.91 30.27 19.64
N VAL B 336 9.93 29.20 20.42
CA VAL B 336 10.92 28.14 20.28
C VAL B 336 10.30 26.94 19.58
N GLU B 337 11.02 26.38 18.62
CA GLU B 337 10.52 25.26 17.84
C GLU B 337 10.78 23.95 18.60
N TRP B 338 9.72 23.35 19.13
CA TRP B 338 9.82 22.08 19.85
C TRP B 338 9.33 20.92 18.98
N SER B 339 10.07 19.81 19.03
CA SER B 339 9.67 18.59 18.33
C SER B 339 9.69 17.39 19.27
N SER B 340 8.67 16.56 19.19
CA SER B 340 8.57 15.38 20.04
C SER B 340 9.53 14.31 19.58
N ARG B 341 10.28 13.76 20.53
CA ARG B 341 11.25 12.72 20.27
C ARG B 341 10.73 11.35 20.68
N GLY B 342 10.97 10.35 19.83
CA GLY B 342 10.60 8.97 20.11
C GLY B 342 11.80 8.06 19.91
N PRO B 343 11.59 6.74 19.80
CA PRO B 343 10.29 6.03 19.88
C PRO B 343 9.85 5.74 21.31
N PRO B 344 8.56 5.47 21.51
CA PRO B 344 7.95 5.41 22.84
C PRO B 344 8.49 4.32 23.77
N ASN B 345 9.31 3.39 23.26
CA ASN B 345 9.89 2.34 24.10
C ASN B 345 11.28 2.73 24.57
N LYS B 346 11.66 3.98 24.33
CA LYS B 346 12.94 4.52 24.73
C LYS B 346 12.81 5.91 25.37
N ARG B 347 11.98 6.77 24.77
CA ARG B 347 11.86 8.14 25.23
C ARG B 347 10.59 8.80 24.73
N PHE B 348 10.20 9.86 25.41
CA PHE B 348 9.17 10.76 24.93
C PHE B 348 9.32 12.11 25.64
N TYR B 349 9.86 13.08 24.92
CA TYR B 349 10.02 14.46 25.41
C TYR B 349 10.15 15.41 24.22
N GLU B 350 10.19 16.71 24.50
CA GLU B 350 10.35 17.72 23.44
C GLU B 350 11.77 18.25 23.41
N LYS B 351 12.31 18.36 22.19
CA LYS B 351 13.66 18.85 21.96
C LYS B 351 13.60 20.06 21.03
N ALA B 352 14.44 21.06 21.29
CA ALA B 352 14.44 22.29 20.54
C ALA B 352 15.29 22.20 19.27
N GLU B 353 14.84 22.89 18.22
CA GLU B 353 15.64 23.03 16.99
C GLU B 353 16.63 24.17 17.21
N GLU B 354 17.90 23.81 17.29
CA GLU B 354 18.94 24.73 17.72
C GLU B 354 19.15 25.91 16.78
N SER B 355 19.17 25.63 15.48
CA SER B 355 19.49 26.66 14.49
C SER B 355 18.41 27.74 14.37
N LYS B 356 17.32 27.60 15.12
CA LYS B 356 16.19 28.52 15.02
C LYS B 356 15.85 29.16 16.38
N LEU B 357 16.79 29.09 17.32
CA LEU B 357 16.56 29.62 18.67
C LEU B 357 16.70 31.14 18.72
N PRO B 358 16.08 31.77 19.73
CA PRO B 358 16.40 33.17 20.03
C PRO B 358 17.89 33.31 20.33
N GLU B 359 18.44 34.51 20.17
CA GLU B 359 19.89 34.68 20.26
C GLU B 359 20.42 34.31 21.64
N ILE B 360 19.68 34.67 22.68
CA ILE B 360 20.09 34.42 24.05
C ILE B 360 20.31 32.92 24.29
N LEU B 361 19.41 32.10 23.75
CA LEU B 361 19.48 30.66 23.96
C LEU B 361 20.50 30.01 23.03
N LYS B 362 20.73 30.63 21.89
CA LYS B 362 21.81 30.21 21.02
C LYS B 362 23.13 30.38 21.76
N GLU B 363 23.21 31.47 22.51
CA GLU B 363 24.45 31.89 23.18
C GLU B 363 24.68 31.06 24.44
N CYS B 364 23.60 30.75 25.15
CA CYS B 364 23.69 29.87 26.31
C CYS B 364 24.18 28.48 25.88
N MET B 365 23.76 28.03 24.69
CA MET B 365 24.23 26.76 24.16
C MET B 365 25.72 26.85 23.82
N LYS B 366 26.16 28.01 23.36
CA LYS B 366 27.57 28.19 23.05
C LYS B 366 28.41 28.17 24.31
N LEU B 367 27.86 28.70 25.41
CA LEU B 367 28.54 28.69 26.70
C LEU B 367 28.91 27.26 27.07
N PHE B 368 27.97 26.34 26.87
CA PHE B 368 28.19 24.94 27.26
C PHE B 368 29.06 24.17 26.28
N ARG B 369 29.40 24.79 25.14
CA ARG B 369 30.28 24.17 24.14
C ARG B 369 31.64 24.87 24.13
N SER B 370 31.79 25.90 24.95
CA SER B 370 32.95 26.79 24.87
C SER B 370 34.19 26.18 25.53
N GLU B 371 35.36 26.55 25.01
CA GLU B 371 36.65 26.11 25.54
C GLU B 371 36.77 26.37 27.04
N ALA B 372 36.48 27.60 27.45
CA ALA B 372 36.58 28.01 28.86
C ALA B 372 35.71 27.16 29.77
N LEU B 373 34.58 26.67 29.26
CA LEU B 373 33.72 25.82 30.08
C LEU B 373 34.25 24.40 30.18
N PHE B 374 34.81 23.87 29.09
CA PHE B 374 35.48 22.58 29.15
C PHE B 374 36.56 22.62 30.26
N LEU B 375 37.33 23.70 30.30
CA LEU B 375 38.39 23.82 31.30
C LEU B 375 37.78 23.93 32.70
N LEU B 376 36.69 24.68 32.80
CA LEU B 376 36.03 24.91 34.08
C LEU B 376 35.51 23.60 34.70
N LEU B 377 34.85 22.78 33.89
CA LEU B 377 34.37 21.49 34.33
C LEU B 377 35.51 20.58 34.77
N SER B 378 36.66 20.70 34.11
CA SER B 378 37.86 19.97 34.54
C SER B 378 38.22 20.35 35.98
N ASN B 379 38.22 21.64 36.28
CA ASN B 379 38.54 22.13 37.63
C ASN B 379 37.48 21.72 38.67
N PHE B 380 36.25 21.51 38.23
CA PHE B 380 35.18 21.03 39.11
C PHE B 380 35.29 19.54 39.38
N THR B 381 35.72 18.77 38.38
CA THR B 381 35.60 17.32 38.44
C THR B 381 36.93 16.60 38.64
N GLY B 382 38.00 17.11 38.03
CA GLY B 382 39.27 16.42 38.00
C GLY B 382 39.45 15.63 36.71
N LEU B 383 38.50 15.75 35.79
CA LEU B 383 38.59 15.08 34.51
C LEU B 383 39.35 15.93 33.50
N LYS B 384 40.02 15.27 32.57
CA LYS B 384 40.80 15.94 31.55
C LYS B 384 39.89 16.30 30.37
N LEU B 385 39.23 17.44 30.45
CA LEU B 385 38.35 17.92 29.37
C LEU B 385 39.01 19.04 28.56
N HIS B 386 40.23 19.40 28.91
CA HIS B 386 40.95 20.45 28.20
C HIS B 386 42.45 20.13 28.26
N PHE B 387 43.18 20.54 27.23
CA PHE B 387 44.59 20.15 27.12
C PHE B 387 45.50 20.81 28.16
N LEU B 388 44.97 21.77 28.91
CA LEU B 388 45.74 22.48 29.94
C LEU B 388 45.26 22.08 31.31
N ALA B 389 44.38 21.10 31.38
CA ALA B 389 43.88 20.59 32.65
C ALA B 389 44.84 19.50 33.12
N PRO B 390 45.07 19.41 34.45
CA PRO B 390 45.94 18.40 35.08
C PRO B 390 45.69 16.97 34.61
N SER B 391 46.76 16.18 34.56
CA SER B 391 46.71 14.79 34.14
C SER B 391 46.38 13.88 35.32
CA SER B 450 46.28 11.34 22.35
C SER B 450 44.79 11.42 22.00
N SER B 451 43.98 11.81 22.98
CA SER B 451 42.53 11.91 22.82
C SER B 451 42.07 13.36 22.70
N VAL B 452 40.80 13.57 22.36
CA VAL B 452 40.27 14.90 22.12
C VAL B 452 38.86 15.08 22.69
N PRO B 453 38.72 15.76 23.84
CA PRO B 453 37.44 15.88 24.54
C PRO B 453 36.28 16.31 23.64
N MET B 454 35.10 15.72 23.84
CA MET B 454 33.93 16.02 22.99
C MET B 454 32.70 16.23 23.85
N CYS B 455 31.67 16.82 23.25
CA CYS B 455 30.41 17.00 23.95
C CYS B 455 29.23 16.91 22.98
N GLN B 456 28.07 16.59 23.53
CA GLN B 456 26.81 16.71 22.82
C GLN B 456 25.86 17.45 23.76
N GLY B 457 24.85 18.12 23.20
CA GLY B 457 23.98 18.95 23.99
C GLY B 457 22.64 19.19 23.35
N GLU B 458 21.63 19.35 24.21
CA GLU B 458 20.28 19.59 23.74
C GLU B 458 19.53 20.45 24.76
N LEU B 459 18.54 21.17 24.27
CA LEU B 459 17.64 21.96 25.09
C LEU B 459 16.30 21.22 25.09
N ARG B 460 15.79 20.91 26.27
CA ARG B 460 14.66 20.00 26.41
C ARG B 460 13.50 20.66 27.15
N HIS B 461 12.28 20.33 26.74
CA HIS B 461 11.08 20.74 27.45
C HIS B 461 10.35 19.51 27.98
N TRP B 462 10.06 19.53 29.28
CA TRP B 462 9.44 18.39 29.98
C TRP B 462 8.06 18.76 30.49
N LYS B 463 7.05 17.99 30.10
CA LYS B 463 5.69 18.21 30.57
C LYS B 463 5.03 16.86 30.91
N THR B 464 3.77 16.90 31.32
CA THR B 464 3.04 15.70 31.71
C THR B 464 3.03 14.68 30.58
N GLY B 465 3.29 13.42 30.92
CA GLY B 465 3.32 12.36 29.93
C GLY B 465 4.71 12.02 29.40
N HIS B 466 5.69 12.87 29.68
CA HIS B 466 7.04 12.69 29.14
C HIS B 466 7.85 11.74 30.00
N TYR B 467 8.89 11.14 29.43
CA TYR B 467 9.69 10.16 30.15
C TYR B 467 10.89 9.70 29.34
N THR B 468 11.81 8.99 30.00
CA THR B 468 12.76 8.12 29.29
C THR B 468 12.77 6.73 29.93
N LEU B 469 13.21 5.73 29.17
CA LEU B 469 13.33 4.35 29.64
C LEU B 469 14.71 3.79 29.38
N ILE B 470 15.13 2.84 30.20
CA ILE B 470 16.31 2.04 29.88
C ILE B 470 15.93 1.10 28.73
N HIS B 471 16.83 0.91 27.77
CA HIS B 471 16.59 -0.05 26.69
C HIS B 471 17.84 -0.88 26.37
N ASP B 472 17.64 -1.92 25.56
CA ASP B 472 18.70 -2.87 25.23
C ASP B 472 19.99 -2.20 24.79
N HIS B 473 19.85 -1.07 24.11
CA HIS B 473 21.01 -0.34 23.58
C HIS B 473 21.38 0.88 24.40
N SER B 474 20.77 1.05 25.58
CA SER B 474 21.17 2.13 26.47
C SER B 474 22.67 2.02 26.64
N LYS B 475 23.40 2.96 26.04
CA LYS B 475 24.84 2.85 25.95
C LYS B 475 25.48 3.17 27.29
N ALA B 476 26.33 2.24 27.74
CA ALA B 476 27.09 2.41 28.96
C ALA B 476 28.52 2.81 28.62
N GLU B 477 28.93 3.96 29.13
CA GLU B 477 30.13 4.62 28.68
C GLU B 477 30.63 5.52 29.78
N PHE B 478 31.93 5.78 29.81
CA PHE B 478 32.47 6.82 30.68
C PHE B 478 32.06 8.17 30.11
N ALA B 479 31.40 8.98 30.91
CA ALA B 479 30.93 10.28 30.45
C ALA B 479 30.53 11.15 31.63
N LEU B 480 30.56 12.47 31.42
CA LEU B 480 30.11 13.43 32.42
C LEU B 480 28.80 14.05 31.97
N ASP B 481 27.73 13.83 32.73
CA ASP B 481 26.44 14.48 32.44
C ASP B 481 26.36 15.86 33.08
N LEU B 482 25.64 16.76 32.43
CA LEU B 482 25.41 18.10 32.94
C LEU B 482 23.96 18.50 32.69
N ILE B 483 23.30 19.00 33.73
CA ILE B 483 21.93 19.47 33.58
C ILE B 483 21.76 20.85 34.22
N LEU B 484 21.20 21.79 33.46
CA LEU B 484 20.80 23.07 34.02
C LEU B 484 19.29 23.24 33.90
N TYR B 485 18.60 23.22 35.03
CA TYR B 485 17.15 23.34 35.04
C TYR B 485 16.68 24.78 34.98
N CYS B 486 15.56 25.02 34.29
CA CYS B 486 14.95 26.35 34.19
C CYS B 486 13.43 26.24 34.21
N GLY B 487 12.78 27.07 35.01
CA GLY B 487 11.33 27.17 35.00
C GLY B 487 10.61 26.04 35.72
N CYS B 488 11.24 25.50 36.74
CA CYS B 488 10.68 24.37 37.48
C CYS B 488 10.32 24.77 38.90
N GLU B 489 9.75 25.96 39.04
CA GLU B 489 9.30 26.42 40.36
C GLU B 489 8.04 25.68 40.76
N GLY B 490 7.96 25.29 42.03
CA GLY B 490 6.82 24.55 42.53
C GLY B 490 6.85 23.09 42.14
N TRP B 491 8.00 22.63 41.63
CA TRP B 491 8.13 21.24 41.21
C TRP B 491 8.39 20.33 42.40
N GLU B 492 7.80 19.15 42.35
CA GLU B 492 7.93 18.17 43.43
C GLU B 492 8.41 16.85 42.82
N PRO B 493 9.20 16.07 43.60
CA PRO B 493 9.61 14.75 43.13
C PRO B 493 8.42 13.84 42.84
N GLU B 494 7.30 14.10 43.52
CA GLU B 494 6.08 13.29 43.37
C GLU B 494 5.49 13.41 41.97
N TYR B 495 5.87 14.44 41.23
CA TYR B 495 5.35 14.69 39.89
C TYR B 495 6.05 13.84 38.83
N GLY B 496 7.16 13.22 39.19
CA GLY B 496 8.07 12.64 38.21
C GLY B 496 8.97 13.73 37.64
N GLY B 497 9.76 13.39 36.62
CA GLY B 497 10.58 14.38 35.94
C GLY B 497 11.99 14.48 36.49
N PHE B 498 12.26 13.73 37.56
CA PHE B 498 13.60 13.68 38.14
C PHE B 498 14.45 12.65 37.40
N THR B 499 15.77 12.89 37.40
CA THR B 499 16.72 12.01 36.75
C THR B 499 17.34 11.06 37.76
N SER B 500 17.16 9.77 37.52
CA SER B 500 17.63 8.75 38.44
C SER B 500 18.74 7.93 37.79
N TYR B 501 19.80 7.65 38.57
CA TYR B 501 20.92 6.81 38.11
C TYR B 501 20.87 5.47 38.83
N ILE B 502 21.03 4.40 38.07
CA ILE B 502 20.98 3.06 38.64
C ILE B 502 22.14 2.23 38.12
N ALA B 503 22.49 1.19 38.88
CA ALA B 503 23.54 0.27 38.46
C ALA B 503 22.96 -0.79 37.51
N LYS B 504 23.71 -1.07 36.44
CA LYS B 504 23.32 -2.08 35.46
C LYS B 504 23.06 -3.43 36.13
N GLY B 505 21.88 -4.00 35.88
CA GLY B 505 21.53 -5.30 36.45
C GLY B 505 21.26 -5.22 37.94
N GLU B 506 20.76 -4.08 38.39
CA GLU B 506 20.36 -3.90 39.78
C GLU B 506 19.13 -3.01 39.91
N ASP B 507 18.51 -3.09 41.09
CA ASP B 507 17.36 -2.26 41.43
C ASP B 507 17.74 -1.34 42.59
N GLU B 508 19.02 -1.35 42.96
CA GLU B 508 19.56 -0.40 43.91
C GLU B 508 19.83 0.90 43.17
N GLU B 509 19.22 1.98 43.66
CA GLU B 509 19.32 3.29 43.03
C GLU B 509 20.53 4.05 43.56
N LEU B 510 21.35 4.60 42.66
CA LEU B 510 22.58 5.27 43.06
C LEU B 510 22.37 6.72 43.42
N LEU B 511 21.55 7.40 42.63
CA LEU B 511 21.38 8.84 42.77
C LEU B 511 20.12 9.30 42.07
N THR B 512 19.53 10.35 42.62
CA THR B 512 18.39 11.01 41.98
C THR B 512 18.65 12.51 41.95
N VAL B 513 18.45 13.11 40.78
CA VAL B 513 18.57 14.55 40.58
C VAL B 513 17.19 15.16 40.38
N ASN B 514 16.81 16.07 41.27
CA ASN B 514 15.50 16.72 41.23
C ASN B 514 15.56 18.10 40.59
N PRO B 515 14.57 18.44 39.73
CA PRO B 515 14.52 19.77 39.14
C PRO B 515 14.50 20.90 40.16
N GLU B 516 15.38 21.88 39.96
CA GLU B 516 15.43 23.09 40.78
C GLU B 516 15.97 24.22 39.93
N SER B 517 15.27 25.34 39.91
CA SER B 517 15.61 26.45 39.02
C SER B 517 17.05 26.93 39.19
N ASN B 518 17.76 27.00 38.06
CA ASN B 518 19.11 27.54 38.02
C ASN B 518 20.11 26.67 38.76
N SER B 519 19.75 25.41 39.02
CA SER B 519 20.66 24.46 39.62
C SER B 519 21.35 23.65 38.54
N LEU B 520 22.67 23.55 38.65
CA LEU B 520 23.46 22.74 37.75
C LEU B 520 23.82 21.45 38.45
N ALA B 521 23.56 20.32 37.80
CA ALA B 521 23.94 19.03 38.34
C ALA B 521 25.04 18.45 37.46
N LEU B 522 26.11 17.97 38.08
CA LEU B 522 27.17 17.23 37.38
C LEU B 522 27.23 15.82 37.93
N VAL B 523 27.33 14.85 37.04
CA VAL B 523 27.33 13.45 37.44
C VAL B 523 28.21 12.63 36.49
N TYR B 524 29.18 11.93 37.07
CA TYR B 524 30.09 11.10 36.30
C TYR B 524 29.62 9.64 36.29
N ARG B 525 29.43 9.09 35.10
CA ARG B 525 28.97 7.71 34.91
C ARG B 525 30.09 6.79 34.48
N ASP B 526 30.20 5.61 35.08
CA ASP B 526 31.10 4.59 34.55
C ASP B 526 30.36 3.74 33.49
N ARG B 527 30.96 2.61 33.09
CA ARG B 527 30.37 1.70 32.10
C ARG B 527 29.29 0.79 32.68
N GLU B 528 29.03 0.89 33.97
CA GLU B 528 28.03 0.04 34.63
C GLU B 528 26.81 0.86 35.06
N THR B 529 26.72 2.09 34.60
CA THR B 529 25.73 3.03 35.10
C THR B 529 24.76 3.42 34.01
N LEU B 530 23.48 3.41 34.34
CA LEU B 530 22.42 3.81 33.41
C LEU B 530 21.57 4.87 34.07
N LYS B 531 20.78 5.56 33.27
CA LYS B 531 19.95 6.66 33.78
C LYS B 531 18.60 6.75 33.07
N PHE B 532 17.64 7.40 33.72
CA PHE B 532 16.34 7.66 33.13
C PHE B 532 15.64 8.81 33.82
N VAL B 533 14.78 9.47 33.06
CA VAL B 533 13.92 10.53 33.58
C VAL B 533 12.57 9.88 33.80
N LYS B 534 12.12 9.90 35.05
CA LYS B 534 10.88 9.22 35.43
C LYS B 534 9.67 9.89 34.82
N HIS B 535 8.73 9.06 34.37
CA HIS B 535 7.43 9.52 33.85
C HIS B 535 6.85 10.65 34.67
N ILE B 536 6.53 11.75 33.99
CA ILE B 536 5.88 12.87 34.65
C ILE B 536 4.38 12.63 34.68
N ASN B 537 3.84 12.42 35.87
CA ASN B 537 2.43 12.08 36.06
C ASN B 537 1.57 13.33 36.23
N HIS B 538 0.26 13.12 36.39
CA HIS B 538 -0.72 14.20 36.37
C HIS B 538 -0.82 15.03 37.64
N ARG B 539 -0.07 14.69 38.69
CA ARG B 539 0.01 15.56 39.86
C ARG B 539 0.75 16.83 39.49
N SER B 540 1.56 16.75 38.43
CA SER B 540 2.32 17.88 37.93
C SER B 540 1.43 19.06 37.56
N LEU B 541 0.15 18.80 37.35
CA LEU B 541 -0.78 19.86 36.95
C LEU B 541 -1.09 20.78 38.12
N GLU B 542 -0.76 20.33 39.32
CA GLU B 542 -0.93 21.13 40.53
C GLU B 542 0.16 22.20 40.64
N GLN B 543 1.00 22.32 39.60
CA GLN B 543 2.00 23.37 39.54
C GLN B 543 1.36 24.68 39.07
N LYS B 544 0.31 24.56 38.27
CA LYS B 544 -0.40 25.72 37.73
C LYS B 544 -1.10 26.52 38.83
N LYS B 545 -1.34 25.87 39.95
CA LYS B 545 -2.03 26.52 41.08
C LYS B 545 -1.23 27.73 41.55
N THR B 546 0.09 27.68 41.36
CA THR B 546 0.97 28.78 41.73
C THR B 546 1.33 29.63 40.51
N PHE B 547 1.69 28.95 39.42
CA PHE B 547 2.10 29.61 38.17
C PHE B 547 1.25 29.07 37.02
N PRO B 548 0.03 29.61 36.85
CA PRO B 548 -0.97 29.06 35.93
C PRO B 548 -0.56 29.09 34.45
N ASN B 549 0.29 30.03 34.09
CA ASN B 549 0.77 30.15 32.72
C ASN B 549 1.89 29.15 32.43
N ARG B 550 2.58 28.72 33.48
CA ARG B 550 3.75 27.86 33.34
C ARG B 550 3.37 26.37 33.30
N THR B 551 3.92 25.67 32.30
CA THR B 551 3.52 24.30 32.00
C THR B 551 4.74 23.38 31.86
N GLY B 552 5.06 22.66 32.93
CA GLY B 552 6.24 21.81 32.93
C GLY B 552 7.51 22.62 33.14
N PHE B 553 8.67 22.05 32.79
CA PHE B 553 9.95 22.74 32.92
C PHE B 553 10.91 22.47 31.77
N TRP B 554 11.96 23.28 31.69
CA TRP B 554 12.97 23.14 30.64
C TRP B 554 14.29 22.77 31.27
N ASP B 555 15.16 22.15 30.48
CA ASP B 555 16.53 21.96 30.94
C ASP B 555 17.53 21.97 29.79
N PHE B 556 18.76 22.36 30.10
CA PHE B 556 19.87 22.20 29.19
C PHE B 556 20.51 20.90 29.61
N SER B 557 20.78 20.04 28.64
CA SER B 557 21.32 18.73 28.94
C SER B 557 22.51 18.48 28.05
N PHE B 558 23.68 18.32 28.69
CA PHE B 558 24.94 18.15 28.00
C PHE B 558 25.70 16.95 28.56
N ILE B 559 26.46 16.29 27.70
CA ILE B 559 27.27 15.15 28.08
C ILE B 559 28.67 15.40 27.54
N TYR B 560 29.68 15.20 28.39
CA TYR B 560 31.08 15.42 28.02
C TYR B 560 31.90 14.13 28.12
N TYR B 561 32.83 13.97 27.18
CA TYR B 561 33.66 12.77 27.13
C TYR B 561 35.15 13.15 27.13
N GLU B 562 35.94 12.47 27.95
CA GLU B 562 37.37 12.72 28.01
C GLU B 562 38.06 12.33 26.69
N ALA C 44 20.71 40.91 -5.07
CA ALA C 44 20.31 39.70 -4.38
C ALA C 44 21.25 38.53 -4.68
N GLU C 45 21.06 37.43 -3.97
CA GLU C 45 21.88 36.24 -4.18
C GLU C 45 21.09 34.98 -3.83
N PHE C 46 21.60 33.83 -4.24
CA PHE C 46 20.93 32.58 -3.96
C PHE C 46 21.32 32.05 -2.59
N SER C 47 20.56 31.07 -2.11
CA SER C 47 20.70 30.53 -0.76
C SER C 47 22.14 30.44 -0.26
N ASP C 48 22.46 31.25 0.73
CA ASP C 48 23.76 31.21 1.38
C ASP C 48 23.91 29.89 2.13
N ALA C 49 22.79 29.18 2.30
CA ALA C 49 22.78 27.98 3.15
C ALA C 49 23.37 26.77 2.45
N VAL C 50 23.38 26.75 1.12
CA VAL C 50 23.95 25.63 0.36
C VAL C 50 25.41 25.87 0.02
N THR C 51 25.89 27.09 0.26
CA THR C 51 27.25 27.48 -0.04
C THR C 51 28.18 27.14 1.13
N GLU C 52 27.59 26.76 2.27
CA GLU C 52 28.36 26.32 3.42
C GLU C 52 29.18 25.11 3.02
N GLU C 53 30.45 25.09 3.43
CA GLU C 53 31.41 24.12 2.93
C GLU C 53 31.15 22.67 3.35
N THR C 54 30.74 22.47 4.61
CA THR C 54 30.53 21.12 5.11
C THR C 54 29.29 20.47 4.47
N LEU C 55 28.32 21.30 4.10
CA LEU C 55 27.14 20.82 3.39
C LEU C 55 27.46 20.67 1.92
N LYS C 56 28.21 21.62 1.38
CA LYS C 56 28.62 21.62 -0.02
C LYS C 56 29.38 20.34 -0.36
N LYS C 57 30.22 19.87 0.57
CA LYS C 57 31.05 18.69 0.32
C LYS C 57 30.33 17.38 0.64
N GLN C 58 29.20 17.47 1.34
CA GLN C 58 28.32 16.31 1.51
C GLN C 58 27.58 16.08 0.21
N VAL C 59 27.18 17.17 -0.43
CA VAL C 59 26.50 17.12 -1.70
C VAL C 59 27.44 16.60 -2.79
N ALA C 60 28.68 17.07 -2.77
CA ALA C 60 29.63 16.70 -3.82
C ALA C 60 29.95 15.22 -3.79
N GLU C 61 29.92 14.63 -2.60
CA GLU C 61 30.23 13.22 -2.44
C GLU C 61 29.05 12.36 -2.84
N ALA C 62 27.87 12.82 -2.46
CA ALA C 62 26.60 12.18 -2.85
C ALA C 62 26.51 12.13 -4.36
N TRP C 63 26.94 13.21 -5.00
CA TRP C 63 26.95 13.30 -6.45
C TRP C 63 28.02 12.37 -7.03
N SER C 64 29.27 12.59 -6.64
CA SER C 64 30.40 11.85 -7.21
C SER C 64 30.22 10.34 -7.06
N ARG C 65 29.49 9.93 -6.03
CA ARG C 65 29.24 8.53 -5.78
C ARG C 65 27.78 8.15 -6.03
N ARG C 66 27.10 8.93 -6.88
CA ARG C 66 25.70 8.73 -7.22
C ARG C 66 24.89 8.07 -6.10
N THR C 67 24.77 8.79 -4.98
CA THR C 67 24.10 8.30 -3.78
C THR C 67 23.14 9.39 -3.27
N PRO C 68 21.93 9.00 -2.83
CA PRO C 68 20.95 10.02 -2.41
C PRO C 68 21.34 10.76 -1.14
N PHE C 69 20.68 11.89 -0.89
CA PHE C 69 20.98 12.75 0.25
C PHE C 69 19.84 13.73 0.50
N SER C 70 19.30 13.71 1.71
CA SER C 70 18.21 14.61 2.09
C SER C 70 18.63 15.56 3.20
N HIS C 71 18.21 16.82 3.08
CA HIS C 71 18.48 17.84 4.08
C HIS C 71 17.39 18.89 3.98
N GLU C 72 17.30 19.80 4.95
CA GLU C 72 16.22 20.78 5.00
C GLU C 72 16.28 21.81 3.87
N VAL C 73 17.47 22.09 3.37
CA VAL C 73 17.67 23.17 2.38
C VAL C 73 17.89 22.60 0.98
N ILE C 74 18.22 21.33 0.90
CA ILE C 74 18.51 20.69 -0.37
C ILE C 74 18.24 19.20 -0.32
N VAL C 75 17.63 18.68 -1.39
CA VAL C 75 17.29 17.26 -1.47
C VAL C 75 17.68 16.70 -2.82
N MET C 76 18.52 15.66 -2.80
CA MET C 76 19.06 15.08 -4.02
C MET C 76 18.83 13.58 -4.04
N ASP C 77 18.04 13.15 -5.02
CA ASP C 77 17.69 11.76 -5.20
C ASP C 77 18.32 11.30 -6.51
N MET C 78 18.46 9.98 -6.68
CA MET C 78 19.24 9.43 -7.78
C MET C 78 18.41 8.60 -8.77
N ASP C 79 17.19 8.22 -8.37
CA ASP C 79 16.32 7.39 -9.21
C ASP C 79 15.04 8.16 -9.59
N PRO C 80 14.64 8.11 -10.87
CA PRO C 80 15.17 7.30 -11.98
C PRO C 80 16.49 7.82 -12.55
N PHE C 81 16.76 9.11 -12.36
CA PHE C 81 18.07 9.69 -12.66
C PHE C 81 18.37 10.80 -11.66
N LEU C 82 19.58 11.34 -11.72
CA LEU C 82 20.00 12.34 -10.75
C LEU C 82 19.22 13.63 -10.93
N HIS C 83 18.56 14.06 -9.86
CA HIS C 83 17.81 15.31 -9.86
C HIS C 83 17.81 15.86 -8.44
N CYS C 84 17.65 17.18 -8.32
CA CYS C 84 17.86 17.86 -7.06
C CYS C 84 16.93 19.06 -6.88
N VAL C 85 16.47 19.27 -5.65
CA VAL C 85 15.55 20.37 -5.33
C VAL C 85 16.10 21.29 -4.24
N ILE C 86 16.11 22.59 -4.52
CA ILE C 86 16.47 23.60 -3.54
C ILE C 86 15.27 24.53 -3.29
N PRO C 87 14.52 24.28 -2.21
CA PRO C 87 13.46 25.23 -1.85
C PRO C 87 14.03 26.56 -1.36
N ASN C 88 13.35 27.66 -1.64
CA ASN C 88 13.81 28.98 -1.21
C ASN C 88 15.15 29.31 -1.82
N PHE C 89 15.22 29.13 -3.15
CA PHE C 89 16.44 29.34 -3.89
C PHE C 89 17.00 30.76 -3.72
N ILE C 90 16.13 31.76 -3.81
CA ILE C 90 16.52 33.15 -3.65
C ILE C 90 15.97 33.71 -2.35
N GLN C 91 16.85 34.37 -1.60
CA GLN C 91 16.54 34.77 -0.24
C GLN C 91 15.67 36.02 -0.16
N SER C 92 15.89 36.97 -1.07
CA SER C 92 15.10 38.19 -1.09
C SER C 92 13.73 38.00 -1.74
N GLN C 93 12.68 38.23 -0.98
CA GLN C 93 11.32 38.14 -1.49
C GLN C 93 10.97 39.37 -2.33
N ASP C 94 11.49 40.52 -1.95
CA ASP C 94 11.25 41.74 -2.69
C ASP C 94 11.88 41.66 -4.08
N PHE C 95 12.94 40.87 -4.20
CA PHE C 95 13.60 40.67 -5.50
C PHE C 95 12.77 39.74 -6.39
N LEU C 96 12.20 38.71 -5.79
CA LEU C 96 11.34 37.79 -6.53
C LEU C 96 10.06 38.46 -7.00
N GLU C 97 9.50 39.31 -6.14
CA GLU C 97 8.28 40.03 -6.48
C GLU C 97 8.53 40.97 -7.63
N GLY C 98 9.71 41.59 -7.64
CA GLY C 98 10.08 42.51 -8.69
C GLY C 98 10.44 41.81 -9.98
N LEU C 99 10.95 40.59 -9.84
CA LEU C 99 11.30 39.78 -11.01
C LEU C 99 10.04 39.31 -11.71
N GLN C 100 9.12 38.72 -10.95
CA GLN C 100 7.85 38.26 -11.49
C GLN C 100 7.14 39.39 -12.22
N LYS C 101 7.21 40.58 -11.64
CA LYS C 101 6.55 41.74 -12.23
C LYS C 101 7.16 42.07 -13.60
N GLU C 102 8.49 42.02 -13.69
CA GLU C 102 9.18 42.30 -14.95
C GLU C 102 8.82 41.25 -15.98
N LEU C 103 8.70 40.00 -15.53
CA LEU C 103 8.38 38.92 -16.44
C LEU C 103 6.97 39.09 -17.02
N MET C 104 6.01 39.40 -16.16
CA MET C 104 4.61 39.53 -16.58
C MET C 104 4.36 40.75 -17.44
N ASN C 105 5.41 41.53 -17.68
CA ASN C 105 5.32 42.72 -18.53
C ASN C 105 6.04 42.50 -19.85
N LEU C 106 6.68 41.34 -19.97
CA LEU C 106 7.26 40.92 -21.24
C LEU C 106 6.18 40.45 -22.18
N ASP C 107 6.40 40.63 -23.48
CA ASP C 107 5.52 40.06 -24.49
C ASP C 107 5.74 38.56 -24.53
N PHE C 108 4.66 37.79 -24.40
CA PHE C 108 4.71 36.35 -24.57
C PHE C 108 4.16 35.98 -25.94
N HIS C 109 4.74 34.97 -26.56
CA HIS C 109 4.22 34.48 -27.83
C HIS C 109 3.98 32.97 -27.73
N GLU C 110 2.94 32.53 -28.42
CA GLU C 110 2.50 31.14 -28.36
C GLU C 110 3.52 30.21 -28.99
N LYS C 111 3.86 29.16 -28.26
CA LYS C 111 4.69 28.10 -28.82
C LYS C 111 3.81 26.87 -28.97
N TYR C 112 3.88 26.23 -30.13
CA TYR C 112 2.99 25.12 -30.42
C TYR C 112 3.52 24.15 -31.46
N ASN C 113 3.56 22.87 -31.09
CA ASN C 113 3.75 21.78 -32.04
C ASN C 113 3.19 20.45 -31.50
N ASP C 114 3.69 19.34 -32.02
CA ASP C 114 3.27 18.01 -31.56
C ASP C 114 3.67 17.80 -30.12
N LEU C 115 4.88 18.28 -29.78
CA LEU C 115 5.49 18.02 -28.48
C LEU C 115 4.97 18.91 -27.36
N TYR C 116 4.54 20.11 -27.70
CA TYR C 116 4.17 21.07 -26.66
C TYR C 116 3.17 22.10 -27.12
N LYS C 117 2.60 22.78 -26.13
CA LYS C 117 1.78 23.96 -26.33
C LYS C 117 1.92 24.81 -25.07
N PHE C 118 2.45 26.02 -25.22
CA PHE C 118 2.55 26.97 -24.11
C PHE C 118 2.98 28.34 -24.63
N GLN C 119 3.25 29.27 -23.71
CA GLN C 119 3.69 30.61 -24.06
C GLN C 119 5.11 30.88 -23.56
N GLN C 120 5.92 31.48 -24.42
CA GLN C 120 7.30 31.79 -24.06
C GLN C 120 7.57 33.28 -24.20
N SER C 121 8.43 33.79 -23.33
CA SER C 121 8.74 35.22 -23.30
C SER C 121 9.73 35.63 -24.38
N ASP C 122 9.87 36.95 -24.54
CA ASP C 122 10.98 37.52 -25.29
C ASP C 122 12.29 36.96 -24.75
N ASP C 123 13.31 36.88 -25.61
CA ASP C 123 14.60 36.31 -25.20
C ASP C 123 15.15 37.01 -23.96
N LEU C 124 15.47 36.21 -22.94
CA LEU C 124 15.97 36.73 -21.66
C LEU C 124 17.45 37.04 -21.71
N LYS C 125 18.16 36.41 -22.65
CA LYS C 125 19.60 36.63 -22.78
C LYS C 125 19.88 38.06 -23.26
N LYS C 126 18.99 38.58 -24.09
CA LYS C 126 19.10 39.92 -24.66
C LYS C 126 18.09 40.85 -24.01
N ARG C 127 18.02 40.78 -22.68
CA ARG C 127 17.02 41.51 -21.91
C ARG C 127 17.70 42.39 -20.85
N ARG C 128 17.29 43.66 -20.75
CA ARG C 128 18.06 44.66 -19.99
C ARG C 128 17.44 45.11 -18.67
N GLU C 129 16.24 44.63 -18.35
CA GLU C 129 15.59 44.97 -17.09
C GLU C 129 16.46 44.49 -15.92
N PRO C 130 16.56 45.29 -14.85
CA PRO C 130 17.51 45.01 -13.75
C PRO C 130 17.39 43.63 -13.07
N HIS C 131 16.20 43.25 -12.61
CA HIS C 131 16.03 41.94 -11.94
C HIS C 131 16.37 40.75 -12.83
N ILE C 132 15.99 40.82 -14.10
CA ILE C 132 16.32 39.75 -15.03
C ILE C 132 17.83 39.69 -15.26
N SER C 133 18.45 40.86 -15.39
CA SER C 133 19.91 40.93 -15.53
C SER C 133 20.60 40.32 -14.30
N THR C 134 20.13 40.65 -13.11
CA THR C 134 20.73 40.12 -11.90
C THR C 134 20.61 38.60 -11.91
N LEU C 135 19.43 38.12 -12.27
CA LEU C 135 19.18 36.67 -12.28
C LEU C 135 20.16 35.93 -13.20
N ARG C 136 20.48 36.54 -14.33
CA ARG C 136 21.49 35.98 -15.21
C ARG C 136 22.78 35.70 -14.45
N LYS C 137 23.29 36.72 -13.77
CA LYS C 137 24.56 36.59 -13.05
C LYS C 137 24.48 35.52 -11.94
N ILE C 138 23.43 35.58 -11.13
CA ILE C 138 23.24 34.64 -10.04
C ILE C 138 23.32 33.21 -10.57
N LEU C 139 22.66 32.97 -11.70
CA LEU C 139 22.57 31.62 -12.24
C LEU C 139 23.85 31.18 -12.94
N PHE C 140 24.27 31.96 -13.93
CA PHE C 140 25.34 31.53 -14.83
C PHE C 140 26.73 31.99 -14.42
N GLU C 141 26.83 32.67 -13.28
CA GLU C 141 28.13 32.93 -12.68
C GLU C 141 28.19 32.24 -11.33
N ASP C 142 27.41 32.75 -10.37
CA ASP C 142 27.47 32.28 -9.00
C ASP C 142 27.01 30.83 -8.84
N PHE C 143 25.80 30.52 -9.29
CA PHE C 143 25.23 29.19 -9.08
C PHE C 143 25.89 28.12 -9.95
N ARG C 144 26.31 28.51 -11.16
CA ARG C 144 27.03 27.62 -12.05
C ARG C 144 28.31 27.10 -11.41
N SER C 145 29.09 28.00 -10.81
CA SER C 145 30.36 27.64 -10.19
C SER C 145 30.13 26.69 -9.01
N TRP C 146 29.06 26.94 -8.26
CA TRP C 146 28.68 26.05 -7.17
C TRP C 146 28.45 24.63 -7.70
N LEU C 147 27.76 24.53 -8.84
CA LEU C 147 27.46 23.24 -9.45
C LEU C 147 28.70 22.52 -9.93
N SER C 148 29.56 23.24 -10.65
CA SER C 148 30.80 22.68 -11.17
C SER C 148 31.61 22.07 -10.03
N ASP C 149 31.58 22.74 -8.89
CA ASP C 149 32.35 22.30 -7.73
C ASP C 149 31.83 20.97 -7.18
N ILE C 150 30.53 20.79 -7.16
CA ILE C 150 29.93 19.60 -6.55
C ILE C 150 29.80 18.45 -7.54
N SER C 151 29.80 18.78 -8.83
CA SER C 151 29.59 17.79 -9.88
C SER C 151 30.91 17.41 -10.54
N LYS C 152 31.94 18.24 -10.35
CA LYS C 152 33.21 18.09 -11.03
C LYS C 152 33.00 18.07 -12.54
N ILE C 153 32.24 19.06 -13.02
CA ILE C 153 31.98 19.22 -14.44
C ILE C 153 32.38 20.63 -14.84
N ASP C 154 33.20 20.75 -15.88
CA ASP C 154 33.64 22.06 -16.37
C ASP C 154 32.51 22.74 -17.09
N LEU C 155 31.55 23.27 -16.32
CA LEU C 155 30.41 23.96 -16.90
C LEU C 155 30.86 25.29 -17.46
N GLU C 156 30.21 25.72 -18.54
CA GLU C 156 30.59 26.93 -19.22
C GLU C 156 29.73 28.08 -18.75
N SER C 157 30.15 29.29 -19.06
CA SER C 157 29.45 30.51 -18.67
CA SER C 157 29.43 30.49 -18.65
C SER C 157 28.23 30.74 -19.57
N THR C 158 28.16 29.99 -20.67
CA THR C 158 27.17 30.22 -21.70
C THR C 158 25.75 30.30 -21.14
N ILE C 159 25.00 31.29 -21.60
CA ILE C 159 23.69 31.61 -21.07
C ILE C 159 22.59 31.01 -21.93
N ASP C 160 21.85 30.08 -21.34
CA ASP C 160 20.71 29.45 -21.98
C ASP C 160 19.56 29.47 -21.00
N MET C 161 18.72 30.51 -21.05
CA MET C 161 17.57 30.60 -20.17
C MET C 161 16.35 31.24 -20.85
N SER C 162 15.17 30.81 -20.43
CA SER C 162 13.93 31.30 -21.01
C SER C 162 12.86 31.37 -19.93
N CYS C 163 11.76 32.06 -20.25
CA CYS C 163 10.61 32.15 -19.36
C CYS C 163 9.37 31.55 -20.04
N ALA C 164 8.68 30.65 -19.35
CA ALA C 164 7.52 29.96 -19.90
C ALA C 164 6.28 30.17 -19.04
N LYS C 165 5.13 30.09 -19.70
CA LYS C 165 3.84 30.32 -19.07
C LYS C 165 2.90 29.21 -19.56
N TYR C 166 2.59 28.26 -18.68
CA TYR C 166 1.60 27.24 -19.00
C TYR C 166 0.26 27.61 -18.38
N GLU C 167 -0.79 27.58 -19.20
CA GLU C 167 -2.15 27.80 -18.71
C GLU C 167 -3.00 26.56 -19.02
N PHE C 168 -4.29 26.65 -18.76
CA PHE C 168 -5.20 25.51 -18.93
C PHE C 168 -4.98 24.77 -20.26
N THR C 169 -4.71 23.45 -20.16
CA THR C 169 -4.47 22.54 -21.30
C THR C 169 -3.07 22.63 -21.92
N ASP C 170 -2.24 23.56 -21.47
CA ASP C 170 -0.85 23.61 -21.94
C ASP C 170 -0.10 22.43 -21.35
N ALA C 171 0.84 21.89 -22.13
CA ALA C 171 1.64 20.74 -21.69
C ALA C 171 2.90 20.59 -22.54
N LEU C 172 3.88 19.89 -21.99
CA LEU C 172 5.12 19.60 -22.71
C LEU C 172 5.41 18.12 -22.52
N LEU C 173 5.34 17.36 -23.61
CA LEU C 173 5.30 15.91 -23.49
C LEU C 173 6.69 15.33 -23.41
N CYS C 174 6.75 14.00 -23.32
CA CYS C 174 7.98 13.27 -23.01
C CYS C 174 9.16 13.60 -23.92
N HIS C 175 10.25 14.07 -23.31
CA HIS C 175 11.49 14.42 -24.03
C HIS C 175 12.68 14.29 -23.10
N ASP C 176 13.90 14.34 -23.66
CA ASP C 176 15.12 14.08 -22.88
C ASP C 176 16.06 15.29 -22.76
N ASP C 177 15.69 16.39 -23.41
CA ASP C 177 16.46 17.64 -23.39
C ASP C 177 17.83 17.50 -24.07
N GLU C 178 18.09 16.33 -24.64
CA GLU C 178 19.39 16.05 -25.25
C GLU C 178 19.65 16.97 -26.44
N LEU C 179 20.74 17.73 -26.33
CA LEU C 179 21.22 18.58 -27.41
C LEU C 179 22.71 18.76 -27.15
N GLU C 180 23.47 19.11 -28.18
CA GLU C 180 24.91 19.29 -28.04
C GLU C 180 25.18 20.43 -27.07
N GLY C 181 25.90 20.14 -25.99
CA GLY C 181 26.29 21.16 -25.03
C GLY C 181 25.63 20.98 -23.68
N ARG C 182 24.32 20.81 -23.67
CA ARG C 182 23.54 20.71 -22.44
C ARG C 182 24.02 19.58 -21.55
N ARG C 183 24.13 19.87 -20.25
CA ARG C 183 24.62 18.91 -19.27
C ARG C 183 23.77 18.94 -18.00
N ILE C 184 23.29 20.12 -17.65
CA ILE C 184 22.47 20.28 -16.46
C ILE C 184 21.29 21.21 -16.77
N ALA C 185 20.09 20.71 -16.54
CA ALA C 185 18.88 21.50 -16.72
C ALA C 185 18.49 22.08 -15.38
N PHE C 186 17.92 23.27 -15.39
CA PHE C 186 17.39 23.88 -14.18
C PHE C 186 16.01 24.48 -14.44
N ILE C 187 15.17 24.48 -13.40
CA ILE C 187 13.89 25.14 -13.48
C ILE C 187 13.67 25.87 -12.17
N LEU C 188 13.42 27.18 -12.26
CA LEU C 188 13.05 28.00 -11.11
C LEU C 188 11.58 28.42 -11.23
N TYR C 189 10.76 28.04 -10.25
CA TYR C 189 9.31 28.30 -10.33
C TYR C 189 8.94 29.62 -9.67
N LEU C 190 8.08 30.37 -10.35
CA LEU C 190 7.53 31.63 -9.85
C LEU C 190 6.02 31.52 -9.88
N VAL C 191 5.52 30.38 -9.41
CA VAL C 191 4.11 30.06 -9.52
C VAL C 191 3.34 30.63 -8.35
N PRO C 192 2.02 30.86 -8.54
CA PRO C 192 1.13 31.15 -7.41
C PRO C 192 1.00 29.92 -6.51
N PRO C 193 0.20 30.01 -5.44
CA PRO C 193 -0.09 28.82 -4.63
C PRO C 193 -0.52 27.65 -5.50
N TRP C 194 0.23 26.55 -5.43
CA TRP C 194 0.14 25.47 -6.40
C TRP C 194 0.07 24.11 -5.69
N ASP C 195 -0.59 23.13 -6.29
CA ASP C 195 -0.47 21.75 -5.84
C ASP C 195 -0.73 20.75 -6.95
N ARG C 196 -0.63 19.46 -6.63
CA ARG C 196 -0.74 18.40 -7.62
C ARG C 196 -2.02 18.51 -8.46
N SER C 197 -3.14 18.81 -7.81
CA SER C 197 -4.43 18.83 -8.47
C SER C 197 -4.47 19.82 -9.62
N MET C 198 -3.52 20.75 -9.64
CA MET C 198 -3.49 21.80 -10.66
C MET C 198 -2.64 21.41 -11.87
N GLY C 199 -1.92 20.31 -11.77
CA GLY C 199 -1.10 19.84 -12.87
C GLY C 199 0.14 20.68 -13.05
N GLY C 200 0.78 20.58 -14.21
CA GLY C 200 2.03 21.29 -14.43
C GLY C 200 3.16 20.69 -13.60
N THR C 201 3.02 19.41 -13.25
CA THR C 201 4.05 18.72 -12.51
C THR C 201 5.18 18.29 -13.44
N LEU C 202 6.40 18.31 -12.93
CA LEU C 202 7.54 17.79 -13.67
C LEU C 202 7.64 16.29 -13.38
N ASP C 203 7.36 15.48 -14.39
CA ASP C 203 7.31 14.02 -14.23
C ASP C 203 8.57 13.39 -14.77
N LEU C 204 9.17 12.48 -14.00
CA LEU C 204 10.39 11.79 -14.40
C LEU C 204 10.11 10.35 -14.80
N TYR C 205 10.67 9.93 -15.93
CA TYR C 205 10.38 8.60 -16.46
C TYR C 205 11.46 7.60 -16.09
N SER C 206 11.05 6.36 -15.86
CA SER C 206 11.97 5.23 -15.86
C SER C 206 12.22 4.87 -17.32
N ILE C 207 13.16 3.95 -17.53
CA ILE C 207 13.65 3.66 -18.88
C ILE C 207 13.81 2.16 -19.11
N ASP C 208 13.81 1.74 -20.38
CA ASP C 208 13.96 0.32 -20.73
C ASP C 208 15.35 -0.03 -21.27
N GLU C 209 15.46 -1.23 -21.83
CA GLU C 209 16.75 -1.76 -22.28
C GLU C 209 17.36 -0.98 -23.45
N HIS C 210 16.51 -0.43 -24.32
CA HIS C 210 16.97 0.26 -25.51
C HIS C 210 17.08 1.77 -25.31
N PHE C 211 17.13 2.19 -24.05
CA PHE C 211 17.18 3.62 -23.69
C PHE C 211 15.93 4.36 -24.18
N GLN C 212 14.77 3.70 -24.08
CA GLN C 212 13.48 4.32 -24.38
C GLN C 212 12.71 4.50 -23.08
N PRO C 213 12.04 5.65 -22.91
CA PRO C 213 11.29 5.86 -21.67
C PRO C 213 10.22 4.80 -21.48
N LYS C 214 9.93 4.48 -20.22
CA LYS C 214 8.99 3.44 -19.89
C LYS C 214 7.73 4.07 -19.28
N GLN C 215 7.81 4.47 -18.02
CA GLN C 215 6.69 5.12 -17.35
C GLN C 215 7.15 6.15 -16.33
N ILE C 216 6.20 6.95 -15.82
CA ILE C 216 6.47 7.97 -14.83
C ILE C 216 6.66 7.33 -13.47
N VAL C 217 7.56 7.88 -12.66
CA VAL C 217 7.88 7.30 -11.35
C VAL C 217 8.10 8.34 -10.25
N LYS C 218 8.55 9.54 -10.63
CA LYS C 218 8.60 10.68 -9.70
C LYS C 218 7.86 11.84 -10.33
N SER C 219 7.10 12.56 -9.51
CA SER C 219 6.40 13.72 -10.00
C SER C 219 6.65 14.88 -9.03
N LEU C 220 7.32 15.92 -9.55
CA LEU C 220 7.66 17.09 -8.75
C LEU C 220 6.60 18.20 -8.88
N ILE C 221 6.22 18.76 -7.74
CA ILE C 221 5.16 19.76 -7.69
C ILE C 221 5.78 21.16 -7.59
N PRO C 222 5.47 22.04 -8.55
CA PRO C 222 6.05 23.38 -8.42
C PRO C 222 5.59 24.13 -7.19
N SER C 223 6.35 25.15 -6.82
CA SER C 223 5.93 26.11 -5.81
C SER C 223 6.89 27.26 -5.82
N TRP C 224 6.40 28.39 -5.35
CA TRP C 224 7.13 29.65 -5.36
C TRP C 224 8.56 29.49 -4.87
N ASN C 225 9.51 29.96 -5.68
CA ASN C 225 10.90 30.06 -5.29
C ASN C 225 11.57 28.69 -5.10
N LYS C 226 11.00 27.66 -5.71
CA LYS C 226 11.65 26.35 -5.71
C LYS C 226 12.48 26.21 -6.98
N LEU C 227 13.74 25.79 -6.83
CA LEU C 227 14.57 25.47 -7.96
C LEU C 227 14.80 23.97 -8.03
N VAL C 228 14.62 23.42 -9.23
CA VAL C 228 14.91 22.03 -9.52
C VAL C 228 16.00 22.00 -10.57
N PHE C 229 16.98 21.13 -10.38
CA PHE C 229 17.92 20.83 -11.46
C PHE C 229 18.19 19.33 -11.56
N PHE C 230 18.59 18.90 -12.75
CA PHE C 230 18.91 17.50 -12.99
C PHE C 230 19.91 17.41 -14.13
N GLU C 231 20.61 16.28 -14.24
CA GLU C 231 21.60 16.13 -15.30
C GLU C 231 20.96 15.61 -16.57
N VAL C 232 21.31 16.25 -17.68
CA VAL C 232 20.85 15.85 -18.99
C VAL C 232 21.65 14.65 -19.48
N SER C 233 20.98 13.51 -19.61
CA SER C 233 21.61 12.26 -20.03
C SER C 233 20.71 11.53 -21.02
N PRO C 234 21.18 10.40 -21.55
CA PRO C 234 20.36 9.59 -22.44
C PRO C 234 19.16 8.92 -21.75
N VAL C 235 19.02 9.12 -20.45
CA VAL C 235 17.91 8.54 -19.68
C VAL C 235 17.07 9.61 -18.98
N SER C 236 17.41 10.87 -19.20
CA SER C 236 16.75 11.97 -18.50
C SER C 236 15.42 12.34 -19.16
N PHE C 237 14.57 11.34 -19.38
CA PHE C 237 13.26 11.55 -20.01
C PHE C 237 12.30 12.12 -18.99
N HIS C 238 11.58 13.16 -19.37
CA HIS C 238 10.68 13.85 -18.46
C HIS C 238 9.63 14.61 -19.24
N GLN C 239 8.60 15.10 -18.55
CA GLN C 239 7.57 15.91 -19.17
C GLN C 239 7.04 16.96 -18.20
N VAL C 240 6.31 17.95 -18.74
CA VAL C 240 5.50 18.86 -17.94
C VAL C 240 4.04 18.53 -18.18
N SER C 241 3.40 17.94 -17.19
CA SER C 241 2.03 17.44 -17.31
C SER C 241 1.03 18.57 -17.53
N GLU C 242 -0.06 18.24 -18.20
CA GLU C 242 -1.10 19.21 -18.53
C GLU C 242 -1.50 20.03 -17.30
N VAL C 243 -1.56 21.34 -17.47
CA VAL C 243 -2.10 22.23 -16.44
C VAL C 243 -3.62 22.14 -16.43
N LEU C 244 -4.18 21.86 -15.26
CA LEU C 244 -5.61 21.58 -15.11
C LEU C 244 -6.35 22.76 -14.51
N SER C 245 -5.61 23.65 -13.86
CA SER C 245 -6.18 24.90 -13.34
C SER C 245 -6.72 25.74 -14.49
N GLU C 246 -7.99 26.14 -14.39
CA GLU C 246 -8.63 26.91 -15.46
C GLU C 246 -8.39 28.41 -15.28
N GLU C 247 -7.79 28.79 -14.16
CA GLU C 247 -7.66 30.19 -13.77
C GLU C 247 -6.20 30.63 -13.61
N LYS C 248 -5.36 29.76 -13.07
CA LYS C 248 -4.00 30.13 -12.68
C LYS C 248 -2.97 29.85 -13.75
N SER C 249 -1.86 30.57 -13.68
CA SER C 249 -0.80 30.50 -14.67
C SER C 249 0.50 29.98 -14.05
N ARG C 250 1.10 28.98 -14.70
CA ARG C 250 2.32 28.35 -14.23
C ARG C 250 3.53 29.04 -14.86
N LEU C 251 4.12 29.98 -14.12
CA LEU C 251 5.24 30.79 -14.59
C LEU C 251 6.56 30.21 -14.11
N SER C 252 7.52 30.07 -15.02
CA SER C 252 8.83 29.51 -14.66
C SER C 252 9.95 30.14 -15.46
N ILE C 253 11.16 29.99 -14.93
CA ILE C 253 12.39 30.27 -15.66
C ILE C 253 13.09 28.91 -15.79
N SER C 254 13.44 28.53 -17.01
CA SER C 254 14.04 27.22 -17.26
C SER C 254 15.22 27.42 -18.20
N GLY C 255 16.17 26.50 -18.17
CA GLY C 255 17.35 26.63 -19.00
C GLY C 255 18.33 25.50 -18.80
N TRP C 256 19.55 25.69 -19.28
CA TRP C 256 20.55 24.63 -19.23
C TRP C 256 21.94 25.18 -18.97
N PHE C 257 22.74 24.40 -18.26
CA PHE C 257 24.16 24.67 -18.15
C PHE C 257 24.89 23.80 -19.16
N HIS C 258 25.70 24.43 -19.99
CA HIS C 258 26.43 23.74 -21.03
C HIS C 258 27.77 23.26 -20.52
N GLY C 259 28.31 22.26 -21.18
CA GLY C 259 29.60 21.71 -20.80
C GLY C 259 30.11 20.79 -21.88
N PRO C 260 31.04 19.89 -21.52
CA PRO C 260 31.58 18.95 -22.52
C PRO C 260 30.56 17.87 -22.88
N SER C 261 30.43 17.59 -24.17
CA SER C 261 29.44 16.63 -24.65
C SER C 261 29.70 15.21 -24.11
N LEU C 262 28.63 14.46 -23.92
CA LEU C 262 28.73 13.04 -23.58
C LEU C 262 28.48 12.19 -24.80
N THR C 263 28.91 10.94 -24.72
CA THR C 263 28.69 10.00 -25.80
C THR C 263 27.34 9.30 -25.62
N ARG C 264 26.48 9.41 -26.62
CA ARG C 264 25.19 8.73 -26.60
C ARG C 264 25.37 7.28 -27.02
N PRO C 265 24.39 6.42 -26.70
CA PRO C 265 24.39 5.07 -27.25
C PRO C 265 23.82 5.05 -28.68
N PRO C 266 24.01 3.95 -29.41
CA PRO C 266 23.45 3.85 -30.76
C PRO C 266 21.94 4.02 -30.76
N ASN C 267 21.44 5.02 -31.47
CA ASN C 267 20.01 5.26 -31.53
C ASN C 267 19.28 3.99 -31.98
N TYR C 268 18.26 3.63 -31.24
CA TYR C 268 17.49 2.43 -31.50
C TYR C 268 16.52 2.67 -32.66
N PHE C 269 16.22 1.61 -33.42
CA PHE C 269 15.32 1.70 -34.57
C PHE C 269 14.21 0.67 -34.47
N GLU C 270 12.98 1.15 -34.43
CA GLU C 270 11.81 0.27 -34.37
C GLU C 270 11.69 -0.62 -35.61
N PRO C 271 11.19 -1.87 -35.43
CA PRO C 271 10.90 -2.74 -36.58
C PRO C 271 9.74 -2.20 -37.42
N PRO C 272 9.87 -2.19 -38.75
CA PRO C 272 8.78 -1.74 -39.63
C PRO C 272 7.45 -2.47 -39.37
N ILE C 273 6.36 -1.76 -39.60
CA ILE C 273 5.03 -2.36 -39.54
C ILE C 273 4.80 -3.15 -40.83
N PRO C 274 4.41 -4.45 -40.73
CA PRO C 274 4.19 -5.24 -41.93
C PRO C 274 3.08 -4.71 -42.85
N ARG C 275 3.27 -4.87 -44.17
CA ARG C 275 2.32 -4.44 -45.17
C ARG C 275 1.78 -5.64 -45.92
N SER C 276 0.64 -5.47 -46.58
CA SER C 276 0.01 -6.57 -47.29
C SER C 276 -0.71 -6.07 -48.55
N PRO C 277 -0.77 -6.92 -49.59
CA PRO C 277 -1.52 -6.59 -50.81
C PRO C 277 -3.00 -6.73 -50.56
N HIS C 278 -3.84 -6.28 -51.49
CA HIS C 278 -5.28 -6.30 -51.26
C HIS C 278 -5.75 -7.75 -51.08
N ILE C 279 -6.82 -7.92 -50.31
CA ILE C 279 -7.46 -9.23 -50.19
C ILE C 279 -8.36 -9.46 -51.40
N PRO C 280 -8.10 -10.52 -52.18
CA PRO C 280 -8.99 -10.81 -53.30
C PRO C 280 -10.44 -10.90 -52.83
N GLN C 281 -11.36 -10.41 -53.64
CA GLN C 281 -12.77 -10.35 -53.28
C GLN C 281 -13.49 -11.66 -53.60
N ASP C 282 -14.01 -12.32 -52.56
CA ASP C 282 -14.79 -13.55 -52.71
C ASP C 282 -16.28 -13.16 -52.80
N HIS C 283 -16.75 -12.37 -51.84
CA HIS C 283 -18.10 -11.81 -51.84
C HIS C 283 -18.05 -10.26 -51.96
N GLU C 284 -19.10 -9.66 -52.54
CA GLU C 284 -19.10 -8.22 -52.84
C GLU C 284 -19.54 -7.33 -51.68
N ILE C 285 -18.61 -6.48 -51.22
CA ILE C 285 -18.66 -5.92 -49.88
C ILE C 285 -19.01 -4.43 -49.79
N LEU C 286 -18.80 -3.68 -50.86
CA LEU C 286 -19.02 -2.24 -50.82
C LEU C 286 -20.49 -1.85 -50.72
N TYR C 287 -21.34 -2.53 -51.47
CA TYR C 287 -22.77 -2.25 -51.44
C TYR C 287 -23.29 -2.46 -50.03
N ASP C 288 -22.68 -3.41 -49.32
CA ASP C 288 -23.11 -3.74 -47.96
C ASP C 288 -22.72 -2.67 -46.96
N TRP C 289 -21.64 -1.95 -47.23
CA TRP C 289 -20.99 -1.11 -46.23
C TRP C 289 -20.99 0.38 -46.53
N ILE C 290 -20.74 0.72 -47.79
CA ILE C 290 -20.59 2.11 -48.20
C ILE C 290 -21.92 2.74 -48.59
N ASN C 291 -22.03 4.02 -48.29
CA ASN C 291 -23.16 4.81 -48.72
C ASN C 291 -23.21 4.93 -50.26
N PRO C 292 -24.34 4.55 -50.88
CA PRO C 292 -24.48 4.44 -52.34
C PRO C 292 -23.91 5.61 -53.13
N THR C 293 -24.07 6.83 -52.63
CA THR C 293 -23.61 8.01 -53.35
C THR C 293 -22.14 7.88 -53.72
N TYR C 294 -21.34 7.31 -52.81
CA TYR C 294 -19.91 7.19 -53.04
C TYR C 294 -19.58 6.12 -54.07
N LEU C 295 -20.58 5.34 -54.45
CA LEU C 295 -20.40 4.26 -55.41
C LEU C 295 -20.87 4.65 -56.81
N ASP C 296 -21.39 5.85 -56.97
CA ASP C 296 -21.83 6.37 -58.27
C ASP C 296 -20.70 7.15 -58.94
N MET C 297 -20.50 6.87 -60.23
CA MET C 297 -19.36 7.40 -60.96
C MET C 297 -19.37 8.93 -61.08
N ASP C 298 -20.56 9.52 -61.11
CA ASP C 298 -20.68 10.98 -61.22
C ASP C 298 -20.17 11.71 -59.97
N TYR C 299 -20.33 11.09 -58.80
CA TYR C 299 -19.88 11.72 -57.56
C TYR C 299 -18.38 11.49 -57.37
N GLN C 300 -17.87 10.39 -57.89
CA GLN C 300 -16.46 10.07 -57.78
C GLN C 300 -15.60 11.03 -58.59
N VAL C 301 -16.13 11.55 -59.70
CA VAL C 301 -15.35 12.50 -60.50
C VAL C 301 -15.28 13.86 -59.80
N GLN C 302 -16.35 14.24 -59.12
CA GLN C 302 -16.36 15.46 -58.32
C GLN C 302 -15.25 15.40 -57.26
N ILE C 303 -15.09 14.21 -56.71
CA ILE C 303 -14.15 13.95 -55.63
C ILE C 303 -12.71 13.92 -56.12
N GLN C 304 -12.47 13.19 -57.21
CA GLN C 304 -11.14 13.11 -57.81
C GLN C 304 -10.69 14.52 -58.16
N GLU C 305 -11.56 15.29 -58.79
CA GLU C 305 -11.17 16.61 -59.27
C GLU C 305 -10.75 17.50 -58.11
N GLU C 306 -11.39 17.31 -56.96
CA GLU C 306 -11.05 18.09 -55.78
C GLU C 306 -9.83 17.54 -55.08
N PHE C 307 -9.69 16.21 -55.09
CA PHE C 307 -8.52 15.60 -54.50
C PHE C 307 -7.23 15.94 -55.28
N GLU C 308 -7.32 16.04 -56.60
CA GLU C 308 -6.15 16.34 -57.41
C GLU C 308 -5.75 17.80 -57.27
N GLU C 309 -6.61 18.60 -56.65
CA GLU C 309 -6.38 20.03 -56.49
C GLU C 309 -5.87 20.39 -55.08
N SER C 310 -6.01 19.46 -54.15
CA SER C 310 -5.61 19.71 -52.77
C SER C 310 -5.02 18.50 -52.05
N SER C 311 -4.99 17.35 -52.71
CA SER C 311 -4.30 16.16 -52.19
C SER C 311 -4.87 15.67 -50.87
N GLU C 312 -6.06 16.14 -50.52
CA GLU C 312 -6.73 15.72 -49.30
C GLU C 312 -8.22 15.92 -49.48
N ILE C 313 -9.01 15.14 -48.76
CA ILE C 313 -10.46 15.34 -48.77
C ILE C 313 -11.15 14.70 -47.57
N LEU C 314 -12.27 15.27 -47.21
CA LEU C 314 -13.10 14.77 -46.12
C LEU C 314 -14.47 14.35 -46.66
N LEU C 315 -14.87 13.11 -46.41
CA LEU C 315 -16.12 12.56 -46.93
C LEU C 315 -17.11 12.20 -45.81
N LYS C 316 -18.19 12.96 -45.70
CA LYS C 316 -19.17 12.72 -44.65
C LYS C 316 -20.03 11.48 -44.93
N GLU C 317 -20.58 10.90 -43.88
CA GLU C 317 -21.64 9.88 -44.00
C GLU C 317 -21.20 8.74 -44.91
N PHE C 318 -19.99 8.24 -44.66
CA PHE C 318 -19.37 7.28 -45.55
C PHE C 318 -19.95 5.87 -45.46
N LEU C 319 -19.97 5.29 -44.26
CA LEU C 319 -20.56 3.96 -44.07
C LEU C 319 -22.06 4.10 -43.93
N LYS C 320 -22.78 3.08 -44.41
CA LYS C 320 -24.22 3.04 -44.25
C LYS C 320 -24.57 3.15 -42.76
N PRO C 321 -25.64 3.89 -42.43
CA PRO C 321 -26.11 4.08 -41.05
C PRO C 321 -26.28 2.77 -40.27
N GLU C 322 -26.84 1.75 -40.91
CA GLU C 322 -27.06 0.47 -40.24
C GLU C 322 -25.71 -0.11 -39.81
N LYS C 323 -24.74 -0.05 -40.71
CA LYS C 323 -23.42 -0.58 -40.42
C LYS C 323 -22.69 0.24 -39.37
N PHE C 324 -22.68 1.56 -39.55
CA PHE C 324 -21.95 2.43 -38.67
C PHE C 324 -22.47 2.29 -37.24
N THR C 325 -23.79 2.23 -37.11
CA THR C 325 -24.43 2.01 -35.83
C THR C 325 -23.97 0.69 -35.19
N LYS C 326 -23.84 -0.37 -36.00
CA LYS C 326 -23.44 -1.68 -35.50
C LYS C 326 -21.97 -1.68 -35.05
N VAL C 327 -21.12 -1.00 -35.82
CA VAL C 327 -19.71 -0.83 -35.45
C VAL C 327 -19.53 -0.12 -34.11
N CYS C 328 -20.16 1.03 -33.96
CA CYS C 328 -20.03 1.83 -32.74
C CYS C 328 -20.56 1.06 -31.53
N GLU C 329 -21.57 0.23 -31.77
CA GLU C 329 -22.19 -0.53 -30.72
C GLU C 329 -21.23 -1.64 -30.25
N ALA C 330 -20.46 -2.18 -31.18
CA ALA C 330 -19.50 -3.24 -30.88
C ALA C 330 -18.29 -2.66 -30.17
N LEU C 331 -17.94 -1.43 -30.53
CA LEU C 331 -16.84 -0.74 -29.89
C LEU C 331 -17.22 -0.38 -28.45
N GLU C 332 -18.43 0.12 -28.25
CA GLU C 332 -18.89 0.51 -26.92
C GLU C 332 -19.10 -0.71 -26.01
N HIS C 333 -19.81 -1.71 -26.52
CA HIS C 333 -20.29 -2.82 -25.68
C HIS C 333 -19.61 -4.17 -25.93
N GLY C 334 -18.77 -4.26 -26.96
CA GLY C 334 -18.35 -5.55 -27.47
C GLY C 334 -17.12 -6.22 -26.88
N HIS C 335 -16.64 -5.75 -25.72
CA HIS C 335 -15.52 -6.39 -25.03
C HIS C 335 -14.21 -6.39 -25.84
N VAL C 336 -13.97 -5.36 -26.64
CA VAL C 336 -12.72 -5.27 -27.40
C VAL C 336 -11.49 -5.22 -26.49
N GLU C 337 -10.42 -5.91 -26.89
CA GLU C 337 -9.18 -5.96 -26.14
C GLU C 337 -8.22 -4.87 -26.63
N TRP C 338 -8.09 -3.81 -25.85
CA TRP C 338 -7.19 -2.70 -26.18
C TRP C 338 -5.86 -2.86 -25.45
N SER C 339 -4.77 -2.52 -26.13
CA SER C 339 -3.46 -2.47 -25.48
C SER C 339 -2.81 -1.11 -25.69
N SER C 340 -2.34 -0.50 -24.61
CA SER C 340 -1.67 0.80 -24.68
C SER C 340 -0.37 0.65 -25.44
N ARG C 341 -0.17 1.54 -26.41
CA ARG C 341 1.01 1.52 -27.26
C ARG C 341 1.97 2.63 -26.83
N GLY C 342 3.27 2.30 -26.80
CA GLY C 342 4.30 3.26 -26.46
C GLY C 342 5.41 3.22 -27.50
N PRO C 343 6.60 3.71 -27.15
CA PRO C 343 6.93 4.33 -25.86
C PRO C 343 6.49 5.81 -25.79
N PRO C 344 6.43 6.38 -24.57
CA PRO C 344 5.96 7.75 -24.25
C PRO C 344 6.56 8.87 -25.10
N ASN C 345 7.74 8.66 -25.67
CA ASN C 345 8.41 9.72 -26.43
C ASN C 345 8.11 9.63 -27.92
N LYS C 346 7.25 8.68 -28.28
CA LYS C 346 6.80 8.53 -29.66
C LYS C 346 5.28 8.58 -29.75
N ARG C 347 4.61 7.84 -28.87
CA ARG C 347 3.17 7.66 -28.98
C ARG C 347 2.52 7.26 -27.67
N PHE C 348 1.22 7.50 -27.57
CA PHE C 348 0.44 7.05 -26.42
C PHE C 348 -1.05 6.97 -26.78
N TYR C 349 -1.48 5.78 -27.16
CA TYR C 349 -2.88 5.53 -27.51
C TYR C 349 -3.14 4.03 -27.37
N GLU C 350 -4.41 3.65 -27.50
CA GLU C 350 -4.78 2.25 -27.38
C GLU C 350 -5.04 1.65 -28.75
N LYS C 351 -4.58 0.42 -28.93
CA LYS C 351 -4.72 -0.28 -30.19
C LYS C 351 -5.39 -1.61 -29.92
N ALA C 352 -6.23 -2.06 -30.85
CA ALA C 352 -7.01 -3.28 -30.66
C ALA C 352 -6.25 -4.52 -31.10
N GLU C 353 -6.31 -5.57 -30.29
CA GLU C 353 -5.78 -6.86 -30.70
C GLU C 353 -6.73 -7.43 -31.74
N GLU C 354 -6.31 -7.37 -33.00
CA GLU C 354 -7.19 -7.66 -34.13
C GLU C 354 -7.79 -9.07 -34.08
N SER C 355 -7.01 -10.03 -33.59
CA SER C 355 -7.43 -11.42 -33.58
C SER C 355 -8.66 -11.69 -32.69
N LYS C 356 -8.88 -10.83 -31.70
CA LYS C 356 -9.92 -11.08 -30.69
C LYS C 356 -11.20 -10.27 -30.94
N LEU C 357 -11.23 -9.48 -32.01
CA LEU C 357 -12.33 -8.56 -32.26
C LEU C 357 -13.66 -9.28 -32.52
N PRO C 358 -14.78 -8.62 -32.17
CA PRO C 358 -16.12 -9.05 -32.65
C PRO C 358 -16.14 -9.17 -34.17
N GLU C 359 -17.01 -10.02 -34.69
CA GLU C 359 -17.02 -10.32 -36.11
C GLU C 359 -17.24 -9.07 -36.95
N ILE C 360 -18.07 -8.16 -36.45
CA ILE C 360 -18.42 -6.96 -37.19
C ILE C 360 -17.22 -6.06 -37.45
N LEU C 361 -16.31 -5.99 -36.48
CA LEU C 361 -15.14 -5.13 -36.59
C LEU C 361 -14.05 -5.83 -37.40
N LYS C 362 -14.00 -7.17 -37.34
CA LYS C 362 -13.11 -7.93 -38.20
C LYS C 362 -13.50 -7.69 -39.65
N GLU C 363 -14.80 -7.61 -39.90
CA GLU C 363 -15.31 -7.44 -41.25
C GLU C 363 -15.05 -6.03 -41.74
N CYS C 364 -15.05 -5.07 -40.81
CA CYS C 364 -14.77 -3.68 -41.17
C CYS C 364 -13.29 -3.51 -41.55
N MET C 365 -12.41 -4.24 -40.86
CA MET C 365 -10.98 -4.26 -41.23
C MET C 365 -10.82 -4.89 -42.63
N LYS C 366 -11.52 -5.99 -42.88
CA LYS C 366 -11.49 -6.64 -44.20
C LYS C 366 -11.90 -5.66 -45.29
N LEU C 367 -12.95 -4.89 -45.02
CA LEU C 367 -13.42 -3.89 -45.99
C LEU C 367 -12.27 -2.97 -46.43
N PHE C 368 -11.52 -2.45 -45.46
CA PHE C 368 -10.44 -1.52 -45.77
C PHE C 368 -9.20 -2.22 -46.33
N ARG C 369 -9.22 -3.55 -46.35
CA ARG C 369 -8.14 -4.32 -46.99
C ARG C 369 -8.62 -4.93 -48.29
N SER C 370 -9.87 -4.67 -48.67
CA SER C 370 -10.48 -5.40 -49.77
C SER C 370 -10.08 -4.85 -51.14
N GLU C 371 -9.96 -5.75 -52.10
CA GLU C 371 -9.74 -5.40 -53.49
C GLU C 371 -10.63 -4.26 -53.96
N ALA C 372 -11.93 -4.40 -53.73
CA ALA C 372 -12.91 -3.43 -54.19
C ALA C 372 -12.59 -2.02 -53.66
N LEU C 373 -12.16 -1.92 -52.41
CA LEU C 373 -11.86 -0.62 -51.82
C LEU C 373 -10.57 -0.04 -52.35
N PHE C 374 -9.57 -0.87 -52.59
CA PHE C 374 -8.38 -0.38 -53.28
C PHE C 374 -8.80 0.33 -54.58
N LEU C 375 -9.69 -0.29 -55.36
CA LEU C 375 -10.12 0.34 -56.60
C LEU C 375 -10.98 1.59 -56.37
N LEU C 376 -11.81 1.57 -55.33
CA LEU C 376 -12.64 2.74 -55.03
C LEU C 376 -11.77 3.95 -54.66
N LEU C 377 -10.72 3.72 -53.86
CA LEU C 377 -9.81 4.78 -53.49
C LEU C 377 -9.01 5.27 -54.70
N SER C 378 -8.82 4.41 -55.68
CA SER C 378 -8.20 4.81 -56.93
C SER C 378 -9.10 5.83 -57.63
N ASN C 379 -10.39 5.53 -57.69
CA ASN C 379 -11.37 6.40 -58.36
C ASN C 379 -11.62 7.69 -57.58
N PHE C 380 -11.33 7.69 -56.28
CA PHE C 380 -11.43 8.89 -55.46
C PHE C 380 -10.25 9.85 -55.66
N THR C 381 -9.07 9.31 -55.92
CA THR C 381 -7.83 10.10 -55.81
C THR C 381 -7.06 10.25 -57.11
N GLY C 382 -7.00 9.16 -57.89
CA GLY C 382 -6.24 9.15 -59.14
C GLY C 382 -4.95 8.37 -59.02
N LEU C 383 -4.84 7.57 -57.96
CA LEU C 383 -3.67 6.73 -57.71
C LEU C 383 -3.90 5.30 -58.16
N LYS C 384 -2.87 4.68 -58.73
CA LYS C 384 -2.89 3.25 -59.06
C LYS C 384 -2.84 2.44 -57.77
N LEU C 385 -4.00 2.03 -57.28
CA LEU C 385 -4.09 1.10 -56.16
C LEU C 385 -4.70 -0.23 -56.61
N HIS C 386 -5.03 -0.30 -57.89
CA HIS C 386 -5.59 -1.50 -58.50
C HIS C 386 -5.22 -1.50 -59.97
N PHE C 387 -5.02 -2.69 -60.53
CA PHE C 387 -4.51 -2.83 -61.89
C PHE C 387 -5.52 -2.53 -62.98
N LEU C 388 -6.77 -2.30 -62.58
CA LEU C 388 -7.81 -1.91 -63.52
C LEU C 388 -8.01 -0.40 -63.45
N ALA C 389 -7.40 0.24 -62.46
CA ALA C 389 -7.32 1.69 -62.44
C ALA C 389 -6.25 2.12 -63.43
N PRO C 390 -6.42 3.31 -64.04
CA PRO C 390 -5.44 3.85 -65.00
C PRO C 390 -3.99 3.76 -64.53
CA SER C 450 6.70 -5.93 -59.77
C SER C 450 6.23 -5.08 -58.58
N SER C 451 5.58 -3.96 -58.90
CA SER C 451 5.09 -3.03 -57.87
C SER C 451 3.66 -3.33 -57.43
N VAL C 452 3.51 -4.17 -56.41
CA VAL C 452 2.20 -4.48 -55.87
C VAL C 452 1.74 -3.37 -54.93
N PRO C 453 0.52 -2.85 -55.11
CA PRO C 453 -0.01 -1.93 -54.10
C PRO C 453 -0.22 -2.63 -52.78
N MET C 454 0.07 -1.97 -51.66
CA MET C 454 0.02 -2.58 -50.33
C MET C 454 -0.76 -1.71 -49.36
N CYS C 455 -0.93 -2.20 -48.13
CA CYS C 455 -1.59 -1.42 -47.11
C CYS C 455 -1.30 -1.96 -45.72
N GLN C 456 -1.50 -1.11 -44.72
CA GLN C 456 -1.42 -1.52 -43.32
C GLN C 456 -2.59 -0.86 -42.62
N GLY C 457 -3.00 -1.39 -41.48
CA GLY C 457 -4.17 -0.87 -40.81
C GLY C 457 -4.23 -1.18 -39.33
N GLU C 458 -5.02 -0.40 -38.62
CA GLU C 458 -5.18 -0.61 -37.19
C GLU C 458 -6.44 0.07 -36.71
N LEU C 459 -6.99 -0.48 -35.62
CA LEU C 459 -8.13 0.10 -34.94
C LEU C 459 -7.65 0.73 -33.63
N ARG C 460 -7.96 2.01 -33.44
CA ARG C 460 -7.38 2.78 -32.35
C ARG C 460 -8.45 3.40 -31.46
N HIS C 461 -8.08 3.60 -30.19
CA HIS C 461 -8.96 4.21 -29.21
C HIS C 461 -8.29 5.41 -28.56
N TRP C 462 -8.93 6.57 -28.69
CA TRP C 462 -8.40 7.83 -28.19
C TRP C 462 -9.19 8.34 -26.97
N LYS C 463 -8.51 8.50 -25.84
CA LYS C 463 -9.11 9.12 -24.68
C LYS C 463 -8.18 10.21 -24.15
N THR C 464 -8.66 10.93 -23.15
CA THR C 464 -7.92 12.05 -22.58
C THR C 464 -6.52 11.61 -22.19
N GLY C 465 -5.52 12.38 -22.62
CA GLY C 465 -4.13 12.08 -22.33
C GLY C 465 -3.35 11.55 -23.52
N HIS C 466 -4.06 11.00 -24.49
CA HIS C 466 -3.43 10.34 -25.63
C HIS C 466 -2.84 11.33 -26.65
N TYR C 467 -1.91 10.82 -27.46
CA TYR C 467 -1.15 11.64 -28.42
C TYR C 467 -0.22 10.80 -29.27
N THR C 468 0.29 11.41 -30.34
CA THR C 468 1.48 10.90 -31.03
C THR C 468 2.40 12.06 -31.37
N LEU C 469 3.69 11.76 -31.48
CA LEU C 469 4.72 12.75 -31.77
C LEU C 469 5.43 12.43 -33.07
N ILE C 470 6.21 13.39 -33.55
CA ILE C 470 7.20 13.16 -34.59
C ILE C 470 8.49 12.62 -33.95
N HIS C 471 9.11 11.63 -34.58
CA HIS C 471 10.33 11.03 -34.03
C HIS C 471 11.24 10.52 -35.13
N LYS C 475 9.84 8.07 -40.41
CA LYS C 475 10.15 7.86 -41.82
C LYS C 475 9.02 8.36 -42.70
N ALA C 476 9.35 9.16 -43.72
CA ALA C 476 8.37 9.75 -44.62
C ALA C 476 8.41 9.10 -46.00
N GLU C 477 7.25 9.04 -46.65
CA GLU C 477 7.06 8.24 -47.85
C GLU C 477 5.84 8.72 -48.61
N PHE C 478 5.76 8.44 -49.90
CA PHE C 478 4.54 8.69 -50.67
C PHE C 478 3.50 7.72 -50.19
N ALA C 479 2.37 8.24 -49.74
CA ALA C 479 1.38 7.37 -49.15
C ALA C 479 0.04 8.08 -49.08
N LEU C 480 -1.01 7.28 -49.01
CA LEU C 480 -2.36 7.76 -48.83
C LEU C 480 -2.83 7.34 -47.44
N ASP C 481 -3.08 8.32 -46.59
CA ASP C 481 -3.64 8.06 -45.27
C ASP C 481 -5.14 7.99 -45.40
N LEU C 482 -5.73 7.09 -44.63
CA LEU C 482 -7.17 6.99 -44.53
C LEU C 482 -7.54 6.92 -43.05
N ILE C 483 -8.56 7.66 -42.67
CA ILE C 483 -9.10 7.57 -41.31
C ILE C 483 -10.61 7.53 -41.38
N LEU C 484 -11.22 6.63 -40.62
CA LEU C 484 -12.67 6.61 -40.42
C LEU C 484 -12.98 6.82 -38.94
N TYR C 485 -13.63 7.92 -38.60
CA TYR C 485 -13.90 8.23 -37.21
C TYR C 485 -15.21 7.63 -36.72
N CYS C 486 -15.21 7.14 -35.48
CA CYS C 486 -16.40 6.56 -34.86
C CYS C 486 -16.56 7.07 -33.43
N GLY C 487 -17.79 7.27 -32.99
CA GLY C 487 -18.05 7.70 -31.62
C GLY C 487 -17.49 9.06 -31.26
N CYS C 488 -17.61 10.02 -32.19
CA CYS C 488 -17.09 11.39 -31.99
C CYS C 488 -18.20 12.36 -31.60
N GLU C 489 -19.31 11.85 -31.10
CA GLU C 489 -20.39 12.73 -30.71
C GLU C 489 -19.91 13.66 -29.59
N GLY C 490 -20.11 14.96 -29.79
CA GLY C 490 -19.75 15.95 -28.81
C GLY C 490 -18.28 16.33 -28.88
N TRP C 491 -17.60 15.94 -29.96
CA TRP C 491 -16.18 16.22 -30.11
C TRP C 491 -15.91 17.61 -30.69
N GLU C 492 -14.95 18.33 -30.10
CA GLU C 492 -14.58 19.69 -30.54
C GLU C 492 -13.10 19.68 -30.88
N PRO C 493 -12.69 20.50 -31.86
CA PRO C 493 -11.24 20.61 -32.16
C PRO C 493 -10.40 21.00 -30.93
N GLU C 494 -10.92 21.91 -30.10
CA GLU C 494 -10.18 22.42 -28.92
C GLU C 494 -9.82 21.31 -27.94
N TYR C 495 -10.38 20.12 -28.11
CA TYR C 495 -10.06 19.00 -27.23
C TYR C 495 -8.71 18.38 -27.57
N GLY C 496 -8.23 18.62 -28.79
CA GLY C 496 -7.08 17.92 -29.33
C GLY C 496 -7.62 16.72 -30.09
N GLY C 497 -6.77 15.74 -30.40
CA GLY C 497 -7.22 14.55 -31.09
C GLY C 497 -7.32 14.69 -32.60
N PHE C 498 -7.13 15.91 -33.12
CA PHE C 498 -7.07 16.10 -34.56
C PHE C 498 -5.74 15.60 -35.08
N THR C 499 -5.70 15.23 -36.36
CA THR C 499 -4.44 14.86 -37.00
C THR C 499 -3.96 16.04 -37.81
N SER C 500 -2.69 16.38 -37.62
CA SER C 500 -2.10 17.53 -38.29
C SER C 500 -0.98 17.07 -39.19
N TYR C 501 -0.87 17.73 -40.35
CA TYR C 501 0.19 17.46 -41.32
C TYR C 501 1.06 18.70 -41.49
N ILE C 502 2.36 18.48 -41.42
CA ILE C 502 3.34 19.57 -41.51
C ILE C 502 4.49 19.19 -42.42
N ALA C 503 5.04 20.16 -43.12
CA ALA C 503 6.17 19.92 -44.00
C ALA C 503 7.47 19.86 -43.18
N LYS C 504 8.34 18.91 -43.51
CA LYS C 504 9.62 18.70 -42.82
C LYS C 504 10.40 19.97 -42.52
N GLY C 505 10.97 20.02 -41.32
CA GLY C 505 11.86 21.10 -40.92
C GLY C 505 11.27 22.49 -41.12
N GLU C 506 9.96 22.61 -40.94
CA GLU C 506 9.29 23.90 -41.06
C GLU C 506 8.11 24.00 -40.10
N ASP C 507 7.52 25.20 -40.02
CA ASP C 507 6.54 25.53 -38.99
C ASP C 507 5.16 25.81 -39.57
N GLU C 508 5.11 26.02 -40.88
CA GLU C 508 3.84 26.18 -41.57
C GLU C 508 3.04 24.88 -41.53
N GLU C 509 1.92 24.90 -40.82
CA GLU C 509 1.05 23.73 -40.75
C GLU C 509 0.22 23.62 -42.03
N LEU C 510 0.21 22.43 -42.62
CA LEU C 510 -0.38 22.23 -43.96
C LEU C 510 -1.85 21.89 -43.96
N LEU C 511 -2.27 21.11 -42.99
CA LEU C 511 -3.60 20.54 -43.00
C LEU C 511 -3.94 19.99 -41.61
N THR C 512 -5.22 20.06 -41.25
CA THR C 512 -5.68 19.53 -39.98
C THR C 512 -6.99 18.76 -40.18
N VAL C 513 -7.06 17.57 -39.59
CA VAL C 513 -8.25 16.72 -39.70
C VAL C 513 -8.92 16.53 -38.34
N ASN C 514 -10.14 17.04 -38.20
CA ASN C 514 -10.88 16.94 -36.94
C ASN C 514 -11.82 15.74 -36.92
N PRO C 515 -11.83 14.98 -35.80
CA PRO C 515 -12.81 13.89 -35.68
C PRO C 515 -14.26 14.30 -35.95
N GLU C 516 -14.90 13.57 -36.86
CA GLU C 516 -16.32 13.75 -37.14
C GLU C 516 -16.90 12.37 -37.39
N SER C 517 -18.00 12.05 -36.69
CA SER C 517 -18.61 10.74 -36.74
C SER C 517 -18.92 10.31 -38.17
N ASN C 518 -18.48 9.09 -38.50
CA ASN C 518 -18.70 8.48 -39.80
C ASN C 518 -18.14 9.27 -40.98
N SER C 519 -17.14 10.12 -40.72
CA SER C 519 -16.46 10.84 -41.80
C SER C 519 -15.17 10.12 -42.15
N LEU C 520 -14.93 10.00 -43.45
CA LEU C 520 -13.72 9.38 -43.98
C LEU C 520 -12.78 10.46 -44.48
N ALA C 521 -11.56 10.50 -43.93
CA ALA C 521 -10.56 11.49 -44.32
C ALA C 521 -9.50 10.83 -45.19
N LEU C 522 -9.23 11.41 -46.34
CA LEU C 522 -8.19 10.90 -47.23
C LEU C 522 -7.13 11.96 -47.45
N VAL C 523 -5.87 11.60 -47.25
CA VAL C 523 -4.76 12.55 -47.34
C VAL C 523 -3.57 11.92 -48.03
N TYR C 524 -3.13 12.52 -49.13
CA TYR C 524 -1.92 12.09 -49.81
C TYR C 524 -0.71 12.84 -49.25
N ARG C 525 0.29 12.09 -48.78
CA ARG C 525 1.55 12.64 -48.26
C ARG C 525 2.66 12.44 -49.26
N ASP C 526 3.63 13.35 -49.28
CA ASP C 526 4.87 13.14 -50.02
C ASP C 526 6.01 12.87 -49.03
N ARG C 527 7.22 12.77 -49.56
CA ARG C 527 8.39 12.32 -48.79
C ARG C 527 8.90 13.37 -47.80
N GLU C 528 8.34 14.58 -47.87
CA GLU C 528 8.77 15.67 -47.01
C GLU C 528 7.64 16.11 -46.08
N THR C 529 6.67 15.23 -45.87
CA THR C 529 5.52 15.53 -45.01
C THR C 529 5.42 14.59 -43.82
N LEU C 530 5.10 15.16 -42.67
CA LEU C 530 5.02 14.41 -41.42
C LEU C 530 3.66 14.69 -40.82
N LYS C 531 3.28 13.87 -39.85
CA LYS C 531 1.98 14.02 -39.24
C LYS C 531 2.03 13.68 -37.77
N PHE C 532 0.99 14.09 -37.05
CA PHE C 532 0.86 13.71 -35.66
C PHE C 532 -0.60 13.87 -35.22
N VAL C 533 -0.98 13.10 -34.20
CA VAL C 533 -2.24 13.30 -33.51
C VAL C 533 -1.99 14.12 -32.25
N LYS C 534 -2.50 15.35 -32.23
CA LYS C 534 -2.25 16.27 -31.13
C LYS C 534 -2.84 15.78 -29.81
N HIS C 535 -2.06 15.96 -28.75
CA HIS C 535 -2.43 15.60 -27.38
C HIS C 535 -3.88 15.95 -27.04
N ILE C 536 -4.61 14.97 -26.52
CA ILE C 536 -5.99 15.21 -26.11
C ILE C 536 -6.05 15.77 -24.68
N ASN C 537 -6.55 17.00 -24.56
CA ASN C 537 -6.53 17.72 -23.29
C ASN C 537 -7.85 17.62 -22.54
N HIS C 538 -7.93 18.31 -21.40
CA HIS C 538 -9.01 18.08 -20.45
C HIS C 538 -10.33 18.74 -20.81
N ARG C 539 -10.31 19.64 -21.79
CA ARG C 539 -11.56 20.14 -22.34
C ARG C 539 -12.40 18.96 -22.83
N SER C 540 -11.72 17.87 -23.21
CA SER C 540 -12.36 16.69 -23.77
C SER C 540 -13.38 16.07 -22.81
N LEU C 541 -13.21 16.31 -21.51
CA LEU C 541 -14.13 15.78 -20.51
C LEU C 541 -15.57 16.24 -20.73
N GLU C 542 -15.75 17.31 -21.49
CA GLU C 542 -17.08 17.86 -21.77
C GLU C 542 -17.83 17.04 -22.82
N GLN C 543 -17.13 16.13 -23.48
CA GLN C 543 -17.74 15.27 -24.50
C GLN C 543 -18.95 14.52 -23.95
N LYS C 544 -18.82 14.01 -22.72
CA LYS C 544 -19.87 13.30 -22.02
C LYS C 544 -21.24 13.97 -22.09
N LYS C 545 -21.26 15.31 -22.09
CA LYS C 545 -22.52 16.06 -22.01
C LYS C 545 -23.37 15.86 -23.26
N THR C 546 -22.74 15.39 -24.33
CA THR C 546 -23.47 15.09 -25.56
C THR C 546 -23.85 13.60 -25.64
N PHE C 547 -25.10 13.36 -25.99
CA PHE C 547 -25.61 12.03 -26.23
C PHE C 547 -24.81 11.36 -27.34
N PRO C 548 -24.47 10.05 -27.20
CA PRO C 548 -24.85 9.14 -26.11
C PRO C 548 -23.81 9.04 -24.98
N ASN C 549 -23.22 10.18 -24.63
CA ASN C 549 -22.35 10.27 -23.46
C ASN C 549 -21.08 9.42 -23.56
N ARG C 550 -20.31 9.64 -24.61
CA ARG C 550 -19.12 8.85 -24.86
C ARG C 550 -17.91 9.45 -24.17
N THR C 551 -16.90 8.62 -23.92
CA THR C 551 -15.71 9.05 -23.18
C THR C 551 -14.44 8.81 -23.99
N GLY C 552 -14.40 9.35 -25.20
CA GLY C 552 -13.31 9.10 -26.11
C GLY C 552 -13.89 8.83 -27.47
N PHE C 553 -13.05 8.37 -28.38
CA PHE C 553 -13.53 8.01 -29.69
C PHE C 553 -12.60 6.98 -30.31
N TRP C 554 -13.05 6.42 -31.43
CA TRP C 554 -12.33 5.36 -32.11
C TRP C 554 -12.14 5.77 -33.54
N ASP C 555 -11.12 5.19 -34.17
CA ASP C 555 -10.95 5.35 -35.61
C ASP C 555 -10.27 4.12 -36.21
N PHE C 556 -10.57 3.87 -37.48
CA PHE C 556 -9.84 2.88 -38.27
C PHE C 556 -8.79 3.67 -39.04
N SER C 557 -7.52 3.34 -38.86
CA SER C 557 -6.46 4.10 -39.49
C SER C 557 -5.65 3.21 -40.42
N PHE C 558 -5.74 3.50 -41.72
CA PHE C 558 -5.08 2.71 -42.76
C PHE C 558 -4.18 3.57 -43.62
N ILE C 559 -3.13 2.94 -44.15
CA ILE C 559 -2.20 3.61 -45.05
C ILE C 559 -2.00 2.75 -46.29
N TYR C 560 -2.22 3.35 -47.46
CA TYR C 560 -2.09 2.66 -48.73
C TYR C 560 -0.87 3.16 -49.50
N TYR C 561 -0.21 2.23 -50.20
CA TYR C 561 0.97 2.53 -51.00
C TYR C 561 0.83 1.98 -52.41
N GLU C 562 1.21 2.79 -53.39
CA GLU C 562 1.18 2.38 -54.78
C GLU C 562 2.22 1.28 -55.02
N ALA D 44 46.86 -16.43 -0.78
CA ALA D 44 45.97 -15.45 -1.40
C ALA D 44 45.10 -14.73 -0.37
N GLU D 45 44.46 -13.64 -0.80
CA GLU D 45 43.66 -12.77 0.07
C GLU D 45 42.54 -12.10 -0.71
N PHE D 46 41.40 -11.88 -0.05
CA PHE D 46 40.31 -11.14 -0.66
C PHE D 46 40.60 -9.65 -0.47
N SER D 47 40.03 -8.83 -1.35
CA SER D 47 40.44 -7.42 -1.52
C SER D 47 40.82 -6.66 -0.25
N ASP D 48 42.03 -6.10 -0.27
CA ASP D 48 42.55 -5.32 0.85
C ASP D 48 41.68 -4.10 1.11
N ALA D 49 40.95 -3.66 0.10
CA ALA D 49 40.11 -2.48 0.20
C ALA D 49 39.07 -2.58 1.31
N VAL D 50 38.37 -3.71 1.37
CA VAL D 50 37.31 -3.88 2.37
C VAL D 50 37.85 -4.20 3.77
N THR D 51 39.15 -4.48 3.86
CA THR D 51 39.80 -4.68 5.16
C THR D 51 40.33 -3.36 5.72
N GLU D 52 40.22 -2.29 4.93
CA GLU D 52 40.60 -0.96 5.38
C GLU D 52 39.77 -0.58 6.59
N GLU D 53 40.39 0.13 7.52
CA GLU D 53 39.75 0.44 8.80
C GLU D 53 38.53 1.33 8.59
N THR D 54 38.66 2.33 7.72
CA THR D 54 37.62 3.34 7.55
C THR D 54 36.39 2.75 6.89
N LEU D 55 36.60 1.98 5.82
CA LEU D 55 35.49 1.40 5.07
C LEU D 55 34.77 0.35 5.90
N LYS D 56 35.52 -0.41 6.69
CA LYS D 56 34.94 -1.44 7.55
C LYS D 56 34.10 -0.83 8.68
N LYS D 57 34.54 0.31 9.20
CA LYS D 57 33.74 1.03 10.18
C LYS D 57 32.44 1.50 9.53
N GLN D 58 32.53 1.92 8.28
CA GLN D 58 31.37 2.39 7.53
C GLN D 58 30.40 1.24 7.20
N VAL D 59 30.94 0.04 7.03
CA VAL D 59 30.16 -1.14 6.67
C VAL D 59 29.43 -1.70 7.89
N ALA D 60 30.09 -1.69 9.04
CA ALA D 60 29.51 -2.17 10.27
C ALA D 60 28.42 -1.21 10.75
N GLU D 61 28.64 0.08 10.50
CA GLU D 61 27.70 1.11 10.91
C GLU D 61 26.41 1.02 10.11
N ALA D 62 26.55 0.80 8.80
CA ALA D 62 25.39 0.71 7.92
C ALA D 62 24.61 -0.58 8.20
N TRP D 63 25.32 -1.64 8.59
CA TRP D 63 24.69 -2.91 8.93
C TRP D 63 23.85 -2.74 10.20
N SER D 64 24.38 -1.96 11.14
CA SER D 64 23.74 -1.74 12.43
C SER D 64 22.52 -0.84 12.31
N ARG D 65 22.61 0.15 11.42
CA ARG D 65 21.53 1.11 11.22
C ARG D 65 20.55 0.61 10.17
N ARG D 66 20.85 -0.54 9.56
CA ARG D 66 20.04 -1.09 8.47
C ARG D 66 19.80 -0.01 7.43
N THR D 67 20.90 0.57 6.96
CA THR D 67 20.87 1.70 6.04
C THR D 67 21.73 1.39 4.81
N PRO D 68 21.31 1.87 3.63
CA PRO D 68 22.13 1.62 2.44
C PRO D 68 23.54 2.18 2.56
N PHE D 69 24.47 1.57 1.85
CA PHE D 69 25.85 2.04 1.79
C PHE D 69 26.46 1.64 0.45
N SER D 70 26.83 2.64 -0.34
CA SER D 70 27.38 2.42 -1.67
C SER D 70 28.84 2.87 -1.72
N HIS D 71 29.62 2.26 -2.60
CA HIS D 71 31.05 2.53 -2.69
C HIS D 71 31.63 1.96 -3.98
N GLU D 72 32.88 2.30 -4.26
CA GLU D 72 33.55 1.86 -5.47
C GLU D 72 33.85 0.35 -5.42
N VAL D 73 34.05 -0.18 -4.22
CA VAL D 73 34.49 -1.56 -4.04
C VAL D 73 33.40 -2.44 -3.44
N ILE D 74 32.27 -1.84 -3.11
CA ILE D 74 31.21 -2.54 -2.40
C ILE D 74 29.93 -1.74 -2.44
N VAL D 75 28.80 -2.45 -2.39
CA VAL D 75 27.49 -1.83 -2.30
C VAL D 75 26.65 -2.66 -1.34
N MET D 76 25.90 -1.98 -0.47
CA MET D 76 25.04 -2.67 0.48
C MET D 76 23.67 -2.00 0.50
N ASP D 77 22.66 -2.78 0.09
CA ASP D 77 21.30 -2.28 -0.03
C ASP D 77 20.39 -2.98 0.99
N MET D 78 19.31 -2.28 1.39
CA MET D 78 18.34 -2.81 2.36
C MET D 78 17.05 -3.29 1.70
N ASP D 79 16.92 -3.03 0.39
CA ASP D 79 15.70 -3.31 -0.35
C ASP D 79 15.96 -4.40 -1.40
N PRO D 80 15.13 -5.47 -1.41
CA PRO D 80 14.02 -5.81 -0.51
C PRO D 80 14.51 -6.29 0.86
N PHE D 81 15.76 -6.73 0.94
CA PHE D 81 16.38 -7.07 2.21
C PHE D 81 17.88 -6.89 2.12
N LEU D 82 18.58 -7.09 3.23
CA LEU D 82 20.00 -6.81 3.29
C LEU D 82 20.73 -7.76 2.36
N HIS D 83 21.36 -7.18 1.33
CA HIS D 83 22.22 -7.94 0.44
C HIS D 83 23.37 -7.04 -0.03
N CYS D 84 24.56 -7.60 -0.07
CA CYS D 84 25.77 -6.87 -0.41
C CYS D 84 26.46 -7.45 -1.65
N VAL D 85 27.22 -6.60 -2.34
CA VAL D 85 27.87 -6.98 -3.60
C VAL D 85 29.31 -6.46 -3.66
N ILE D 86 30.27 -7.36 -3.48
CA ILE D 86 31.68 -7.01 -3.60
C ILE D 86 32.22 -7.48 -4.95
N PRO D 87 32.36 -6.56 -5.93
CA PRO D 87 33.02 -6.96 -7.17
C PRO D 87 34.52 -7.14 -6.93
N ASN D 88 35.19 -7.95 -7.77
CA ASN D 88 36.62 -8.23 -7.59
C ASN D 88 36.94 -8.69 -6.17
N PHE D 89 36.30 -9.78 -5.77
CA PHE D 89 36.39 -10.28 -4.41
C PHE D 89 37.82 -10.69 -4.07
N ILE D 90 38.51 -11.29 -5.03
CA ILE D 90 39.86 -11.80 -4.81
C ILE D 90 40.81 -11.16 -5.79
N GLN D 91 41.87 -10.57 -5.27
CA GLN D 91 42.74 -9.71 -6.05
C GLN D 91 43.67 -10.51 -6.95
N SER D 92 44.12 -11.66 -6.47
CA SER D 92 45.02 -12.52 -7.25
C SER D 92 44.28 -13.22 -8.39
N GLN D 93 44.57 -12.80 -9.62
CA GLN D 93 43.91 -13.36 -10.78
C GLN D 93 44.49 -14.75 -11.07
N ASP D 94 45.75 -14.94 -10.68
CA ASP D 94 46.42 -16.23 -10.80
C ASP D 94 45.74 -17.27 -9.92
N PHE D 95 45.20 -16.83 -8.80
CA PHE D 95 44.59 -17.74 -7.84
C PHE D 95 43.22 -18.19 -8.34
N LEU D 96 42.47 -17.26 -8.92
CA LEU D 96 41.13 -17.56 -9.40
C LEU D 96 41.19 -18.53 -10.57
N GLU D 97 42.11 -18.26 -11.49
CA GLU D 97 42.30 -19.11 -12.64
C GLU D 97 42.65 -20.52 -12.16
N GLY D 98 43.46 -20.59 -11.11
CA GLY D 98 43.83 -21.87 -10.53
C GLY D 98 42.62 -22.57 -9.92
N LEU D 99 41.78 -21.77 -9.26
CA LEU D 99 40.56 -22.28 -8.62
C LEU D 99 39.58 -22.80 -9.65
N GLN D 100 39.43 -22.05 -10.75
CA GLN D 100 38.57 -22.42 -11.85
C GLN D 100 39.01 -23.74 -12.43
N LYS D 101 40.32 -23.86 -12.68
CA LYS D 101 40.90 -25.07 -13.23
C LYS D 101 40.52 -26.28 -12.37
N GLU D 102 40.74 -26.17 -11.06
CA GLU D 102 40.49 -27.27 -10.15
C GLU D 102 39.01 -27.67 -10.13
N LEU D 103 38.14 -26.67 -10.03
CA LEU D 103 36.71 -26.93 -9.86
C LEU D 103 36.11 -27.60 -11.08
N MET D 104 36.46 -27.10 -12.26
CA MET D 104 35.97 -27.70 -13.50
C MET D 104 36.44 -29.15 -13.65
N ASN D 105 37.57 -29.46 -13.01
CA ASN D 105 38.15 -30.80 -13.13
C ASN D 105 37.50 -31.80 -12.18
N LEU D 106 36.73 -31.31 -11.22
CA LEU D 106 35.99 -32.19 -10.33
C LEU D 106 34.88 -32.88 -11.10
N ASP D 107 34.31 -33.91 -10.49
CA ASP D 107 33.18 -34.61 -11.09
C ASP D 107 31.91 -33.91 -10.66
N PHE D 108 30.96 -33.78 -11.59
CA PHE D 108 29.71 -33.10 -11.32
C PHE D 108 28.52 -34.07 -11.42
N HIS D 109 27.63 -33.97 -10.44
CA HIS D 109 26.46 -34.83 -10.34
C HIS D 109 25.21 -34.01 -10.59
N GLU D 110 24.26 -34.60 -11.30
CA GLU D 110 22.97 -33.95 -11.51
C GLU D 110 22.26 -33.87 -10.16
N LYS D 111 21.67 -32.70 -9.90
CA LYS D 111 20.81 -32.51 -8.74
C LYS D 111 19.44 -32.04 -9.21
N TYR D 112 18.40 -32.72 -8.76
CA TYR D 112 17.07 -32.52 -9.29
C TYR D 112 16.00 -32.65 -8.22
N ASN D 113 15.01 -31.74 -8.24
CA ASN D 113 13.79 -31.88 -7.47
C ASN D 113 12.74 -30.89 -7.99
N ASP D 114 11.78 -30.51 -7.16
CA ASP D 114 10.76 -29.55 -7.58
C ASP D 114 11.32 -28.13 -7.66
N LEU D 115 12.27 -27.83 -6.79
CA LEU D 115 12.76 -26.46 -6.62
C LEU D 115 13.86 -26.09 -7.61
N TYR D 116 14.66 -27.07 -8.00
CA TYR D 116 15.81 -26.82 -8.85
C TYR D 116 16.14 -27.98 -9.79
N LYS D 117 17.05 -27.68 -10.71
CA LYS D 117 17.70 -28.65 -11.55
C LYS D 117 18.99 -27.99 -11.98
N PHE D 118 20.11 -28.58 -11.58
CA PHE D 118 21.44 -28.09 -11.90
C PHE D 118 22.47 -29.14 -11.50
N GLN D 119 23.73 -28.95 -11.88
CA GLN D 119 24.79 -29.87 -11.50
C GLN D 119 25.56 -29.36 -10.29
N GLN D 120 25.92 -30.27 -9.39
CA GLN D 120 26.71 -29.92 -8.23
C GLN D 120 27.96 -30.78 -8.23
N SER D 121 29.03 -30.30 -7.59
CA SER D 121 30.32 -30.94 -7.68
C SER D 121 30.57 -31.87 -6.52
N ASP D 122 31.66 -32.63 -6.61
CA ASP D 122 32.16 -33.39 -5.48
C ASP D 122 32.28 -32.42 -4.31
N ASP D 123 31.77 -32.80 -3.14
CA ASP D 123 31.75 -31.90 -1.99
C ASP D 123 33.13 -31.35 -1.64
N LEU D 124 33.14 -30.09 -1.24
CA LEU D 124 34.38 -29.33 -1.08
C LEU D 124 34.92 -29.38 0.34
N LYS D 125 34.11 -29.87 1.27
CA LYS D 125 34.44 -29.79 2.69
C LYS D 125 35.79 -30.43 3.01
N LYS D 126 36.02 -31.62 2.45
CA LYS D 126 37.22 -32.39 2.74
C LYS D 126 38.02 -32.64 1.47
N ARG D 127 38.28 -31.56 0.74
CA ARG D 127 39.05 -31.62 -0.49
C ARG D 127 40.48 -31.19 -0.19
N ARG D 128 41.45 -31.92 -0.73
CA ARG D 128 42.86 -31.72 -0.37
C ARG D 128 43.60 -30.76 -1.31
N GLU D 129 42.98 -30.40 -2.43
CA GLU D 129 43.62 -29.52 -3.41
C GLU D 129 43.87 -28.14 -2.81
N PRO D 130 44.98 -27.49 -3.23
CA PRO D 130 45.46 -26.25 -2.60
C PRO D 130 44.51 -25.06 -2.75
N HIS D 131 44.12 -24.73 -3.97
CA HIS D 131 43.28 -23.56 -4.22
C HIS D 131 41.95 -23.65 -3.48
N ILE D 132 41.30 -24.81 -3.58
CA ILE D 132 40.03 -25.03 -2.87
C ILE D 132 40.27 -25.01 -1.36
N SER D 133 41.36 -25.62 -0.91
CA SER D 133 41.69 -25.65 0.50
C SER D 133 41.89 -24.23 1.01
N THR D 134 42.64 -23.45 0.24
CA THR D 134 42.94 -22.07 0.59
C THR D 134 41.66 -21.23 0.68
N LEU D 135 40.75 -21.45 -0.27
CA LEU D 135 39.50 -20.69 -0.31
C LEU D 135 38.60 -20.97 0.89
N ARG D 136 38.69 -22.17 1.46
CA ARG D 136 37.99 -22.49 2.69
C ARG D 136 38.47 -21.58 3.81
N LYS D 137 39.79 -21.35 3.85
CA LYS D 137 40.38 -20.48 4.86
C LYS D 137 39.98 -19.03 4.63
N ILE D 138 39.85 -18.62 3.37
CA ILE D 138 39.51 -17.23 3.06
C ILE D 138 38.08 -16.91 3.49
N LEU D 139 37.17 -17.87 3.28
CA LEU D 139 35.76 -17.63 3.54
C LEU D 139 35.37 -17.90 4.98
N PHE D 140 35.85 -19.01 5.53
CA PHE D 140 35.39 -19.48 6.83
C PHE D 140 36.34 -19.17 8.00
N GLU D 141 37.36 -18.36 7.72
CA GLU D 141 38.19 -17.79 8.77
C GLU D 141 38.31 -16.28 8.57
N ASP D 142 38.88 -15.86 7.44
CA ASP D 142 39.11 -14.44 7.17
C ASP D 142 37.80 -13.69 7.00
N PHE D 143 37.04 -14.05 5.97
CA PHE D 143 35.82 -13.34 5.64
C PHE D 143 34.77 -13.52 6.74
N ARG D 144 34.69 -14.72 7.30
CA ARG D 144 33.76 -14.99 8.40
C ARG D 144 34.03 -14.07 9.59
N SER D 145 35.31 -13.84 9.87
CA SER D 145 35.71 -12.99 10.98
C SER D 145 35.49 -11.52 10.64
N TRP D 146 35.49 -11.21 9.35
CA TRP D 146 35.16 -9.87 8.87
C TRP D 146 33.68 -9.58 9.08
N LEU D 147 32.83 -10.57 8.75
CA LEU D 147 31.38 -10.43 8.86
C LEU D 147 30.88 -10.36 10.29
N SER D 148 31.40 -11.23 11.15
CA SER D 148 31.05 -11.26 12.57
C SER D 148 31.25 -9.89 13.20
N ASP D 149 32.30 -9.21 12.74
CA ASP D 149 32.66 -7.90 13.28
C ASP D 149 31.70 -6.81 12.81
N ILE D 150 31.27 -6.89 11.55
CA ILE D 150 30.40 -5.85 10.99
C ILE D 150 28.92 -6.15 11.21
N SER D 151 28.61 -7.42 11.44
CA SER D 151 27.23 -7.85 11.63
C SER D 151 26.91 -8.00 13.11
N LYS D 152 27.97 -8.07 13.92
CA LYS D 152 27.82 -8.30 15.36
C LYS D 152 27.11 -9.62 15.60
N ILE D 153 27.42 -10.60 14.76
CA ILE D 153 26.87 -11.94 14.86
C ILE D 153 27.99 -12.93 15.14
N ASP D 154 27.72 -13.91 15.99
CA ASP D 154 28.69 -14.96 16.30
C ASP D 154 28.61 -16.08 15.26
N LEU D 155 29.45 -15.98 14.23
CA LEU D 155 29.44 -16.94 13.14
C LEU D 155 30.38 -18.11 13.41
N GLU D 156 29.95 -19.31 13.00
CA GLU D 156 30.71 -20.52 13.25
C GLU D 156 31.67 -20.84 12.10
N SER D 157 32.81 -21.43 12.45
CA SER D 157 33.80 -21.83 11.47
CA SER D 157 33.80 -21.83 11.47
C SER D 157 33.31 -23.03 10.65
N THR D 158 32.12 -23.51 10.97
CA THR D 158 31.52 -24.64 10.26
C THR D 158 31.48 -24.38 8.76
N ILE D 159 32.05 -25.32 8.01
CA ILE D 159 32.21 -25.15 6.57
C ILE D 159 30.99 -25.65 5.81
N ASP D 160 30.32 -24.72 5.13
CA ASP D 160 29.18 -25.02 4.29
C ASP D 160 29.33 -24.28 2.96
N MET D 161 29.89 -24.95 1.96
CA MET D 161 30.07 -24.37 0.64
C MET D 161 29.96 -25.46 -0.43
N SER D 162 29.64 -25.05 -1.65
CA SER D 162 29.47 -25.98 -2.76
C SER D 162 29.74 -25.29 -4.08
N CYS D 163 30.05 -26.10 -5.09
CA CYS D 163 30.25 -25.60 -6.44
C CYS D 163 29.05 -26.05 -7.26
N ALA D 164 28.42 -25.10 -7.94
CA ALA D 164 27.25 -25.38 -8.75
C ALA D 164 27.52 -24.96 -10.17
N LYS D 165 26.99 -25.75 -11.09
CA LYS D 165 27.10 -25.47 -12.51
C LYS D 165 25.70 -25.52 -13.12
N TYR D 166 25.25 -24.36 -13.60
CA TYR D 166 23.96 -24.26 -14.28
C TYR D 166 24.20 -24.15 -15.77
N GLU D 167 23.53 -25.01 -16.54
CA GLU D 167 23.60 -24.91 -17.99
C GLU D 167 22.20 -24.77 -18.54
N PHE D 168 22.07 -24.82 -19.86
CA PHE D 168 20.80 -24.61 -20.55
C PHE D 168 19.63 -25.37 -19.91
N THR D 169 18.60 -24.62 -19.50
CA THR D 169 17.37 -25.15 -18.87
C THR D 169 17.47 -25.32 -17.36
N ASP D 170 18.69 -25.31 -16.81
CA ASP D 170 18.88 -25.40 -15.36
C ASP D 170 18.34 -24.14 -14.68
N ALA D 171 17.79 -24.31 -13.48
CA ALA D 171 17.18 -23.19 -12.77
C ALA D 171 17.00 -23.54 -11.30
N LEU D 172 16.95 -22.51 -10.47
CA LEU D 172 16.67 -22.66 -9.05
C LEU D 172 15.58 -21.66 -8.71
N LEU D 173 14.46 -22.14 -8.18
CA LEU D 173 13.26 -21.32 -8.08
C LEU D 173 13.09 -20.68 -6.71
N CYS D 174 12.00 -19.92 -6.59
CA CYS D 174 11.76 -19.06 -5.44
C CYS D 174 11.82 -19.79 -4.10
N HIS D 175 12.77 -19.36 -3.26
CA HIS D 175 13.02 -19.95 -1.95
C HIS D 175 13.72 -18.92 -1.06
N ASP D 176 13.91 -19.24 0.23
CA ASP D 176 14.46 -18.29 1.19
C ASP D 176 15.68 -18.81 1.95
N ASP D 177 16.20 -19.96 1.53
CA ASP D 177 17.40 -20.55 2.13
C ASP D 177 17.23 -20.81 3.64
N GLU D 178 15.99 -20.87 4.10
CA GLU D 178 15.71 -21.04 5.53
C GLU D 178 16.06 -22.42 6.08
N LEU D 179 17.06 -22.45 6.96
CA LEU D 179 17.42 -23.67 7.66
C LEU D 179 18.02 -23.31 9.02
N GLU D 180 18.03 -24.27 9.94
CA GLU D 180 18.53 -24.04 11.29
C GLU D 180 20.03 -23.85 11.25
N GLY D 181 20.49 -22.70 11.76
CA GLY D 181 21.91 -22.38 11.80
C GLY D 181 22.28 -21.31 10.79
N ARG D 182 21.77 -21.44 9.58
CA ARG D 182 22.08 -20.50 8.50
C ARG D 182 21.70 -19.07 8.89
N ARG D 183 22.64 -18.14 8.67
CA ARG D 183 22.42 -16.73 8.97
C ARG D 183 22.80 -15.84 7.79
N ILE D 184 23.83 -16.24 7.06
CA ILE D 184 24.38 -15.42 6.00
C ILE D 184 24.70 -16.25 4.76
N ALA D 185 23.97 -15.98 3.69
CA ALA D 185 24.21 -16.65 2.40
C ALA D 185 25.27 -15.89 1.62
N PHE D 186 26.06 -16.60 0.82
CA PHE D 186 27.03 -15.96 -0.06
C PHE D 186 27.15 -16.70 -1.39
N ILE D 187 27.46 -15.96 -2.44
CA ILE D 187 27.72 -16.52 -3.75
C ILE D 187 28.92 -15.84 -4.40
N LEU D 188 29.90 -16.63 -4.81
CA LEU D 188 31.02 -16.13 -5.60
C LEU D 188 30.91 -16.64 -7.04
N TYR D 189 30.83 -15.74 -8.01
CA TYR D 189 30.68 -16.12 -9.41
C TYR D 189 32.02 -16.32 -10.10
N LEU D 190 32.07 -17.31 -11.00
CA LEU D 190 33.26 -17.60 -11.80
C LEU D 190 32.88 -17.88 -13.24
N VAL D 191 32.02 -17.02 -13.79
CA VAL D 191 31.46 -17.22 -15.11
C VAL D 191 32.27 -16.50 -16.18
N PRO D 192 32.15 -16.94 -17.44
CA PRO D 192 32.67 -16.17 -18.57
C PRO D 192 31.81 -14.93 -18.79
N PRO D 193 32.18 -14.05 -19.74
CA PRO D 193 31.36 -12.87 -20.04
C PRO D 193 29.88 -13.20 -20.09
N TRP D 194 29.10 -12.49 -19.26
CA TRP D 194 27.72 -12.85 -19.03
C TRP D 194 26.82 -11.62 -19.10
N ASP D 195 25.64 -11.78 -19.69
CA ASP D 195 24.65 -10.71 -19.79
C ASP D 195 23.27 -11.22 -19.41
N ARG D 196 22.30 -10.31 -19.37
CA ARG D 196 20.95 -10.62 -18.93
C ARG D 196 20.23 -11.60 -19.86
N SER D 197 20.56 -11.56 -21.15
CA SER D 197 19.90 -12.42 -22.14
C SER D 197 20.34 -13.88 -22.04
N MET D 198 21.29 -14.16 -21.17
CA MET D 198 21.81 -15.51 -20.98
C MET D 198 21.11 -16.20 -19.80
N GLY D 199 20.46 -15.41 -18.96
CA GLY D 199 19.75 -15.95 -17.81
C GLY D 199 20.67 -16.21 -16.65
N GLY D 200 20.25 -17.06 -15.72
CA GLY D 200 21.08 -17.39 -14.57
C GLY D 200 21.23 -16.20 -13.62
N THR D 201 20.27 -15.29 -13.69
CA THR D 201 20.32 -14.05 -12.90
C THR D 201 19.78 -14.27 -11.50
N LEU D 202 20.41 -13.63 -10.52
CA LEU D 202 19.93 -13.74 -9.14
C LEU D 202 18.83 -12.72 -8.90
N ASP D 203 17.60 -13.23 -8.76
CA ASP D 203 16.41 -12.38 -8.67
C ASP D 203 15.88 -12.35 -7.24
N LEU D 204 15.60 -11.15 -6.73
CA LEU D 204 15.15 -10.96 -5.35
C LEU D 204 13.70 -10.50 -5.35
N TYR D 205 12.94 -11.00 -4.38
CA TYR D 205 11.50 -10.76 -4.33
C TYR D 205 11.06 -9.75 -3.26
N SER D 206 9.97 -9.05 -3.55
CA SER D 206 9.23 -8.32 -2.55
C SER D 206 8.29 -9.27 -1.79
N ILE D 207 7.66 -8.77 -0.74
CA ILE D 207 6.86 -9.59 0.16
C ILE D 207 5.47 -8.98 0.33
N ASP D 208 4.59 -9.68 1.04
CA ASP D 208 3.24 -9.19 1.32
C ASP D 208 2.99 -9.18 2.83
N GLU D 209 1.76 -8.84 3.22
CA GLU D 209 1.41 -8.71 4.64
C GLU D 209 1.39 -10.05 5.38
N HIS D 210 1.50 -11.15 4.64
CA HIS D 210 1.50 -12.49 5.21
C HIS D 210 2.87 -13.17 5.12
N PHE D 211 3.92 -12.35 4.94
CA PHE D 211 5.30 -12.82 4.90
C PHE D 211 5.55 -13.77 3.72
N GLN D 212 4.75 -13.63 2.67
CA GLN D 212 4.88 -14.43 1.46
C GLN D 212 5.38 -13.58 0.30
N PRO D 213 6.16 -14.20 -0.62
CA PRO D 213 6.68 -13.45 -1.77
C PRO D 213 5.60 -12.84 -2.63
N LYS D 214 6.02 -12.02 -3.59
CA LYS D 214 5.10 -11.21 -4.40
C LYS D 214 5.62 -11.14 -5.84
N GLN D 215 6.60 -10.28 -6.09
CA GLN D 215 7.21 -10.20 -7.42
C GLN D 215 8.67 -9.74 -7.35
N ILE D 216 9.36 -9.83 -8.49
CA ILE D 216 10.80 -9.60 -8.54
C ILE D 216 11.15 -8.12 -8.63
N VAL D 217 12.00 -7.66 -7.72
CA VAL D 217 12.35 -6.25 -7.60
C VAL D 217 13.80 -5.95 -7.99
N LYS D 218 14.73 -6.81 -7.55
CA LYS D 218 16.13 -6.70 -7.95
C LYS D 218 16.51 -7.93 -8.76
N SER D 219 17.39 -7.73 -9.74
CA SER D 219 17.86 -8.83 -10.59
C SER D 219 19.37 -8.66 -10.90
N LEU D 220 20.20 -9.35 -10.13
CA LEU D 220 21.66 -9.23 -10.25
C LEU D 220 22.23 -10.13 -11.35
N ILE D 221 23.13 -9.58 -12.16
CA ILE D 221 23.78 -10.33 -13.21
C ILE D 221 25.13 -10.85 -12.72
N PRO D 222 25.44 -12.11 -12.99
CA PRO D 222 26.73 -12.63 -12.51
C PRO D 222 27.90 -12.15 -13.37
N SER D 223 29.08 -12.04 -12.77
CA SER D 223 30.30 -11.75 -13.51
C SER D 223 31.51 -12.21 -12.71
N TRP D 224 32.61 -12.42 -13.42
CA TRP D 224 33.83 -12.99 -12.86
C TRP D 224 34.31 -12.28 -11.60
N ASN D 225 34.47 -13.05 -10.52
CA ASN D 225 35.07 -12.57 -9.27
C ASN D 225 34.11 -11.66 -8.48
N LYS D 226 32.86 -11.57 -8.92
CA LYS D 226 31.84 -10.86 -8.15
C LYS D 226 31.31 -11.77 -7.04
N LEU D 227 31.32 -11.26 -5.81
CA LEU D 227 30.73 -11.98 -4.69
C LEU D 227 29.51 -11.22 -4.17
N VAL D 228 28.52 -11.98 -3.73
CA VAL D 228 27.28 -11.41 -3.23
C VAL D 228 26.88 -12.17 -1.97
N PHE D 229 26.45 -11.45 -0.94
CA PHE D 229 25.96 -12.12 0.26
C PHE D 229 24.75 -11.41 0.87
N PHE D 230 23.95 -12.17 1.61
CA PHE D 230 22.77 -11.61 2.27
C PHE D 230 22.39 -12.42 3.50
N GLU D 231 21.53 -11.84 4.33
CA GLU D 231 21.14 -12.46 5.60
C GLU D 231 19.96 -13.40 5.37
N VAL D 232 20.05 -14.59 5.97
CA VAL D 232 18.99 -15.58 5.88
C VAL D 232 17.86 -15.23 6.85
N SER D 233 16.70 -14.88 6.28
CA SER D 233 15.54 -14.48 7.06
C SER D 233 14.26 -15.07 6.48
N PRO D 234 13.15 -14.98 7.22
CA PRO D 234 11.85 -15.42 6.68
C PRO D 234 11.33 -14.55 5.53
N VAL D 235 12.07 -13.51 5.15
CA VAL D 235 11.63 -12.57 4.11
C VAL D 235 12.64 -12.45 2.96
N SER D 236 13.70 -13.25 3.00
CA SER D 236 14.75 -13.20 1.99
C SER D 236 14.51 -14.18 0.83
N PHE D 237 13.41 -13.98 0.11
CA PHE D 237 13.04 -14.85 -1.01
C PHE D 237 13.76 -14.45 -2.28
N HIS D 238 14.28 -15.45 -2.99
CA HIS D 238 15.06 -15.21 -4.21
C HIS D 238 15.06 -16.45 -5.09
N GLN D 239 15.55 -16.28 -6.33
CA GLN D 239 15.70 -17.40 -7.27
C GLN D 239 16.85 -17.19 -8.24
N VAL D 240 17.27 -18.27 -8.91
CA VAL D 240 18.18 -18.20 -10.03
C VAL D 240 17.41 -18.48 -11.31
N SER D 241 17.12 -17.45 -12.08
CA SER D 241 16.35 -17.59 -13.30
C SER D 241 17.01 -18.58 -14.26
N GLU D 242 16.20 -19.13 -15.16
CA GLU D 242 16.65 -20.17 -16.08
C GLU D 242 17.80 -19.68 -16.94
N VAL D 243 18.81 -20.53 -17.10
CA VAL D 243 19.90 -20.26 -18.02
C VAL D 243 19.39 -20.52 -19.43
N LEU D 244 19.54 -19.52 -20.29
CA LEU D 244 19.07 -19.61 -21.67
C LEU D 244 20.21 -19.87 -22.64
N SER D 245 21.43 -19.54 -22.21
CA SER D 245 22.61 -19.81 -23.01
C SER D 245 22.74 -21.29 -23.33
N GLU D 246 22.74 -21.60 -24.62
CA GLU D 246 22.85 -22.99 -25.06
C GLU D 246 24.30 -23.44 -25.04
N GLU D 247 25.22 -22.49 -25.13
CA GLU D 247 26.64 -22.78 -25.28
C GLU D 247 27.45 -22.60 -23.99
N LYS D 248 27.05 -21.66 -23.15
CA LYS D 248 27.86 -21.32 -21.97
C LYS D 248 27.35 -21.94 -20.68
N SER D 249 28.23 -21.98 -19.68
CA SER D 249 27.97 -22.66 -18.42
C SER D 249 28.25 -21.76 -17.21
N ARG D 250 27.24 -21.60 -16.36
CA ARG D 250 27.31 -20.68 -15.22
C ARG D 250 27.92 -21.39 -14.01
N LEU D 251 29.15 -21.02 -13.68
CA LEU D 251 29.89 -21.64 -12.59
C LEU D 251 29.94 -20.72 -11.38
N SER D 252 29.81 -21.28 -10.18
CA SER D 252 29.73 -20.49 -8.96
C SER D 252 30.06 -21.29 -7.70
N ILE D 253 30.58 -20.59 -6.70
CA ILE D 253 30.69 -21.11 -5.35
C ILE D 253 29.60 -20.42 -4.55
N SER D 254 28.90 -21.17 -3.72
CA SER D 254 27.84 -20.59 -2.90
C SER D 254 27.73 -21.36 -1.60
N GLY D 255 27.15 -20.73 -0.59
CA GLY D 255 27.01 -21.37 0.69
C GLY D 255 26.44 -20.44 1.75
N TRP D 256 26.62 -20.84 3.00
CA TRP D 256 26.09 -20.07 4.11
C TRP D 256 27.07 -20.06 5.29
N PHE D 257 27.07 -18.96 6.03
CA PHE D 257 27.72 -18.92 7.33
C PHE D 257 26.68 -19.19 8.41
N HIS D 258 27.00 -20.12 9.30
CA HIS D 258 26.06 -20.54 10.33
C HIS D 258 26.23 -19.72 11.61
N GLY D 259 25.13 -19.55 12.33
CA GLY D 259 25.11 -18.75 13.54
C GLY D 259 23.94 -19.12 14.42
N PRO D 260 23.65 -18.29 15.44
CA PRO D 260 22.55 -18.51 16.37
C PRO D 260 21.23 -18.79 15.66
N SER D 261 20.45 -19.72 16.23
CA SER D 261 19.17 -20.11 15.66
C SER D 261 18.19 -18.94 15.66
N LEU D 262 17.66 -18.62 14.49
CA LEU D 262 16.54 -17.70 14.39
C LEU D 262 15.30 -18.42 14.90
N THR D 263 14.14 -17.83 14.64
CA THR D 263 12.87 -18.52 14.80
C THR D 263 11.92 -18.03 13.72
N ARG D 264 11.75 -18.86 12.70
CA ARG D 264 10.81 -18.55 11.64
C ARG D 264 9.44 -18.37 12.28
N PRO D 265 8.72 -17.29 11.92
CA PRO D 265 7.39 -17.09 12.50
C PRO D 265 6.45 -18.27 12.21
N PRO D 266 5.33 -18.37 12.96
CA PRO D 266 4.40 -19.49 12.80
C PRO D 266 3.96 -19.71 11.35
N ASN D 267 4.17 -20.93 10.85
CA ASN D 267 3.80 -21.28 9.49
C ASN D 267 2.38 -20.82 9.16
N TYR D 268 2.25 -20.11 8.05
CA TYR D 268 1.00 -19.47 7.64
C TYR D 268 0.00 -20.46 7.02
N PHE D 269 -1.27 -20.05 6.91
CA PHE D 269 -2.33 -20.91 6.38
C PHE D 269 -3.21 -20.18 5.36
N GLU D 270 -3.27 -20.72 4.15
CA GLU D 270 -4.06 -20.14 3.06
C GLU D 270 -5.55 -20.43 3.20
N PRO D 271 -6.38 -19.78 2.34
CA PRO D 271 -7.80 -20.10 2.27
C PRO D 271 -8.01 -21.38 1.48
N PRO D 272 -8.59 -22.43 2.09
CA PRO D 272 -8.65 -23.73 1.40
C PRO D 272 -9.41 -23.66 0.08
N ILE D 273 -9.10 -24.56 -0.84
CA ILE D 273 -9.87 -24.68 -2.07
C ILE D 273 -11.25 -25.26 -1.69
N PRO D 274 -12.33 -24.69 -2.24
CA PRO D 274 -13.66 -25.21 -1.87
C PRO D 274 -13.93 -26.59 -2.44
N ARG D 275 -14.56 -27.46 -1.66
CA ARG D 275 -14.89 -28.81 -2.10
C ARG D 275 -16.40 -28.96 -2.23
N SER D 276 -16.84 -29.61 -3.30
CA SER D 276 -18.26 -29.82 -3.54
C SER D 276 -18.55 -31.32 -3.69
N PRO D 277 -19.73 -31.76 -3.21
CA PRO D 277 -20.19 -33.14 -3.45
C PRO D 277 -20.74 -33.26 -4.87
N HIS D 278 -21.06 -34.46 -5.33
CA HIS D 278 -21.37 -34.68 -6.74
C HIS D 278 -22.64 -33.95 -7.19
N ILE D 279 -22.70 -33.63 -8.48
CA ILE D 279 -23.89 -33.07 -9.10
C ILE D 279 -24.82 -34.21 -9.52
N PRO D 280 -26.04 -34.26 -8.95
CA PRO D 280 -26.99 -35.32 -9.31
C PRO D 280 -27.19 -35.43 -10.80
N GLN D 281 -27.20 -36.65 -11.31
CA GLN D 281 -27.40 -36.88 -12.73
C GLN D 281 -28.81 -36.50 -13.14
N ASP D 282 -28.93 -35.42 -13.90
CA ASP D 282 -30.21 -34.99 -14.46
C ASP D 282 -30.44 -35.70 -15.79
N HIS D 283 -29.33 -36.01 -16.47
CA HIS D 283 -29.35 -36.69 -17.75
C HIS D 283 -28.13 -37.62 -17.88
N GLU D 284 -28.27 -38.69 -18.65
CA GLU D 284 -27.14 -39.59 -18.93
C GLU D 284 -26.06 -38.81 -19.67
N ILE D 285 -24.82 -38.89 -19.19
CA ILE D 285 -23.76 -38.03 -19.70
C ILE D 285 -22.47 -38.77 -19.99
N LEU D 286 -22.22 -39.86 -19.29
CA LEU D 286 -20.99 -40.60 -19.50
C LEU D 286 -20.90 -41.16 -20.92
N TYR D 287 -22.03 -41.41 -21.54
CA TYR D 287 -22.04 -42.05 -22.86
C TYR D 287 -21.82 -41.01 -23.96
N ASP D 288 -22.18 -39.77 -23.68
CA ASP D 288 -21.96 -38.67 -24.62
C ASP D 288 -20.50 -38.21 -24.65
N TRP D 289 -19.73 -38.56 -23.61
CA TRP D 289 -18.37 -38.03 -23.41
C TRP D 289 -17.27 -39.10 -23.42
N ILE D 290 -17.47 -40.15 -22.65
CA ILE D 290 -16.44 -41.16 -22.42
C ILE D 290 -16.35 -42.16 -23.57
N ASN D 291 -15.14 -42.62 -23.86
CA ASN D 291 -14.93 -43.72 -24.76
C ASN D 291 -15.73 -44.93 -24.26
N PRO D 292 -16.62 -45.51 -25.10
CA PRO D 292 -17.47 -46.65 -24.70
C PRO D 292 -16.70 -47.80 -24.06
N THR D 293 -15.45 -47.99 -24.46
CA THR D 293 -14.62 -49.08 -23.95
C THR D 293 -14.55 -49.07 -22.43
N TYR D 294 -14.43 -47.88 -21.85
CA TYR D 294 -14.23 -47.74 -20.41
C TYR D 294 -15.52 -47.84 -19.60
N LEU D 295 -16.66 -47.89 -20.29
CA LEU D 295 -17.96 -47.98 -19.63
C LEU D 295 -18.45 -49.41 -19.51
N ASP D 296 -17.63 -50.35 -19.96
CA ASP D 296 -17.98 -51.76 -19.93
C ASP D 296 -17.41 -52.37 -18.65
N MET D 297 -18.25 -53.08 -17.92
CA MET D 297 -17.88 -53.64 -16.62
C MET D 297 -16.70 -54.61 -16.68
N ASP D 298 -16.62 -55.40 -17.76
CA ASP D 298 -15.55 -56.39 -17.87
C ASP D 298 -14.19 -55.73 -17.92
N TYR D 299 -14.10 -54.59 -18.60
CA TYR D 299 -12.83 -53.87 -18.73
C TYR D 299 -12.51 -53.13 -17.44
N GLN D 300 -13.54 -52.80 -16.67
CA GLN D 300 -13.36 -52.09 -15.41
C GLN D 300 -12.70 -52.97 -14.35
N VAL D 301 -13.00 -54.26 -14.32
CA VAL D 301 -12.38 -55.12 -13.33
C VAL D 301 -10.88 -55.23 -13.60
N GLN D 302 -10.49 -55.24 -14.88
CA GLN D 302 -9.08 -55.29 -15.26
C GLN D 302 -8.40 -54.02 -14.80
N ILE D 303 -9.09 -52.90 -14.98
CA ILE D 303 -8.57 -51.58 -14.58
C ILE D 303 -8.41 -51.48 -13.08
N GLN D 304 -9.43 -51.91 -12.35
CA GLN D 304 -9.35 -51.87 -10.89
C GLN D 304 -8.26 -52.81 -10.40
N GLU D 305 -8.06 -53.94 -11.08
CA GLU D 305 -7.01 -54.87 -10.68
C GLU D 305 -5.63 -54.21 -10.76
N GLU D 306 -5.39 -53.47 -11.84
CA GLU D 306 -4.10 -52.83 -12.05
C GLU D 306 -3.93 -51.66 -11.07
N PHE D 307 -5.03 -50.99 -10.76
CA PHE D 307 -5.01 -49.81 -9.92
C PHE D 307 -4.75 -50.20 -8.47
N GLU D 308 -5.29 -51.33 -8.03
CA GLU D 308 -5.09 -51.75 -6.66
C GLU D 308 -3.66 -52.26 -6.46
N GLU D 309 -3.02 -52.66 -7.55
CA GLU D 309 -1.68 -53.19 -7.50
C GLU D 309 -0.62 -52.08 -7.50
N SER D 310 -0.96 -50.92 -8.09
CA SER D 310 -0.01 -49.83 -8.23
C SER D 310 -0.55 -48.45 -7.81
N SER D 311 -1.84 -48.35 -7.51
CA SER D 311 -2.47 -47.09 -7.10
C SER D 311 -2.31 -45.96 -8.12
N GLU D 312 -1.99 -46.34 -9.35
CA GLU D 312 -1.84 -45.40 -10.46
C GLU D 312 -2.32 -46.10 -11.73
N ILE D 313 -3.04 -45.36 -12.56
CA ILE D 313 -3.40 -45.87 -13.87
C ILE D 313 -3.46 -44.75 -14.91
N LEU D 314 -3.24 -45.13 -16.16
CA LEU D 314 -3.32 -44.23 -17.29
C LEU D 314 -4.31 -44.80 -18.29
N LEU D 315 -5.33 -44.00 -18.62
CA LEU D 315 -6.37 -44.41 -19.57
C LEU D 315 -6.29 -43.58 -20.84
N LYS D 316 -5.99 -44.23 -21.96
CA LYS D 316 -5.77 -43.53 -23.21
C LYS D 316 -7.05 -43.35 -24.04
N GLU D 317 -7.05 -42.33 -24.89
CA GLU D 317 -8.22 -41.91 -25.67
C GLU D 317 -9.49 -41.96 -24.82
N PHE D 318 -9.44 -41.26 -23.69
CA PHE D 318 -10.49 -41.34 -22.69
C PHE D 318 -11.82 -40.74 -23.15
N LEU D 319 -11.77 -39.58 -23.80
CA LEU D 319 -12.98 -38.95 -24.30
C LEU D 319 -13.28 -39.41 -25.73
N LYS D 320 -14.55 -39.40 -26.09
CA LYS D 320 -14.92 -39.65 -27.47
C LYS D 320 -14.24 -38.61 -28.35
N PRO D 321 -13.59 -39.05 -29.45
CA PRO D 321 -12.89 -38.13 -30.37
C PRO D 321 -13.68 -36.88 -30.71
N GLU D 322 -14.88 -37.05 -31.26
CA GLU D 322 -15.72 -35.93 -31.67
C GLU D 322 -15.86 -34.87 -30.57
N LYS D 323 -15.81 -35.30 -29.31
CA LYS D 323 -15.92 -34.40 -28.17
C LYS D 323 -14.57 -33.80 -27.81
N PHE D 324 -13.54 -34.63 -27.83
CA PHE D 324 -12.19 -34.17 -27.49
C PHE D 324 -11.74 -33.01 -28.39
N THR D 325 -11.99 -33.14 -29.68
CA THR D 325 -11.60 -32.13 -30.65
C THR D 325 -12.35 -30.81 -30.42
N LYS D 326 -13.63 -30.91 -30.05
CA LYS D 326 -14.44 -29.74 -29.80
C LYS D 326 -13.93 -28.99 -28.56
N VAL D 327 -13.35 -29.76 -27.64
CA VAL D 327 -12.78 -29.20 -26.41
C VAL D 327 -11.47 -28.47 -26.70
N CYS D 328 -10.60 -29.10 -27.48
CA CYS D 328 -9.32 -28.50 -27.84
C CYS D 328 -9.55 -27.27 -28.72
N GLU D 329 -10.51 -27.35 -29.64
CA GLU D 329 -10.81 -26.23 -30.51
C GLU D 329 -11.32 -25.04 -29.70
N ALA D 330 -12.06 -25.32 -28.64
CA ALA D 330 -12.60 -24.28 -27.79
C ALA D 330 -11.50 -23.59 -26.99
N LEU D 331 -10.41 -24.32 -26.75
CA LEU D 331 -9.27 -23.78 -26.01
C LEU D 331 -8.34 -23.01 -26.95
N GLU D 332 -8.17 -23.53 -28.16
CA GLU D 332 -7.25 -22.97 -29.15
C GLU D 332 -7.82 -21.74 -29.85
N HIS D 333 -9.14 -21.62 -29.88
CA HIS D 333 -9.82 -20.59 -30.67
C HIS D 333 -10.91 -19.85 -29.91
N GLY D 334 -11.36 -20.42 -28.78
CA GLY D 334 -12.43 -19.81 -28.01
C GLY D 334 -11.91 -18.77 -27.03
N HIS D 335 -12.75 -17.78 -26.74
CA HIS D 335 -12.40 -16.75 -25.77
C HIS D 335 -12.46 -17.33 -24.36
N VAL D 336 -11.29 -17.55 -23.76
CA VAL D 336 -11.21 -18.08 -22.40
C VAL D 336 -10.48 -17.09 -21.51
N GLU D 337 -11.06 -16.79 -20.36
CA GLU D 337 -10.49 -15.85 -19.42
C GLU D 337 -9.51 -16.58 -18.50
N TRP D 338 -8.22 -16.44 -18.78
CA TRP D 338 -7.17 -17.05 -17.96
C TRP D 338 -6.77 -16.12 -16.83
N SER D 339 -6.03 -16.64 -15.86
CA SER D 339 -5.55 -15.84 -14.75
C SER D 339 -4.38 -16.52 -14.04
N SER D 340 -3.24 -15.84 -14.02
CA SER D 340 -2.03 -16.36 -13.40
C SER D 340 -2.23 -16.50 -11.89
N ARG D 341 -1.72 -17.59 -11.33
CA ARG D 341 -1.85 -17.86 -9.90
C ARG D 341 -0.49 -17.74 -9.22
N GLY D 342 -0.52 -17.41 -7.94
CA GLY D 342 0.67 -17.33 -7.12
C GLY D 342 0.41 -17.97 -5.77
N PRO D 343 1.28 -17.70 -4.78
CA PRO D 343 2.52 -16.92 -4.88
C PRO D 343 3.67 -17.70 -5.52
N PRO D 344 4.77 -17.03 -5.90
CA PRO D 344 5.84 -17.66 -6.65
C PRO D 344 6.59 -18.78 -5.90
N ASN D 345 6.47 -18.82 -4.57
CA ASN D 345 7.13 -19.87 -3.78
C ASN D 345 6.27 -21.14 -3.63
N LYS D 346 5.10 -21.12 -4.26
CA LYS D 346 4.14 -22.23 -4.17
C LYS D 346 3.69 -22.71 -5.56
N ARG D 347 3.30 -21.78 -6.42
CA ARG D 347 2.76 -22.13 -7.73
C ARG D 347 2.93 -20.99 -8.72
N PHE D 348 2.82 -21.32 -10.00
CA PHE D 348 2.78 -20.31 -11.05
C PHE D 348 2.22 -20.95 -12.31
N TYR D 349 0.95 -20.68 -12.59
CA TYR D 349 0.29 -21.21 -13.78
C TYR D 349 -1.02 -20.46 -14.06
N GLU D 350 -1.53 -20.60 -15.28
CA GLU D 350 -2.79 -19.99 -15.66
C GLU D 350 -3.98 -20.90 -15.31
N LYS D 351 -5.01 -20.28 -14.73
CA LYS D 351 -6.21 -20.98 -14.29
C LYS D 351 -7.43 -20.29 -14.91
N ALA D 352 -8.34 -21.08 -15.47
CA ALA D 352 -9.50 -20.55 -16.18
C ALA D 352 -10.59 -20.06 -15.24
N GLU D 353 -11.17 -18.91 -15.57
CA GLU D 353 -12.34 -18.40 -14.86
C GLU D 353 -13.54 -19.22 -15.29
N GLU D 354 -14.12 -19.98 -14.35
CA GLU D 354 -15.13 -20.98 -14.69
C GLU D 354 -16.46 -20.36 -15.13
N SER D 355 -16.92 -19.33 -14.43
CA SER D 355 -18.25 -18.77 -14.67
C SER D 355 -18.29 -17.87 -15.90
N LYS D 356 -17.32 -18.01 -16.79
CA LYS D 356 -17.23 -17.19 -18.00
C LYS D 356 -16.70 -18.02 -19.17
N LEU D 357 -16.87 -19.33 -19.07
CA LEU D 357 -16.33 -20.24 -20.06
C LEU D 357 -17.27 -20.48 -21.24
N PRO D 358 -16.72 -20.97 -22.35
CA PRO D 358 -17.54 -21.52 -23.44
C PRO D 358 -18.40 -22.68 -22.93
N GLU D 359 -19.40 -23.08 -23.71
CA GLU D 359 -20.37 -24.06 -23.27
C GLU D 359 -19.75 -25.45 -23.13
N ILE D 360 -18.99 -25.85 -24.14
CA ILE D 360 -18.41 -27.19 -24.20
C ILE D 360 -17.46 -27.45 -23.03
N LEU D 361 -16.79 -26.40 -22.57
CA LEU D 361 -15.84 -26.54 -21.46
C LEU D 361 -16.59 -26.55 -20.15
N LYS D 362 -17.62 -25.71 -20.05
CA LYS D 362 -18.47 -25.70 -18.86
C LYS D 362 -19.05 -27.09 -18.64
N GLU D 363 -19.46 -27.72 -19.74
CA GLU D 363 -20.11 -29.01 -19.69
C GLU D 363 -19.11 -30.10 -19.34
N CYS D 364 -17.85 -29.91 -19.74
CA CYS D 364 -16.80 -30.87 -19.45
C CYS D 364 -16.45 -30.83 -17.97
N MET D 365 -16.55 -29.65 -17.36
CA MET D 365 -16.37 -29.53 -15.91
C MET D 365 -17.53 -30.24 -15.21
N LYS D 366 -18.74 -30.12 -15.77
CA LYS D 366 -19.90 -30.78 -15.20
C LYS D 366 -19.71 -32.29 -15.22
N LEU D 367 -18.96 -32.79 -16.21
CA LEU D 367 -18.73 -34.22 -16.34
C LEU D 367 -17.94 -34.74 -15.16
N PHE D 368 -16.88 -34.04 -14.79
CA PHE D 368 -15.99 -34.50 -13.72
C PHE D 368 -16.52 -34.18 -12.34
N ARG D 369 -17.74 -33.64 -12.28
CA ARG D 369 -18.42 -33.34 -11.04
C ARG D 369 -19.70 -34.16 -10.90
N SER D 370 -20.06 -34.88 -11.95
CA SER D 370 -21.36 -35.54 -12.02
C SER D 370 -21.40 -36.80 -11.17
N GLU D 371 -22.57 -37.06 -10.59
CA GLU D 371 -22.81 -38.28 -9.82
C GLU D 371 -22.30 -39.53 -10.54
N ALA D 372 -22.68 -39.67 -11.80
CA ALA D 372 -22.31 -40.85 -12.58
C ALA D 372 -20.80 -41.04 -12.67
N LEU D 373 -20.05 -39.95 -12.74
CA LEU D 373 -18.61 -40.06 -12.89
C LEU D 373 -17.96 -40.41 -11.55
N PHE D 374 -18.53 -39.92 -10.46
CA PHE D 374 -18.08 -40.31 -9.13
C PHE D 374 -18.18 -41.83 -9.04
N LEU D 375 -19.29 -42.36 -9.54
CA LEU D 375 -19.54 -43.79 -9.45
C LEU D 375 -18.58 -44.55 -10.37
N LEU D 376 -18.30 -44.00 -11.55
CA LEU D 376 -17.40 -44.63 -12.50
C LEU D 376 -15.97 -44.71 -11.93
N LEU D 377 -15.55 -43.65 -11.27
CA LEU D 377 -14.22 -43.61 -10.66
C LEU D 377 -14.12 -44.61 -9.53
N SER D 378 -15.24 -44.88 -8.86
CA SER D 378 -15.28 -45.92 -7.84
C SER D 378 -14.97 -47.27 -8.46
N ASN D 379 -15.50 -47.51 -9.66
CA ASN D 379 -15.33 -48.79 -10.33
C ASN D 379 -13.92 -48.96 -10.90
N PHE D 380 -13.24 -47.86 -11.18
CA PHE D 380 -11.85 -47.91 -11.67
C PHE D 380 -10.85 -48.13 -10.55
N THR D 381 -11.19 -47.73 -9.33
CA THR D 381 -10.20 -47.61 -8.26
C THR D 381 -10.47 -48.47 -7.03
N GLY D 382 -11.73 -48.78 -6.78
CA GLY D 382 -12.11 -49.53 -5.59
C GLY D 382 -12.37 -48.61 -4.41
N LEU D 383 -12.31 -47.31 -4.64
CA LEU D 383 -12.64 -46.32 -3.62
C LEU D 383 -14.15 -46.06 -3.55
N LYS D 384 -14.61 -45.60 -2.39
CA LYS D 384 -16.01 -45.28 -2.17
C LYS D 384 -16.27 -43.79 -2.39
N LEU D 385 -16.54 -43.43 -3.65
CA LEU D 385 -16.86 -42.05 -4.01
C LEU D 385 -18.34 -41.88 -4.35
N HIS D 386 -19.14 -42.92 -4.12
CA HIS D 386 -20.59 -42.84 -4.29
C HIS D 386 -21.26 -43.83 -3.32
N PHE D 387 -22.41 -43.44 -2.79
CA PHE D 387 -23.06 -44.22 -1.74
C PHE D 387 -23.53 -45.60 -2.22
N LEU D 388 -23.48 -45.85 -3.52
CA LEU D 388 -23.87 -47.16 -4.07
C LEU D 388 -22.68 -48.01 -4.44
N ALA D 389 -21.48 -47.48 -4.21
CA ALA D 389 -20.25 -48.18 -4.54
C ALA D 389 -19.86 -49.08 -3.37
N PRO D 390 -19.20 -50.21 -3.67
CA PRO D 390 -18.74 -51.16 -2.63
C PRO D 390 -17.97 -50.50 -1.48
N SER D 391 -18.39 -50.82 -0.26
CA SER D 391 -17.74 -50.34 0.97
C SER D 391 -16.39 -51.02 1.16
CA SER D 450 -21.51 -40.80 7.51
C SER D 450 -20.72 -39.76 6.70
N SER D 451 -19.66 -40.23 6.04
CA SER D 451 -18.78 -39.37 5.25
C SER D 451 -19.32 -39.16 3.83
N VAL D 452 -19.28 -37.92 3.35
CA VAL D 452 -19.78 -37.58 2.02
C VAL D 452 -18.62 -37.30 1.04
N PRO D 453 -18.54 -38.06 -0.07
CA PRO D 453 -17.47 -37.80 -1.04
C PRO D 453 -17.53 -36.38 -1.58
N MET D 454 -16.37 -35.78 -1.87
CA MET D 454 -16.30 -34.40 -2.37
C MET D 454 -15.22 -34.30 -3.43
N CYS D 455 -15.21 -33.17 -4.14
CA CYS D 455 -14.19 -32.94 -5.15
C CYS D 455 -13.94 -31.45 -5.37
N GLN D 456 -12.82 -31.17 -6.00
CA GLN D 456 -12.46 -29.82 -6.42
C GLN D 456 -11.86 -29.97 -7.79
N GLY D 457 -12.00 -28.93 -8.61
CA GLY D 457 -11.55 -29.01 -9.99
C GLY D 457 -11.17 -27.67 -10.56
N GLU D 458 -10.35 -27.71 -11.59
CA GLU D 458 -9.90 -26.51 -12.27
C GLU D 458 -9.42 -26.87 -13.67
N LEU D 459 -9.45 -25.90 -14.55
CA LEU D 459 -8.96 -26.05 -15.91
C LEU D 459 -7.70 -25.20 -16.03
N ARG D 460 -6.61 -25.80 -16.47
CA ARG D 460 -5.30 -25.15 -16.38
C ARG D 460 -4.62 -25.05 -17.73
N HIS D 461 -3.79 -24.02 -17.87
CA HIS D 461 -2.97 -23.81 -19.05
C HIS D 461 -1.50 -23.78 -18.63
N TRP D 462 -0.67 -24.53 -19.36
CA TRP D 462 0.74 -24.67 -19.01
C TRP D 462 1.65 -24.24 -20.16
N LYS D 463 2.48 -23.23 -19.91
CA LYS D 463 3.45 -22.76 -20.89
C LYS D 463 4.82 -22.59 -20.22
N THR D 464 5.81 -22.20 -21.02
CA THR D 464 7.17 -22.04 -20.54
C THR D 464 7.25 -21.11 -19.33
N GLY D 465 7.88 -21.60 -18.26
CA GLY D 465 8.06 -20.82 -17.05
C GLY D 465 7.15 -21.22 -15.91
N HIS D 466 6.13 -22.01 -16.21
CA HIS D 466 5.15 -22.40 -15.20
C HIS D 466 5.67 -23.56 -14.36
N TYR D 467 5.13 -23.70 -13.16
CA TYR D 467 5.59 -24.70 -12.23
C TYR D 467 4.70 -24.81 -11.01
N THR D 468 4.96 -25.81 -10.17
CA THR D 468 4.46 -25.83 -8.80
C THR D 468 5.56 -26.34 -7.86
N LEU D 469 5.47 -25.96 -6.59
CA LEU D 469 6.42 -26.39 -5.57
C LEU D 469 5.76 -27.09 -4.39
N ILE D 470 6.57 -27.78 -3.60
CA ILE D 470 6.14 -28.29 -2.30
C ILE D 470 6.37 -27.19 -1.27
N HIS D 471 5.57 -27.17 -0.21
CA HIS D 471 5.74 -26.19 0.86
C HIS D 471 5.20 -26.68 2.21
N ASP D 472 5.18 -25.79 3.19
CA ASP D 472 4.89 -26.13 4.57
C ASP D 472 3.41 -26.38 4.82
N HIS D 473 2.57 -25.73 4.03
CA HIS D 473 1.12 -25.89 4.13
C HIS D 473 0.58 -26.76 2.99
N SER D 474 1.48 -27.39 2.24
CA SER D 474 1.10 -28.45 1.32
C SER D 474 0.65 -29.62 2.18
N LYS D 475 -0.66 -29.83 2.28
CA LYS D 475 -1.20 -30.81 3.20
C LYS D 475 -1.26 -32.20 2.58
N ALA D 476 -0.78 -33.18 3.33
CA ALA D 476 -0.87 -34.57 2.92
C ALA D 476 -2.20 -35.11 3.38
N GLU D 477 -2.89 -35.77 2.46
CA GLU D 477 -4.27 -36.14 2.67
C GLU D 477 -4.58 -37.28 1.72
N PHE D 478 -5.35 -38.25 2.17
CA PHE D 478 -5.85 -39.29 1.28
C PHE D 478 -6.72 -38.65 0.20
N ALA D 479 -6.34 -38.84 -1.06
CA ALA D 479 -7.01 -38.17 -2.16
C ALA D 479 -6.78 -38.89 -3.48
N LEU D 480 -7.74 -38.78 -4.40
CA LEU D 480 -7.59 -39.35 -5.73
C LEU D 480 -7.40 -38.21 -6.72
N ASP D 481 -6.21 -38.07 -7.27
CA ASP D 481 -5.93 -37.04 -8.28
C ASP D 481 -6.36 -37.53 -9.66
N LEU D 482 -6.94 -36.63 -10.44
CA LEU D 482 -7.32 -36.93 -11.82
C LEU D 482 -6.77 -35.83 -12.72
N ILE D 483 -6.17 -36.25 -13.84
CA ILE D 483 -5.67 -35.31 -14.83
C ILE D 483 -6.12 -35.78 -16.20
N LEU D 484 -6.75 -34.89 -16.95
CA LEU D 484 -7.02 -35.12 -18.36
C LEU D 484 -6.22 -34.10 -19.17
N TYR D 485 -5.48 -34.59 -20.15
CA TYR D 485 -4.57 -33.76 -20.92
C TYR D 485 -5.17 -33.32 -22.26
N CYS D 486 -5.02 -32.04 -22.59
CA CYS D 486 -5.51 -31.51 -23.86
C CYS D 486 -4.38 -30.86 -24.65
N GLY D 487 -4.31 -31.21 -25.94
CA GLY D 487 -3.40 -30.56 -26.87
C GLY D 487 -1.97 -30.46 -26.41
N CYS D 488 -1.28 -31.59 -26.32
CA CYS D 488 0.13 -31.62 -25.92
C CYS D 488 0.93 -32.47 -26.90
N GLU D 489 0.73 -32.20 -28.19
CA GLU D 489 1.41 -32.95 -29.23
C GLU D 489 2.83 -32.41 -29.36
N GLY D 490 3.77 -33.30 -29.65
CA GLY D 490 5.16 -32.90 -29.77
C GLY D 490 5.69 -32.39 -28.44
N TRP D 491 5.27 -33.05 -27.37
CA TRP D 491 5.71 -32.71 -26.03
C TRP D 491 6.56 -33.84 -25.48
N GLU D 492 7.63 -33.48 -24.75
CA GLU D 492 8.56 -34.45 -24.20
C GLU D 492 8.80 -34.18 -22.72
N PRO D 493 9.24 -35.20 -21.97
CA PRO D 493 9.63 -35.03 -20.56
C PRO D 493 10.76 -34.02 -20.38
N GLU D 494 11.64 -33.94 -21.36
CA GLU D 494 12.77 -33.01 -21.33
C GLU D 494 12.31 -31.56 -21.23
N TYR D 495 11.08 -31.30 -21.67
CA TYR D 495 10.53 -29.95 -21.69
C TYR D 495 10.04 -29.52 -20.32
N GLY D 496 9.85 -30.50 -19.42
CA GLY D 496 9.25 -30.26 -18.13
C GLY D 496 7.73 -30.33 -18.23
N GLY D 497 7.03 -29.95 -17.18
CA GLY D 497 5.58 -29.87 -17.21
C GLY D 497 4.89 -31.18 -16.89
N PHE D 498 5.68 -32.19 -16.53
CA PHE D 498 5.15 -33.46 -16.06
C PHE D 498 4.85 -33.35 -14.57
N THR D 499 3.85 -34.09 -14.12
CA THR D 499 3.52 -34.14 -12.70
C THR D 499 4.28 -35.29 -12.06
N SER D 500 4.87 -35.03 -10.91
CA SER D 500 5.73 -36.00 -10.25
C SER D 500 5.33 -36.11 -8.78
N TYR D 501 5.29 -37.35 -8.29
CA TYR D 501 4.88 -37.63 -6.92
C TYR D 501 6.09 -38.11 -6.12
N ILE D 502 6.17 -37.70 -4.86
CA ILE D 502 7.30 -38.05 -4.03
C ILE D 502 6.91 -38.36 -2.59
N ALA D 503 7.62 -39.31 -1.99
CA ALA D 503 7.40 -39.65 -0.59
C ALA D 503 7.86 -38.52 0.28
N LYS D 504 7.09 -38.25 1.33
CA LYS D 504 7.39 -37.21 2.28
C LYS D 504 8.67 -37.56 3.03
N GLY D 505 9.67 -36.69 2.94
CA GLY D 505 10.92 -36.89 3.65
C GLY D 505 11.82 -37.93 3.02
N GLU D 506 11.75 -38.05 1.70
CA GLU D 506 12.64 -38.94 0.96
C GLU D 506 12.97 -38.40 -0.43
N ASP D 507 13.91 -39.05 -1.10
CA ASP D 507 14.50 -38.55 -2.36
C ASP D 507 13.98 -39.30 -3.58
N GLU D 508 13.61 -40.57 -3.39
CA GLU D 508 13.05 -41.38 -4.46
C GLU D 508 11.83 -40.73 -5.08
N GLU D 509 11.64 -40.98 -6.37
CA GLU D 509 10.55 -40.39 -7.14
C GLU D 509 9.50 -41.46 -7.40
N LEU D 510 8.41 -41.42 -6.64
CA LEU D 510 7.41 -42.49 -6.68
C LEU D 510 6.81 -42.71 -8.07
N LEU D 511 6.61 -41.61 -8.80
CA LEU D 511 5.90 -41.69 -10.05
C LEU D 511 6.01 -40.38 -10.80
N THR D 512 5.94 -40.47 -12.12
CA THR D 512 5.92 -39.28 -12.97
C THR D 512 4.86 -39.48 -14.03
N VAL D 513 3.92 -38.53 -14.10
CA VAL D 513 2.86 -38.56 -15.11
C VAL D 513 3.18 -37.54 -16.20
N ASN D 514 3.27 -38.03 -17.43
CA ASN D 514 3.66 -37.20 -18.58
C ASN D 514 2.47 -36.80 -19.44
N PRO D 515 2.44 -35.55 -19.91
CA PRO D 515 1.34 -35.09 -20.77
C PRO D 515 1.19 -35.89 -22.05
N GLU D 516 -0.03 -36.38 -22.29
CA GLU D 516 -0.35 -37.12 -23.51
C GLU D 516 -1.80 -36.80 -23.89
N SER D 517 -2.07 -36.53 -25.16
CA SER D 517 -3.40 -36.09 -25.58
C SER D 517 -4.52 -37.09 -25.27
N ASN D 518 -5.55 -36.59 -24.61
CA ASN D 518 -6.75 -37.37 -24.26
C ASN D 518 -6.44 -38.59 -23.39
N SER D 519 -5.32 -38.56 -22.68
CA SER D 519 -5.00 -39.58 -21.70
C SER D 519 -5.45 -39.09 -20.34
N LEU D 520 -6.21 -39.92 -19.65
CA LEU D 520 -6.63 -39.65 -18.28
C LEU D 520 -5.71 -40.39 -17.36
N ALA D 521 -5.10 -39.69 -16.41
CA ALA D 521 -4.26 -40.31 -15.40
C ALA D 521 -5.00 -40.24 -14.08
N LEU D 522 -4.99 -41.34 -13.32
CA LEU D 522 -5.57 -41.36 -11.99
C LEU D 522 -4.49 -41.80 -11.02
N VAL D 523 -4.37 -41.09 -9.90
CA VAL D 523 -3.36 -41.42 -8.90
C VAL D 523 -3.91 -41.24 -7.50
N TYR D 524 -3.71 -42.25 -6.66
CA TYR D 524 -4.20 -42.20 -5.29
C TYR D 524 -3.08 -41.88 -4.29
N ARG D 525 -3.20 -40.75 -3.61
CA ARG D 525 -2.21 -40.28 -2.64
C ARG D 525 -2.54 -40.68 -1.21
N ASP D 526 -1.52 -40.92 -0.39
CA ASP D 526 -1.70 -41.17 1.04
C ASP D 526 -1.25 -39.94 1.80
N ARG D 527 -1.05 -40.07 3.11
CA ARG D 527 -0.65 -38.93 3.94
C ARG D 527 0.87 -38.71 3.98
N GLU D 528 1.62 -39.55 3.27
CA GLU D 528 3.08 -39.40 3.22
C GLU D 528 3.55 -39.09 1.80
N THR D 529 2.63 -38.59 0.97
CA THR D 529 2.92 -38.33 -0.44
C THR D 529 2.56 -36.91 -0.84
N LEU D 530 3.41 -36.32 -1.67
CA LEU D 530 3.19 -34.98 -2.19
C LEU D 530 3.54 -34.94 -3.67
N LYS D 531 3.05 -33.93 -4.37
CA LYS D 531 3.22 -33.85 -5.81
C LYS D 531 3.53 -32.43 -6.29
N PHE D 532 4.10 -32.33 -7.48
CA PHE D 532 4.40 -31.04 -8.10
C PHE D 532 4.43 -31.15 -9.62
N VAL D 533 4.36 -29.99 -10.28
CA VAL D 533 4.47 -29.90 -11.72
C VAL D 533 5.79 -29.25 -12.06
N LYS D 534 6.70 -30.01 -12.65
CA LYS D 534 8.06 -29.53 -12.84
C LYS D 534 8.14 -28.34 -13.79
N HIS D 535 9.03 -27.42 -13.44
CA HIS D 535 9.29 -26.22 -14.23
C HIS D 535 9.41 -26.55 -15.71
N ILE D 536 8.56 -25.92 -16.51
CA ILE D 536 8.65 -26.02 -17.96
C ILE D 536 9.74 -25.09 -18.48
N ASN D 537 10.76 -25.67 -19.11
CA ASN D 537 11.92 -24.92 -19.57
C ASN D 537 11.81 -24.56 -21.05
N HIS D 538 12.87 -23.95 -21.58
CA HIS D 538 12.86 -23.36 -22.91
C HIS D 538 13.08 -24.33 -24.06
N ARG D 539 13.38 -25.59 -23.75
CA ARG D 539 13.34 -26.62 -24.78
C ARG D 539 11.90 -26.78 -25.26
N SER D 540 10.96 -26.34 -24.44
CA SER D 540 9.53 -26.47 -24.76
C SER D 540 9.16 -25.68 -26.01
N LEU D 541 10.03 -24.75 -26.41
CA LEU D 541 9.79 -23.94 -27.60
C LEU D 541 9.97 -24.74 -28.88
N GLU D 542 10.56 -25.94 -28.77
CA GLU D 542 10.72 -26.82 -29.91
C GLU D 542 9.36 -27.41 -30.34
N GLN D 543 8.33 -27.15 -29.55
CA GLN D 543 6.98 -27.58 -29.88
C GLN D 543 6.40 -26.70 -30.98
N LYS D 544 6.88 -25.46 -31.06
CA LYS D 544 6.48 -24.51 -32.09
C LYS D 544 7.01 -24.91 -33.46
N LYS D 545 8.03 -25.75 -33.48
CA LYS D 545 8.65 -26.16 -34.73
C LYS D 545 7.71 -27.07 -35.53
N THR D 546 6.80 -27.74 -34.81
CA THR D 546 5.81 -28.59 -35.43
C THR D 546 4.43 -27.90 -35.47
N PHE D 547 4.10 -27.25 -34.35
CA PHE D 547 2.83 -26.54 -34.21
C PHE D 547 3.09 -25.12 -33.68
N PRO D 548 3.39 -24.18 -34.58
CA PRO D 548 3.88 -22.84 -34.19
C PRO D 548 2.85 -21.99 -33.42
N ASN D 549 1.56 -22.30 -33.59
CA ASN D 549 0.50 -21.55 -32.94
C ASN D 549 0.09 -22.15 -31.59
N ARG D 550 0.80 -23.19 -31.17
CA ARG D 550 0.55 -23.84 -29.88
C ARG D 550 1.50 -23.30 -28.82
N THR D 551 0.94 -22.84 -27.72
CA THR D 551 1.72 -22.33 -26.59
C THR D 551 1.57 -23.28 -25.40
N GLY D 552 2.11 -24.48 -25.54
CA GLY D 552 2.19 -25.42 -24.44
C GLY D 552 1.06 -26.43 -24.47
N PHE D 553 0.32 -26.53 -23.36
CA PHE D 553 -0.84 -27.42 -23.28
C PHE D 553 -1.77 -27.05 -22.11
N TRP D 554 -2.99 -27.59 -22.14
CA TRP D 554 -3.95 -27.42 -21.05
C TRP D 554 -4.22 -28.75 -20.39
N ASP D 555 -4.89 -28.70 -19.24
CA ASP D 555 -5.39 -29.93 -18.63
C ASP D 555 -6.54 -29.64 -17.68
N PHE D 556 -7.42 -30.63 -17.50
CA PHE D 556 -8.41 -30.59 -16.44
C PHE D 556 -7.80 -31.29 -15.25
N SER D 557 -7.89 -30.66 -14.08
CA SER D 557 -7.27 -31.21 -12.88
C SER D 557 -8.28 -31.26 -11.74
N PHE D 558 -8.60 -32.48 -11.32
CA PHE D 558 -9.61 -32.72 -10.31
C PHE D 558 -9.05 -33.59 -9.21
N ILE D 559 -9.54 -33.38 -8.00
CA ILE D 559 -9.14 -34.16 -6.85
C ILE D 559 -10.42 -34.62 -6.18
N TYR D 560 -10.47 -35.91 -5.84
CA TYR D 560 -11.64 -36.49 -5.22
C TYR D 560 -11.27 -36.98 -3.84
N TYR D 561 -12.24 -36.95 -2.93
CA TYR D 561 -12.04 -37.36 -1.55
C TYR D 561 -13.19 -38.26 -1.11
N GLU D 562 -12.87 -39.39 -0.49
CA GLU D 562 -13.89 -40.27 0.08
C GLU D 562 -14.60 -39.56 1.23
MN MN E . -30.76 -3.74 3.72
C1 GOL F . -31.21 0.05 -1.11
O1 GOL F . -30.56 -1.12 -1.53
C2 GOL F . -31.41 0.04 0.40
O2 GOL F . -30.54 -0.88 1.01
C3 GOL F . -31.14 1.42 1.00
O3 GOL F . -31.71 1.47 2.29
O42 PD2 G . -27.36 -7.77 -1.26
C41 PD2 G . -27.17 -7.85 -0.01
O41 PD2 G . -26.36 -8.68 0.51
C4 PD2 G . -27.97 -6.95 0.92
C5 PD2 G . -27.97 -7.23 2.25
C6 PD2 G . -28.69 -6.43 3.12
C3 PD2 G . -28.66 -5.87 0.44
C2 PD2 G . -29.38 -5.08 1.33
N1 PD2 G . -29.38 -5.36 2.66
C21 PD2 G . -30.17 -3.89 0.84
O21 PD2 G . -30.81 -3.19 1.68
O22 PD2 G . -30.21 -3.62 -0.40
MN MN H . 2.51 -6.43 29.30
C1 GOL I . 7.36 -5.64 32.83
O1 GOL I . 7.82 -6.29 31.67
C2 GOL I . 5.91 -6.04 33.06
O2 GOL I . 5.45 -6.74 31.93
C3 GOL I . 5.74 -6.91 34.31
O3 GOL I . 5.33 -6.09 35.38
O42 PD2 J . -2.35 -5.53 34.40
C41 PD2 J . -2.48 -5.14 33.20
O41 PD2 J . -3.55 -4.61 32.80
C4 PD2 J . -1.33 -5.33 32.22
C5 PD2 J . -1.48 -4.96 30.91
C6 PD2 J . -0.43 -5.12 30.01
C3 PD2 J . -0.14 -5.86 32.63
C2 PD2 J . 0.91 -6.00 31.73
N1 PD2 J . 0.75 -5.64 30.42
C21 PD2 J . 2.24 -6.59 32.17
O21 PD2 J . 2.46 -6.84 33.38
O22 PD2 J . 3.11 -6.84 31.30
MN MN K . 13.05 19.56 -20.62
O42 PD2 L . 9.53 25.13 -17.54
C41 PD2 L . 9.51 23.94 -17.08
O41 PD2 L . 8.87 23.64 -16.04
C4 PD2 L . 10.28 22.86 -17.77
C5 PD2 L . 10.52 21.69 -17.11
C6 PD2 L . 11.23 20.66 -17.74
C3 PD2 L . 10.74 23.02 -19.05
C2 PD2 L . 11.44 22.00 -19.66
N1 PD2 L . 11.69 20.83 -19.01
C21 PD2 L . 11.96 22.21 -21.05
O21 PD2 L . 11.75 23.30 -21.63
O22 PD2 L . 12.62 21.27 -21.61
MN MN M . 19.48 -19.60 -2.09
C1 GOL N . 19.98 -25.55 -1.68
O1 GOL N . 20.90 -25.53 -2.75
C2 GOL N . 19.19 -24.23 -1.63
O2 GOL N . 19.08 -23.68 -2.91
C3 GOL N . 17.79 -24.46 -1.07
O3 GOL N . 17.87 -24.71 0.31
O42 PD2 O . 24.26 -19.72 -7.68
C41 PD2 O . 23.60 -18.71 -7.29
O41 PD2 O . 23.73 -17.59 -7.84
C4 PD2 O . 22.60 -18.83 -6.16
C5 PD2 O . 21.84 -17.75 -5.83
C6 PD2 O . 20.91 -17.85 -4.80
C3 PD2 O . 22.45 -20.01 -5.46
C2 PD2 O . 21.51 -20.09 -4.44
N1 PD2 O . 20.75 -19.02 -4.12
C21 PD2 O . 21.36 -21.40 -3.70
O21 PD2 O . 21.82 -22.46 -4.19
O22 PD2 O . 20.78 -21.42 -2.58
#